data_5ZRE
#
_entry.id   5ZRE
#
_cell.length_a   109.781
_cell.length_b   72.175
_cell.length_c   117.409
_cell.angle_alpha   90.000
_cell.angle_beta   105.290
_cell.angle_gamma   90.000
#
_symmetry.space_group_name_H-M   'P 1 21 1'
#
loop_
_entity.id
_entity.type
_entity.pdbx_description
1 polymer Tyrosinase
2 non-polymer 'COPPER (II) ION'
3 non-polymer 'OXYGEN ATOM'
4 non-polymer GLYCEROL
5 water water
#
_entity_poly.entity_id   1
_entity_poly.type   'polypeptide(L)'
_entity_poly.pdbx_seq_one_letter_code
;MGSNVNAPRVRRSVRDLQKRYDNGEKKPLEDLVRAWVGIQALPPSDPKSFFALGGYHGEPFQYRKPVDALPQDDIYPYWG
GYCNHGNVLFPTWHRMYVYKLEEALQSIVPGVSMPFWDETDEYTLKHGIPSILTQEKFELDGKQIDNPLRSFVLPVALSD
RLPGDGNIYEKPKGYVTVRYPLSGLVGTPEALEQTKIHNAKFPLPEKNTELLNSNVRAWLKGDSPTPGDPDPTRNGVYAK
YVRCLSAPNYTVFSNTTSASVWNSSNPGLVTPVESPHNDIHLAVGGFDYGGDEIGQIAGANGDMGENNTAGMDPIFFFHH
CNVDRMFWVWQKQTGHTDRLDIIRNYPGTNASDSQGPTPGFAPGESLNLTTPLNPFKKASGEAYTSEDCINIERQLGFTY
GPGSLDDATPELKSLLAVPSGNSTKKLTVTGIDRAQIQGSFIMKAYASVTDANGKTREYYLGHKSILSRWNVVQCANCLT
HLDIVAHFPLSAMPADDVPKAKFRVEFIHRGGGVPSAAKAAIDKVSALQPKFEVSDKLAAALEHHHHHH
;
_entity_poly.pdbx_strand_id   A,B,C
#
loop_
_chem_comp.id
_chem_comp.type
_chem_comp.name
_chem_comp.formula
CU non-polymer 'COPPER (II) ION' 'Cu 2'
GOL non-polymer GLYCEROL 'C3 H8 O3'
O non-polymer 'OXYGEN ATOM' O
#
# COMPACT_ATOMS: atom_id res chain seq x y z
N ALA A 7 -9.06 -51.87 16.50
CA ALA A 7 -7.63 -51.40 16.46
C ALA A 7 -7.55 -49.99 17.05
N PRO A 8 -7.33 -49.91 18.37
CA PRO A 8 -7.23 -48.61 19.01
C PRO A 8 -5.94 -47.90 18.58
N ARG A 9 -5.97 -46.56 18.46
CA ARG A 9 -4.75 -45.75 18.32
C ARG A 9 -3.95 -45.80 19.62
N VAL A 10 -2.67 -45.43 19.54
CA VAL A 10 -1.79 -45.54 20.69
C VAL A 10 -1.16 -44.17 20.97
N ARG A 11 -1.57 -43.58 22.07
CA ARG A 11 -0.89 -42.44 22.66
C ARG A 11 0.44 -42.90 23.22
N ARG A 12 1.53 -42.34 22.68
CA ARG A 12 2.89 -42.67 23.09
C ARG A 12 3.46 -41.47 23.87
N SER A 13 4.45 -41.73 24.73
CA SER A 13 5.32 -40.74 25.36
C SER A 13 5.96 -39.81 24.30
N VAL A 14 6.16 -38.53 24.60
CA VAL A 14 6.72 -37.57 23.63
C VAL A 14 8.22 -37.83 23.43
N ARG A 15 8.89 -38.33 24.48
CA ARG A 15 10.32 -38.66 24.39
C ARG A 15 10.43 -39.86 23.45
N ASP A 16 9.40 -40.70 23.31
CA ASP A 16 9.36 -41.74 22.24
C ASP A 16 9.37 -41.15 20.85
N LEU A 17 8.53 -40.15 20.58
CA LEU A 17 8.53 -39.49 19.24
C LEU A 17 9.87 -38.79 18.98
N GLN A 18 10.55 -38.37 20.06
CA GLN A 18 11.84 -37.70 19.98
C GLN A 18 12.95 -38.72 19.70
N LYS A 19 12.89 -39.90 20.35
CA LYS A 19 13.84 -40.97 20.05
C LYS A 19 13.71 -41.36 18.55
N ARG A 20 12.52 -41.23 17.97
CA ARG A 20 12.34 -41.50 16.52
C ARG A 20 13.00 -40.38 15.69
N TYR A 21 12.96 -39.12 16.16
CA TYR A 21 13.56 -37.98 15.42
C TYR A 21 15.08 -38.14 15.39
N ASP A 22 15.65 -38.46 16.55
CA ASP A 22 17.09 -38.72 16.69
C ASP A 22 17.65 -39.90 15.84
N ASN A 23 16.79 -40.68 15.19
CA ASN A 23 17.19 -41.81 14.32
C ASN A 23 16.71 -41.54 12.88
N GLY A 24 16.36 -40.31 12.57
CA GLY A 24 16.03 -39.95 11.20
C GLY A 24 14.59 -40.21 10.83
N GLU A 25 13.79 -40.81 11.71
CA GLU A 25 12.34 -41.02 11.40
C GLU A 25 11.56 -39.82 11.97
N LYS A 26 11.25 -38.88 11.08
CA LYS A 26 10.90 -37.57 11.50
C LYS A 26 9.39 -37.38 11.51
N LYS A 27 8.67 -38.07 10.63
CA LYS A 27 7.25 -37.76 10.36
C LYS A 27 6.38 -37.81 11.63
N PRO A 28 6.66 -38.70 12.60
CA PRO A 28 5.76 -38.71 13.75
C PRO A 28 5.67 -37.35 14.47
N LEU A 29 6.82 -36.81 14.87
CA LEU A 29 6.93 -35.50 15.49
C LEU A 29 6.44 -34.40 14.56
N GLU A 30 6.88 -34.43 13.30
CA GLU A 30 6.54 -33.39 12.31
C GLU A 30 5.03 -33.34 12.08
N ASP A 31 4.38 -34.49 12.10
CA ASP A 31 2.94 -34.57 11.93
C ASP A 31 2.23 -33.91 13.09
N LEU A 32 2.74 -34.17 14.28
CA LEU A 32 2.15 -33.67 15.45
C LEU A 32 2.27 -32.15 15.44
N VAL A 33 3.48 -31.66 15.17
CA VAL A 33 3.70 -30.20 15.13
C VAL A 33 2.83 -29.55 14.03
N ARG A 34 2.77 -30.20 12.89
CA ARG A 34 1.99 -29.68 11.80
C ARG A 34 0.56 -29.45 12.29
N ALA A 35 0.03 -30.42 13.04
CA ALA A 35 -1.38 -30.41 13.49
C ALA A 35 -1.63 -29.25 14.47
N TRP A 36 -0.62 -29.01 15.32
CA TRP A 36 -0.64 -27.96 16.32
C TRP A 36 -0.52 -26.59 15.64
N VAL A 37 0.40 -26.46 14.67
CA VAL A 37 0.40 -25.26 13.80
C VAL A 37 -1.00 -25.13 13.19
N GLY A 38 -1.56 -26.25 12.78
CA GLY A 38 -2.95 -26.25 12.25
C GLY A 38 -3.94 -25.63 13.24
N ILE A 39 -3.98 -26.21 14.43
CA ILE A 39 -5.09 -25.96 15.33
C ILE A 39 -4.94 -24.56 15.95
N GLN A 40 -3.69 -24.06 16.03
CA GLN A 40 -3.41 -22.75 16.54
C GLN A 40 -3.74 -21.65 15.51
N ALA A 41 -3.92 -22.00 14.24
CA ALA A 41 -4.09 -21.03 13.17
C ALA A 41 -5.57 -20.84 12.86
N LEU A 42 -6.41 -21.79 13.23
CA LEU A 42 -7.82 -21.68 12.91
C LEU A 42 -8.40 -20.40 13.56
N PRO A 43 -9.36 -19.76 12.89
CA PRO A 43 -9.88 -18.54 13.51
C PRO A 43 -10.51 -18.86 14.87
N PRO A 44 -10.65 -17.88 15.76
CA PRO A 44 -11.16 -18.12 17.13
C PRO A 44 -12.61 -18.64 17.19
N SER A 45 -13.41 -18.33 16.18
CA SER A 45 -14.80 -18.82 16.13
C SER A 45 -14.88 -20.31 15.76
N ASP A 46 -13.79 -20.91 15.25
CA ASP A 46 -13.81 -22.36 15.02
C ASP A 46 -13.72 -23.13 16.38
N PRO A 47 -14.70 -24.02 16.66
CA PRO A 47 -14.73 -24.79 17.91
C PRO A 47 -13.60 -25.83 17.97
N LYS A 48 -12.90 -26.00 16.86
CA LYS A 48 -11.74 -26.82 16.83
C LYS A 48 -10.47 -25.94 16.92
N SER A 49 -10.60 -24.62 17.00
CA SER A 49 -9.38 -23.79 17.14
C SER A 49 -8.72 -24.06 18.50
N PHE A 50 -7.40 -23.88 18.57
CA PHE A 50 -6.74 -24.00 19.86
C PHE A 50 -7.28 -22.96 20.83
N PHE A 51 -7.54 -21.74 20.32
CA PHE A 51 -8.09 -20.69 21.13
C PHE A 51 -9.42 -21.14 21.72
N ALA A 52 -10.37 -21.47 20.87
CA ALA A 52 -11.68 -21.91 21.41
C ALA A 52 -11.48 -23.02 22.44
N LEU A 53 -10.70 -24.05 22.10
CA LEU A 53 -10.55 -25.25 22.98
C LEU A 53 -9.98 -24.86 24.34
N GLY A 54 -8.89 -24.12 24.36
CA GLY A 54 -8.25 -23.77 25.62
C GLY A 54 -9.11 -22.83 26.46
N GLY A 55 -9.92 -22.03 25.77
CA GLY A 55 -10.84 -21.10 26.38
C GLY A 55 -11.93 -21.77 27.21
N TYR A 56 -12.36 -22.98 26.83
CA TYR A 56 -13.38 -23.74 27.57
C TYR A 56 -13.03 -23.89 29.06
N HIS A 57 -11.77 -23.74 29.40
CA HIS A 57 -11.27 -24.15 30.69
C HIS A 57 -11.12 -22.96 31.67
N GLY A 58 -11.37 -21.74 31.23
CA GLY A 58 -11.02 -20.53 32.00
C GLY A 58 -11.88 -20.33 33.24
N TYR A 82 -17.37 -24.03 32.77
CA TYR A 82 -17.62 -25.46 32.38
C TYR A 82 -16.89 -26.47 33.28
N CYS A 83 -15.58 -26.31 33.38
CA CYS A 83 -14.74 -27.42 33.80
C CYS A 83 -15.08 -27.85 35.23
N ASN A 84 -14.39 -28.90 35.67
CA ASN A 84 -14.67 -29.55 36.94
C ASN A 84 -13.37 -29.76 37.70
N HIS A 85 -13.23 -29.10 38.82
CA HIS A 85 -12.17 -29.38 39.77
C HIS A 85 -12.80 -29.62 41.15
N GLY A 86 -12.11 -30.36 41.97
CA GLY A 86 -12.59 -30.59 43.35
C GLY A 86 -13.92 -31.32 43.37
N ASN A 87 -14.17 -32.19 42.42
CA ASN A 87 -15.38 -33.01 42.41
C ASN A 87 -15.16 -34.30 41.60
N VAL A 88 -16.17 -35.17 41.53
CA VAL A 88 -15.95 -36.52 41.05
C VAL A 88 -15.94 -36.58 39.52
N LEU A 89 -16.20 -35.46 38.85
CA LEU A 89 -16.10 -35.44 37.41
C LEU A 89 -14.75 -34.87 36.97
N PHE A 90 -13.86 -34.53 37.92
CA PHE A 90 -12.57 -33.98 37.50
C PHE A 90 -11.94 -34.92 36.47
N PRO A 91 -11.87 -36.24 36.75
CA PRO A 91 -11.04 -37.03 35.84
C PRO A 91 -11.66 -37.29 34.46
N THR A 92 -12.97 -37.50 34.39
CA THR A 92 -13.67 -37.89 33.13
C THR A 92 -13.97 -36.67 32.28
N TRP A 93 -14.24 -35.54 32.94
CA TRP A 93 -14.34 -34.26 32.22
C TRP A 93 -13.00 -33.99 31.54
N HIS A 94 -11.88 -34.11 32.27
CA HIS A 94 -10.56 -33.88 31.64
C HIS A 94 -10.21 -34.98 30.63
N ARG A 95 -10.65 -36.21 30.84
CA ARG A 95 -10.39 -37.24 29.83
C ARG A 95 -11.06 -36.78 28.51
N MET A 96 -12.30 -36.31 28.57
CA MET A 96 -13.00 -36.00 27.36
C MET A 96 -12.39 -34.75 26.75
N TYR A 97 -11.87 -33.89 27.60
CA TYR A 97 -11.24 -32.61 27.18
C TYR A 97 -10.07 -32.91 26.26
N VAL A 98 -9.14 -33.73 26.72
CA VAL A 98 -7.98 -34.13 25.88
C VAL A 98 -8.47 -34.77 24.58
N TYR A 99 -9.50 -35.61 24.67
CA TYR A 99 -10.05 -36.30 23.48
C TYR A 99 -10.53 -35.29 22.44
N LYS A 100 -11.15 -34.20 22.87
CA LYS A 100 -11.58 -33.19 21.89
C LYS A 100 -10.37 -32.44 21.31
N LEU A 101 -9.37 -32.16 22.11
CA LEU A 101 -8.16 -31.51 21.56
C LEU A 101 -7.62 -32.40 20.42
N GLU A 102 -7.63 -33.70 20.67
CA GLU A 102 -7.06 -34.69 19.75
C GLU A 102 -7.96 -34.81 18.50
N GLU A 103 -9.28 -34.80 18.65
CA GLU A 103 -10.21 -34.66 17.49
C GLU A 103 -9.83 -33.45 16.63
N ALA A 104 -9.60 -32.30 17.26
CA ALA A 104 -9.35 -31.09 16.54
C ALA A 104 -8.02 -31.18 15.79
N LEU A 105 -6.96 -31.67 16.44
CA LEU A 105 -5.69 -32.02 15.78
C LEU A 105 -5.91 -32.97 14.59
N GLN A 106 -6.85 -33.92 14.67
CA GLN A 106 -7.14 -34.85 13.57
C GLN A 106 -7.83 -34.18 12.38
N SER A 107 -8.50 -33.05 12.59
CA SER A 107 -9.13 -32.31 11.48
C SER A 107 -8.06 -31.71 10.57
N ILE A 108 -6.79 -31.81 10.98
CA ILE A 108 -5.63 -31.19 10.31
C ILE A 108 -4.71 -32.29 9.77
N VAL A 109 -4.37 -33.26 10.60
CA VAL A 109 -3.56 -34.43 10.20
C VAL A 109 -4.33 -35.69 10.60
N PRO A 110 -4.92 -36.41 9.63
CA PRO A 110 -5.79 -37.54 10.01
C PRO A 110 -5.00 -38.60 10.79
N GLY A 111 -5.63 -39.16 11.83
CA GLY A 111 -5.14 -40.38 12.52
C GLY A 111 -4.06 -40.11 13.57
N VAL A 112 -3.83 -38.84 13.88
CA VAL A 112 -2.74 -38.41 14.77
C VAL A 112 -3.17 -38.63 16.22
N SER A 113 -2.20 -38.89 17.07
CA SER A 113 -2.49 -39.10 18.47
C SER A 113 -1.70 -38.14 19.35
N MET A 114 -2.41 -37.67 20.37
CA MET A 114 -1.89 -36.76 21.34
C MET A 114 -0.90 -37.50 22.28
N PRO A 115 0.37 -37.11 22.26
CA PRO A 115 1.30 -37.84 23.10
C PRO A 115 1.20 -37.37 24.55
N PHE A 116 1.67 -38.18 25.48
CA PHE A 116 1.64 -37.79 26.85
C PHE A 116 3.03 -37.36 27.33
N TRP A 117 3.13 -36.35 28.16
CA TRP A 117 4.42 -36.11 28.84
C TRP A 117 4.53 -37.05 30.05
N ASP A 118 5.40 -38.03 30.00
CA ASP A 118 5.60 -38.97 31.13
C ASP A 118 6.40 -38.29 32.24
N GLU A 119 5.74 -37.80 33.27
CA GLU A 119 6.38 -36.88 34.23
C GLU A 119 7.05 -37.70 35.34
N THR A 120 6.79 -39.03 35.39
CA THR A 120 7.38 -39.87 36.44
C THR A 120 8.46 -40.77 35.84
N ASP A 121 8.71 -40.70 34.51
CA ASP A 121 9.77 -41.50 33.85
C ASP A 121 11.16 -41.03 34.31
N GLU A 122 12.17 -41.77 33.88
CA GLU A 122 13.53 -41.61 34.43
C GLU A 122 14.18 -40.36 33.82
N TYR A 123 14.04 -40.18 32.51
CA TYR A 123 14.46 -38.94 31.87
C TYR A 123 13.92 -37.68 32.59
N THR A 124 12.65 -37.63 32.97
CA THR A 124 12.14 -36.40 33.59
C THR A 124 12.72 -36.23 35.00
N LEU A 125 12.88 -37.31 35.76
CA LEU A 125 13.43 -37.10 37.12
C LEU A 125 14.85 -36.54 37.00
N LYS A 126 15.55 -36.94 35.94
CA LYS A 126 16.96 -36.65 35.82
C LYS A 126 17.19 -35.41 34.97
N HIS A 127 16.31 -35.08 34.02
CA HIS A 127 16.54 -33.90 33.15
C HIS A 127 15.29 -33.01 33.00
N GLY A 128 14.14 -33.40 33.51
CA GLY A 128 12.96 -32.56 33.40
C GLY A 128 12.28 -32.71 32.05
N ILE A 129 11.87 -31.57 31.48
CA ILE A 129 10.86 -31.53 30.44
C ILE A 129 11.48 -31.90 29.09
N PRO A 130 10.83 -32.81 28.36
CA PRO A 130 11.30 -33.13 27.01
C PRO A 130 11.45 -31.88 26.12
N SER A 131 12.62 -31.74 25.52
CA SER A 131 13.05 -30.48 24.96
C SER A 131 12.14 -30.05 23.80
N ILE A 132 11.47 -30.97 23.16
CA ILE A 132 10.50 -30.62 22.10
C ILE A 132 9.39 -29.73 22.68
N LEU A 133 9.13 -29.84 23.98
CA LEU A 133 8.09 -28.99 24.54
C LEU A 133 8.68 -27.62 24.90
N THR A 134 10.01 -27.48 24.92
CA THR A 134 10.61 -26.24 25.40
C THR A 134 11.51 -25.58 24.35
N GLN A 135 11.77 -26.21 23.21
CA GLN A 135 12.61 -25.65 22.15
C GLN A 135 11.97 -24.40 21.57
N GLU A 136 12.80 -23.42 21.23
CA GLU A 136 12.33 -22.19 20.58
C GLU A 136 11.78 -22.46 19.18
N LYS A 137 12.52 -23.14 18.34
CA LYS A 137 12.17 -23.24 16.91
C LYS A 137 11.98 -24.71 16.49
N PHE A 138 11.53 -24.92 15.27
CA PHE A 138 11.38 -26.30 14.78
C PHE A 138 11.49 -26.34 13.25
N GLU A 139 12.19 -27.36 12.75
CA GLU A 139 12.43 -27.57 11.30
C GLU A 139 11.20 -28.23 10.67
N LEU A 140 10.37 -27.44 9.97
CA LEU A 140 9.14 -27.98 9.33
C LEU A 140 9.03 -27.53 7.86
N ASP A 141 9.04 -28.53 6.97
CA ASP A 141 9.24 -28.40 5.51
C ASP A 141 10.60 -27.71 5.29
N GLY A 142 10.69 -26.67 4.47
CA GLY A 142 11.95 -25.94 4.37
C GLY A 142 12.21 -25.07 5.59
N LYS A 143 11.14 -24.73 6.29
CA LYS A 143 11.07 -23.53 7.13
C LYS A 143 11.46 -23.88 8.59
N GLN A 144 12.30 -23.03 9.17
CA GLN A 144 12.47 -22.94 10.62
C GLN A 144 11.28 -22.13 11.14
N ILE A 145 10.33 -22.73 11.86
CA ILE A 145 9.14 -21.99 12.42
C ILE A 145 9.26 -21.89 13.94
N ASP A 146 8.48 -21.02 14.55
CA ASP A 146 8.41 -21.03 16.03
C ASP A 146 7.69 -22.31 16.52
N ASN A 147 8.23 -22.89 17.58
CA ASN A 147 7.68 -24.09 18.17
C ASN A 147 6.26 -23.80 18.68
N PRO A 148 5.24 -24.48 18.14
CA PRO A 148 3.88 -24.22 18.66
C PRO A 148 3.57 -24.96 19.98
N LEU A 149 4.49 -25.80 20.45
CA LEU A 149 4.29 -26.51 21.72
C LEU A 149 4.90 -25.73 22.88
N ARG A 150 5.66 -24.70 22.58
CA ARG A 150 6.38 -23.92 23.57
C ARG A 150 5.45 -22.83 24.15
N SER A 151 4.59 -22.26 23.30
CA SER A 151 3.70 -21.18 23.70
C SER A 151 2.62 -20.96 22.64
N PHE A 152 1.66 -20.11 22.99
CA PHE A 152 0.60 -19.75 22.09
C PHE A 152 0.50 -18.22 22.07
N VAL A 153 0.24 -17.63 20.91
CA VAL A 153 -0.02 -16.20 20.80
C VAL A 153 -1.54 -15.99 20.72
N LEU A 154 -2.11 -15.20 21.63
CA LEU A 154 -3.58 -15.08 21.64
C LEU A 154 -4.05 -14.34 20.39
N PRO A 155 -4.95 -14.95 19.64
CA PRO A 155 -5.47 -14.24 18.45
C PRO A 155 -6.40 -13.07 18.83
N VAL A 156 -7.12 -13.16 19.94
CA VAL A 156 -7.99 -12.06 20.41
C VAL A 156 -7.80 -11.92 21.93
N ALA A 157 -8.34 -10.84 22.54
CA ALA A 157 -8.05 -10.51 23.95
C ALA A 157 -8.98 -11.29 24.89
N LEU A 158 -8.49 -11.55 26.12
CA LEU A 158 -9.29 -12.12 27.18
C LEU A 158 -9.53 -11.02 28.22
N SER A 159 -10.67 -10.36 28.12
CA SER A 159 -11.06 -9.28 29.04
C SER A 159 -12.55 -9.40 29.33
N ASP A 160 -13.05 -8.50 30.18
CA ASP A 160 -14.49 -8.24 30.28
C ASP A 160 -14.91 -6.88 29.64
N ARG A 161 -14.10 -5.83 29.72
CA ARG A 161 -14.57 -4.45 29.42
C ARG A 161 -13.45 -3.66 28.71
N ASN A 167 -8.18 -5.26 35.71
CA ASN A 167 -8.11 -6.67 36.27
C ASN A 167 -6.81 -7.38 35.86
N ILE A 168 -5.95 -7.73 36.82
CA ILE A 168 -4.52 -8.22 36.57
C ILE A 168 -4.49 -9.53 35.77
N TYR A 169 -5.54 -10.34 35.77
CA TYR A 169 -5.54 -11.67 35.13
C TYR A 169 -5.94 -11.58 33.67
N GLU A 170 -6.33 -10.40 33.20
CA GLU A 170 -6.77 -10.24 31.82
C GLU A 170 -5.56 -10.13 30.90
N LYS A 171 -5.82 -10.36 29.62
CA LYS A 171 -4.80 -10.65 28.63
C LYS A 171 -5.13 -9.97 27.28
N PRO A 172 -4.13 -9.26 26.69
CA PRO A 172 -4.39 -8.48 25.47
C PRO A 172 -4.13 -9.36 24.24
N LYS A 173 -4.72 -8.99 23.11
CA LYS A 173 -4.44 -9.70 21.89
C LYS A 173 -2.92 -9.63 21.66
N GLY A 174 -2.33 -10.72 21.16
CA GLY A 174 -0.86 -10.78 20.96
C GLY A 174 -0.10 -11.29 22.19
N TYR A 175 -0.79 -11.57 23.29
CA TYR A 175 -0.11 -12.09 24.47
C TYR A 175 0.52 -13.45 24.12
N VAL A 176 1.72 -13.65 24.61
CA VAL A 176 2.37 -14.95 24.50
C VAL A 176 2.46 -15.61 25.89
N THR A 177 1.96 -16.86 25.97
CA THR A 177 2.02 -17.68 27.20
C THR A 177 3.47 -17.86 27.66
N VAL A 178 3.64 -18.02 28.97
CA VAL A 178 4.96 -18.01 29.62
C VAL A 178 4.93 -19.04 30.76
N ARG A 179 6.12 -19.51 31.09
CA ARG A 179 6.34 -20.46 32.11
C ARG A 179 7.37 -19.92 33.08
N TYR A 180 7.44 -20.57 34.23
CA TYR A 180 8.55 -20.40 35.16
C TYR A 180 9.87 -20.38 34.39
N PRO A 181 10.79 -19.44 34.64
CA PRO A 181 10.70 -18.40 35.67
C PRO A 181 10.07 -17.05 35.24
N LEU A 182 9.42 -16.97 34.10
CA LEU A 182 8.91 -15.67 33.65
C LEU A 182 7.53 -15.40 34.27
N SER A 183 7.05 -14.19 34.12
CA SER A 183 5.76 -13.82 34.57
C SER A 183 4.96 -13.28 33.40
N GLY A 184 3.62 -13.43 33.49
CA GLY A 184 2.68 -13.04 32.43
C GLY A 184 1.50 -12.24 32.95
N LEU A 185 1.56 -11.75 34.19
CA LEU A 185 0.56 -10.81 34.70
C LEU A 185 0.67 -9.47 33.96
N VAL A 186 -0.27 -9.17 33.05
CA VAL A 186 -0.13 -7.97 32.17
C VAL A 186 -1.44 -7.18 32.05
N GLY A 187 -2.40 -7.36 32.95
CA GLY A 187 -3.78 -6.80 32.81
C GLY A 187 -3.92 -5.35 33.29
N THR A 188 -2.93 -4.81 34.00
CA THR A 188 -2.96 -3.42 34.44
C THR A 188 -1.61 -2.79 34.14
N PRO A 189 -1.55 -1.47 34.05
CA PRO A 189 -0.25 -0.78 33.93
C PRO A 189 0.76 -1.23 34.99
N GLU A 190 0.29 -1.38 36.23
CA GLU A 190 1.22 -1.73 37.33
C GLU A 190 1.79 -3.14 37.12
N ALA A 191 0.89 -4.07 36.77
CA ALA A 191 1.26 -5.49 36.59
C ALA A 191 2.28 -5.62 35.47
N LEU A 192 1.96 -4.99 34.33
CA LEU A 192 2.83 -5.07 33.13
C LEU A 192 4.22 -4.53 33.44
N GLU A 193 4.31 -3.43 34.15
CA GLU A 193 5.60 -2.84 34.49
C GLU A 193 6.33 -3.83 35.42
N GLN A 194 5.66 -4.38 36.42
CA GLN A 194 6.35 -5.27 37.35
C GLN A 194 6.75 -6.55 36.61
N THR A 195 5.92 -6.93 35.65
CA THR A 195 6.21 -8.11 34.81
C THR A 195 7.49 -7.89 34.02
N LYS A 196 7.64 -6.70 33.44
CA LYS A 196 8.82 -6.34 32.63
C LYS A 196 10.06 -6.33 33.53
N ILE A 197 9.95 -5.75 34.70
CA ILE A 197 11.09 -5.68 35.58
C ILE A 197 11.48 -7.11 35.98
N HIS A 198 10.47 -7.97 36.15
CA HIS A 198 10.71 -9.36 36.52
C HIS A 198 11.38 -10.13 35.37
N ASN A 199 10.87 -9.98 34.16
CA ASN A 199 11.33 -10.83 33.04
C ASN A 199 12.72 -10.38 32.61
N ALA A 200 13.07 -9.15 32.92
CA ALA A 200 14.36 -8.59 32.46
C ALA A 200 15.51 -9.14 33.33
N LYS A 201 15.18 -9.79 34.46
CA LYS A 201 16.16 -10.58 35.24
C LYS A 201 16.50 -11.91 34.53
N PHE A 202 15.67 -12.37 33.59
CA PHE A 202 15.86 -13.68 32.94
C PHE A 202 15.81 -13.56 31.41
N PRO A 203 16.88 -13.01 30.79
CA PRO A 203 16.88 -12.68 29.34
C PRO A 203 17.22 -13.81 28.34
N LEU A 204 17.88 -14.88 28.80
CA LEU A 204 18.34 -15.96 27.89
C LEU A 204 17.38 -17.16 27.97
N PRO A 205 16.70 -17.49 26.88
CA PRO A 205 15.83 -18.69 26.84
C PRO A 205 16.50 -20.03 27.26
N GLU A 206 17.66 -20.35 26.72
CA GLU A 206 18.47 -21.53 27.13
C GLU A 206 18.58 -21.64 28.66
N LYS A 207 18.82 -20.53 29.33
CA LYS A 207 18.94 -20.47 30.80
C LYS A 207 17.56 -20.66 31.47
N ASN A 208 16.55 -19.91 31.01
CA ASN A 208 15.20 -20.05 31.55
C ASN A 208 14.79 -21.52 31.52
N THR A 209 15.02 -22.16 30.39
CA THR A 209 14.74 -23.60 30.25
C THR A 209 15.51 -24.43 31.29
N GLU A 210 16.77 -24.11 31.59
CA GLU A 210 17.53 -24.87 32.59
C GLU A 210 16.86 -24.77 33.97
N LEU A 211 16.45 -23.56 34.35
CA LEU A 211 15.87 -23.29 35.67
C LEU A 211 14.50 -23.96 35.79
N LEU A 212 13.72 -23.93 34.72
CA LEU A 212 12.44 -24.66 34.63
C LEU A 212 12.67 -26.16 34.86
N ASN A 213 13.62 -26.73 34.11
CA ASN A 213 13.92 -28.18 34.20
C ASN A 213 14.35 -28.52 35.63
N SER A 214 15.09 -27.59 36.20
CA SER A 214 15.59 -27.73 37.57
C SER A 214 14.44 -27.58 38.60
N ASN A 215 13.49 -26.67 38.36
CA ASN A 215 12.35 -26.56 39.30
C ASN A 215 11.47 -27.82 39.14
N VAL A 216 11.30 -28.33 37.92
CA VAL A 216 10.50 -29.54 37.74
C VAL A 216 11.11 -30.74 38.46
N ARG A 217 12.41 -31.02 38.27
CA ARG A 217 13.06 -32.16 38.95
C ARG A 217 12.96 -32.03 40.47
N ALA A 218 12.97 -30.83 41.03
CA ALA A 218 12.96 -30.65 42.51
C ALA A 218 11.58 -30.97 43.08
N TRP A 219 10.54 -30.44 42.47
CA TRP A 219 9.16 -30.91 42.79
C TRP A 219 9.08 -32.43 42.77
N LEU A 220 9.54 -33.04 41.67
CA LEU A 220 9.40 -34.51 41.52
C LEU A 220 10.10 -35.28 42.66
N LYS A 221 11.34 -34.91 42.94
CA LYS A 221 12.11 -35.52 44.00
C LYS A 221 11.53 -35.16 45.38
N GLY A 222 11.15 -33.91 45.59
CA GLY A 222 10.69 -33.55 46.93
C GLY A 222 11.83 -33.06 47.82
N ASP A 223 12.96 -32.72 47.20
CA ASP A 223 14.09 -32.07 47.88
C ASP A 223 15.03 -31.48 46.78
N SER A 224 16.28 -31.12 47.14
CA SER A 224 17.27 -30.67 46.15
C SER A 224 17.62 -31.83 45.21
N PRO A 225 17.52 -31.62 43.87
CA PRO A 225 17.77 -32.71 42.88
C PRO A 225 19.15 -33.38 43.00
N PRO A 230 18.49 -40.38 40.90
CA PRO A 230 17.29 -39.54 41.02
C PRO A 230 16.90 -39.34 42.49
N ASP A 231 16.92 -40.44 43.25
CA ASP A 231 16.85 -40.41 44.73
C ASP A 231 15.47 -39.91 45.27
N PRO A 232 14.33 -40.30 44.68
CA PRO A 232 13.06 -39.70 45.12
C PRO A 232 12.73 -39.97 46.59
N THR A 233 12.14 -38.97 47.22
CA THR A 233 11.68 -39.01 48.62
C THR A 233 10.15 -39.22 48.68
N ARG A 234 9.67 -39.42 49.90
CA ARG A 234 8.27 -39.73 50.15
C ARG A 234 7.40 -38.47 49.95
N ASN A 235 8.01 -37.29 49.83
CA ASN A 235 7.28 -36.02 49.86
C ASN A 235 7.01 -35.45 48.46
N GLY A 236 7.74 -35.85 47.43
CA GLY A 236 7.61 -35.15 46.15
C GLY A 236 6.42 -35.62 45.30
N VAL A 237 6.38 -35.03 44.14
CA VAL A 237 5.35 -35.35 43.19
C VAL A 237 5.45 -36.82 42.79
N TYR A 238 6.65 -37.39 42.67
CA TYR A 238 6.79 -38.81 42.29
C TYR A 238 5.99 -39.71 43.24
N ALA A 239 6.24 -39.57 44.54
CA ALA A 239 5.54 -40.30 45.62
C ALA A 239 4.02 -40.04 45.56
N LYS A 240 3.61 -38.79 45.34
CA LYS A 240 2.16 -38.49 45.28
C LYS A 240 1.53 -39.27 44.11
N TYR A 241 2.19 -39.33 42.95
CA TYR A 241 1.66 -40.10 41.83
C TYR A 241 1.57 -41.59 42.20
N VAL A 242 2.61 -42.13 42.80
CA VAL A 242 2.66 -43.55 43.19
C VAL A 242 1.53 -43.85 44.19
N ARG A 243 1.25 -42.94 45.10
CA ARG A 243 0.25 -43.17 46.14
C ARG A 243 -1.17 -43.10 45.54
N CYS A 244 -1.43 -42.29 44.51
CA CYS A 244 -2.80 -42.10 44.04
C CYS A 244 -3.27 -43.41 43.39
N LEU A 245 -2.31 -44.20 42.84
CA LEU A 245 -2.65 -45.49 42.24
C LEU A 245 -3.15 -46.48 43.31
N SER A 246 -2.83 -46.25 44.58
CA SER A 246 -3.33 -47.05 45.73
C SER A 246 -4.71 -46.56 46.20
N ALA A 247 -5.37 -45.67 45.47
CA ALA A 247 -6.62 -45.13 45.98
C ALA A 247 -7.68 -46.23 46.01
N PRO A 248 -8.40 -46.34 47.12
CA PRO A 248 -9.29 -47.47 47.25
C PRO A 248 -10.55 -47.42 46.36
N ASN A 249 -11.10 -46.27 46.04
CA ASN A 249 -12.32 -46.24 45.20
C ASN A 249 -12.18 -45.06 44.24
N TYR A 250 -13.10 -44.95 43.28
CA TYR A 250 -13.01 -43.92 42.30
C TYR A 250 -13.18 -42.54 42.95
N THR A 251 -14.10 -42.45 43.89
CA THR A 251 -14.51 -41.21 44.54
C THR A 251 -13.31 -40.52 45.19
N VAL A 252 -12.47 -41.27 45.92
CA VAL A 252 -11.37 -40.63 46.63
C VAL A 252 -10.18 -40.46 45.69
N PHE A 253 -10.14 -41.27 44.63
CA PHE A 253 -9.18 -41.09 43.54
C PHE A 253 -9.49 -39.79 42.77
N SER A 254 -10.74 -39.54 42.51
CA SER A 254 -11.18 -38.53 41.54
C SER A 254 -10.71 -37.13 41.95
N ASN A 255 -10.64 -36.80 43.24
CA ASN A 255 -10.56 -35.35 43.57
C ASN A 255 -10.16 -35.07 45.03
N THR A 256 -9.71 -33.84 45.25
CA THR A 256 -9.18 -33.41 46.56
C THR A 256 -10.28 -33.11 47.57
N THR A 257 -11.52 -32.94 47.17
CA THR A 257 -12.55 -32.71 48.17
C THR A 257 -12.88 -34.03 48.86
N SER A 258 -13.19 -35.06 48.07
CA SER A 258 -13.53 -36.40 48.57
C SER A 258 -12.35 -36.99 49.37
N ALA A 259 -11.16 -36.91 48.81
CA ALA A 259 -9.93 -37.46 49.46
C ALA A 259 -9.71 -36.80 50.83
N SER A 260 -9.93 -35.50 50.93
CA SER A 260 -9.70 -34.83 52.21
C SER A 260 -10.71 -35.30 53.28
N VAL A 261 -12.00 -35.47 52.93
CA VAL A 261 -12.99 -35.93 53.90
C VAL A 261 -12.75 -37.42 54.24
N TRP A 262 -12.45 -38.25 53.25
CA TRP A 262 -12.06 -39.64 53.49
C TRP A 262 -10.86 -39.70 54.47
N ASN A 263 -9.87 -38.85 54.25
CA ASN A 263 -8.70 -38.81 55.12
C ASN A 263 -9.05 -38.30 56.53
N SER A 264 -10.12 -37.52 56.67
CA SER A 264 -10.56 -37.03 58.01
C SER A 264 -11.24 -38.17 58.78
N SER A 265 -11.53 -39.29 58.12
CA SER A 265 -12.55 -40.23 58.63
C SER A 265 -12.14 -41.69 58.44
N ASN A 266 -10.94 -41.94 57.92
CA ASN A 266 -10.43 -43.30 57.72
C ASN A 266 -8.95 -43.29 58.11
N PRO A 267 -8.49 -44.38 58.72
CA PRO A 267 -7.08 -44.37 59.07
C PRO A 267 -6.27 -44.54 57.78
N GLY A 268 -5.05 -43.99 57.79
CA GLY A 268 -4.15 -44.02 56.63
C GLY A 268 -4.26 -42.75 55.82
N LEU A 269 -3.63 -42.76 54.66
CA LEU A 269 -3.67 -41.61 53.76
C LEU A 269 -3.96 -42.09 52.35
N VAL A 270 -5.00 -41.52 51.80
CA VAL A 270 -5.36 -41.68 50.45
C VAL A 270 -4.92 -40.42 49.71
N THR A 271 -4.66 -40.50 48.40
CA THR A 271 -4.17 -39.38 47.59
C THR A 271 -4.90 -39.37 46.26
N PRO A 272 -5.61 -38.31 45.98
CA PRO A 272 -6.40 -38.21 44.75
C PRO A 272 -5.47 -37.91 43.57
N VAL A 273 -5.81 -38.30 42.36
CA VAL A 273 -4.89 -38.03 41.23
C VAL A 273 -4.71 -36.51 41.05
N GLU A 274 -5.78 -35.76 41.38
CA GLU A 274 -5.81 -34.30 41.34
C GLU A 274 -4.63 -33.66 42.13
N SER A 275 -4.18 -34.26 43.21
CA SER A 275 -3.17 -33.59 44.07
C SER A 275 -1.81 -33.42 43.37
N PRO A 276 -1.16 -34.50 42.93
CA PRO A 276 0.05 -34.32 42.16
C PRO A 276 -0.19 -33.55 40.86
N HIS A 277 -1.38 -33.67 40.28
CA HIS A 277 -1.71 -32.92 39.06
C HIS A 277 -1.62 -31.41 39.29
N ASN A 278 -2.24 -30.94 40.36
CA ASN A 278 -2.05 -29.57 40.89
C ASN A 278 -0.56 -29.21 41.06
N ASP A 279 0.25 -30.07 41.62
CA ASP A 279 1.67 -29.71 41.86
C ASP A 279 2.46 -29.41 40.59
N ILE A 280 2.20 -30.14 39.51
CA ILE A 280 2.85 -29.90 38.25
C ILE A 280 2.40 -28.54 37.72
N HIS A 281 1.11 -28.25 37.75
CA HIS A 281 0.61 -26.88 37.47
C HIS A 281 1.42 -25.79 38.17
N LEU A 282 1.73 -25.97 39.45
CA LEU A 282 2.37 -24.84 40.17
C LEU A 282 3.83 -24.69 39.75
N ALA A 283 4.50 -25.80 39.53
CA ALA A 283 5.89 -25.75 39.20
C ALA A 283 6.07 -25.06 37.83
N VAL A 284 5.37 -25.55 36.81
CA VAL A 284 5.50 -24.93 35.51
C VAL A 284 5.00 -23.47 35.57
N GLY A 285 4.10 -23.24 36.47
CA GLY A 285 3.38 -22.01 36.56
C GLY A 285 3.92 -21.03 37.58
N GLY A 286 5.04 -21.32 38.24
CA GLY A 286 5.81 -20.22 38.78
C GLY A 286 6.27 -20.41 40.21
N PHE A 287 5.92 -21.52 40.85
CA PHE A 287 6.33 -21.76 42.25
C PHE A 287 7.64 -22.55 42.29
N ASP A 288 8.60 -22.06 43.06
CA ASP A 288 9.74 -22.89 43.51
C ASP A 288 9.32 -23.91 44.54
N TYR A 289 10.01 -25.05 44.58
CA TYR A 289 9.87 -25.95 45.70
C TYR A 289 10.71 -25.40 46.86
N GLY A 290 11.99 -25.11 46.60
CA GLY A 290 12.95 -24.65 47.64
C GLY A 290 12.72 -23.20 48.02
N GLN A 296 8.76 -16.15 50.41
CA GLN A 296 7.37 -16.49 50.73
C GLN A 296 6.46 -16.25 49.52
N ILE A 297 6.75 -15.26 48.69
CA ILE A 297 5.90 -14.95 47.51
C ILE A 297 6.50 -15.55 46.23
N ALA A 298 5.66 -16.15 45.40
CA ALA A 298 6.03 -16.62 44.07
C ALA A 298 5.66 -15.55 43.02
N GLY A 299 6.70 -14.87 42.47
CA GLY A 299 6.55 -13.70 41.55
C GLY A 299 6.56 -14.06 40.07
N ALA A 300 6.90 -15.31 39.76
CA ALA A 300 6.74 -15.84 38.43
C ALA A 300 5.28 -16.29 38.22
N ASN A 301 4.48 -15.51 37.55
CA ASN A 301 3.06 -15.84 37.37
C ASN A 301 2.83 -16.35 35.95
N GLY A 302 3.05 -17.65 35.75
CA GLY A 302 2.86 -18.28 34.48
C GLY A 302 1.46 -18.80 34.30
N ASP A 303 1.07 -19.06 33.06
CA ASP A 303 -0.33 -19.39 32.78
C ASP A 303 -0.78 -20.70 33.42
N MET A 304 0.11 -21.68 33.48
CA MET A 304 -0.20 -23.02 34.04
C MET A 304 -0.49 -22.91 35.54
N GLY A 305 -0.08 -21.82 36.20
CA GLY A 305 -0.20 -21.66 37.68
C GLY A 305 -1.60 -21.35 38.19
N GLU A 306 -2.55 -21.01 37.33
CA GLU A 306 -3.89 -20.61 37.81
C GLU A 306 -4.95 -21.10 36.80
N ASN A 307 -6.16 -21.40 37.23
CA ASN A 307 -7.15 -21.93 36.27
C ASN A 307 -7.58 -20.86 35.26
N ASN A 308 -7.02 -19.65 35.27
CA ASN A 308 -7.59 -18.58 34.43
C ASN A 308 -7.23 -18.84 32.97
N THR A 309 -5.96 -19.09 32.68
CA THR A 309 -5.56 -19.32 31.31
C THR A 309 -4.60 -20.51 31.22
N ALA A 310 -4.65 -21.46 32.15
CA ALA A 310 -3.80 -22.68 32.05
C ALA A 310 -3.97 -23.37 30.69
N GLY A 311 -5.21 -23.45 30.23
CA GLY A 311 -5.55 -24.15 28.98
C GLY A 311 -5.04 -23.46 27.71
N MET A 312 -4.54 -22.22 27.75
CA MET A 312 -3.96 -21.64 26.54
C MET A 312 -2.48 -22.02 26.42
N ASP A 313 -1.87 -22.65 27.45
CA ASP A 313 -0.53 -23.25 27.29
C ASP A 313 -0.63 -24.70 26.74
N PRO A 314 -0.04 -24.97 25.58
CA PRO A 314 -0.13 -26.36 25.07
C PRO A 314 0.37 -27.46 26.01
N ILE A 315 1.32 -27.19 26.91
CA ILE A 315 1.83 -28.19 27.87
C ILE A 315 0.72 -28.63 28.81
N PHE A 316 -0.26 -27.80 29.03
CA PHE A 316 -1.46 -28.23 29.74
C PHE A 316 -1.91 -29.58 29.22
N PHE A 317 -1.85 -29.79 27.91
CA PHE A 317 -2.45 -30.99 27.35
C PHE A 317 -1.48 -32.16 27.38
N PHE A 318 -0.20 -31.89 27.27
CA PHE A 318 0.75 -32.96 27.44
C PHE A 318 0.70 -33.51 28.88
N HIS A 319 0.48 -32.62 29.82
CA HIS A 319 0.39 -32.99 31.20
C HIS A 319 -0.94 -33.72 31.40
N HIS A 320 -2.01 -33.12 30.91
CA HIS A 320 -3.31 -33.77 31.13
C HIS A 320 -3.40 -35.10 30.39
N CYS A 321 -2.74 -35.23 29.27
CA CYS A 321 -2.71 -36.49 28.64
C CYS A 321 -2.09 -37.56 29.53
N ASN A 322 -1.12 -37.20 30.39
CA ASN A 322 -0.47 -38.12 31.33
C ASN A 322 -1.30 -38.36 32.58
N VAL A 323 -2.07 -37.35 33.02
CA VAL A 323 -3.04 -37.52 34.14
C VAL A 323 -4.11 -38.55 33.73
N ASP A 324 -4.63 -38.45 32.51
CA ASP A 324 -5.60 -39.43 32.03
C ASP A 324 -5.00 -40.85 31.96
N ARG A 325 -3.72 -40.94 31.62
CA ARG A 325 -3.00 -42.21 31.62
C ARG A 325 -2.90 -42.76 33.05
N MET A 326 -2.61 -41.94 34.05
CA MET A 326 -2.59 -42.42 35.45
C MET A 326 -3.98 -42.95 35.82
N PHE A 327 -5.00 -42.28 35.31
CA PHE A 327 -6.38 -42.65 35.56
C PHE A 327 -6.64 -44.00 34.89
N TRP A 328 -6.29 -44.15 33.62
CA TRP A 328 -6.40 -45.45 32.96
C TRP A 328 -5.58 -46.53 33.67
N VAL A 329 -4.36 -46.19 34.13
CA VAL A 329 -3.52 -47.16 34.86
C VAL A 329 -4.17 -47.60 36.18
N TRP A 330 -4.82 -46.68 36.86
CA TRP A 330 -5.49 -46.97 38.11
C TRP A 330 -6.71 -47.83 37.82
N GLN A 331 -7.38 -47.60 36.70
CA GLN A 331 -8.50 -48.46 36.36
C GLN A 331 -7.96 -49.87 36.02
N LYS A 332 -6.88 -49.96 35.25
CA LYS A 332 -6.31 -51.28 34.91
C LYS A 332 -5.98 -52.02 36.21
N GLN A 333 -5.35 -51.34 37.17
CA GLN A 333 -4.68 -52.05 38.27
C GLN A 333 -5.67 -52.43 39.38
N THR A 334 -6.86 -51.86 39.36
CA THR A 334 -7.85 -52.06 40.40
C THR A 334 -9.05 -52.80 39.79
N GLY A 335 -9.02 -52.99 38.49
CA GLY A 335 -10.08 -53.69 37.79
C GLY A 335 -11.31 -52.83 37.60
N HIS A 336 -11.18 -51.56 37.19
CA HIS A 336 -12.35 -50.67 36.91
C HIS A 336 -12.28 -50.10 35.49
N THR A 337 -11.89 -50.94 34.54
CA THR A 337 -11.88 -50.60 33.10
C THR A 337 -13.29 -50.48 32.55
N ASP A 338 -14.31 -51.09 33.17
CA ASP A 338 -15.70 -50.99 32.70
C ASP A 338 -16.71 -50.44 33.69
N ARG A 339 -16.39 -50.47 34.96
CA ARG A 339 -17.30 -50.07 36.02
C ARG A 339 -16.59 -49.08 36.94
N LEU A 340 -17.18 -47.90 37.13
CA LEU A 340 -16.76 -47.03 38.22
C LEU A 340 -17.97 -46.79 39.10
N ASP A 341 -17.74 -46.69 40.41
CA ASP A 341 -18.84 -46.37 41.35
C ASP A 341 -18.69 -44.96 41.95
N ILE A 342 -19.77 -44.25 42.20
CA ILE A 342 -19.71 -42.98 42.98
C ILE A 342 -20.50 -43.11 44.30
N ILE A 343 -19.80 -42.88 45.41
CA ILE A 343 -20.41 -42.97 46.74
C ILE A 343 -21.46 -41.86 46.91
N ARG A 344 -22.74 -42.26 46.94
CA ARG A 344 -23.91 -41.33 47.05
C ARG A 344 -23.72 -40.40 48.27
N ASN A 345 -24.01 -39.13 48.03
CA ASN A 345 -24.02 -38.06 49.02
C ASN A 345 -22.61 -37.76 49.54
N TYR A 346 -21.56 -38.36 48.97
CA TYR A 346 -20.20 -38.10 49.50
C TYR A 346 -19.71 -36.70 49.12
N PRO A 347 -18.98 -36.02 50.02
CA PRO A 347 -18.42 -34.73 49.58
C PRO A 347 -17.55 -34.89 48.32
N GLY A 348 -17.68 -33.94 47.43
CA GLY A 348 -17.11 -34.06 46.10
C GLY A 348 -18.17 -34.46 45.09
N THR A 349 -19.34 -34.92 45.54
CA THR A 349 -20.41 -35.36 44.60
C THR A 349 -21.51 -34.30 44.42
N ASN A 350 -21.21 -33.02 44.62
CA ASN A 350 -22.19 -31.98 44.40
C ASN A 350 -21.54 -30.77 43.68
N ALA A 351 -22.34 -29.99 42.96
CA ALA A 351 -21.90 -28.64 42.54
C ALA A 351 -22.14 -27.62 43.66
N GLU A 365 -27.73 -30.07 42.35
CA GLU A 365 -27.56 -31.19 41.43
C GLU A 365 -26.49 -32.13 41.98
N SER A 366 -26.89 -33.36 42.24
CA SER A 366 -25.93 -34.44 42.45
C SER A 366 -25.10 -34.62 41.17
N LEU A 367 -23.84 -35.02 41.37
CA LEU A 367 -22.97 -35.39 40.26
C LEU A 367 -22.86 -36.93 40.20
N ASN A 368 -23.28 -37.49 39.07
CA ASN A 368 -23.26 -38.93 38.90
C ASN A 368 -22.70 -39.25 37.51
N LEU A 369 -22.61 -40.52 37.16
CA LEU A 369 -21.98 -40.93 35.89
C LEU A 369 -22.90 -40.57 34.70
N THR A 370 -24.13 -40.14 34.90
CA THR A 370 -24.97 -39.67 33.77
C THR A 370 -24.92 -38.15 33.64
N THR A 371 -24.15 -37.46 34.49
CA THR A 371 -24.07 -36.01 34.42
C THR A 371 -23.34 -35.60 33.14
N PRO A 372 -23.97 -34.73 32.33
CA PRO A 372 -23.36 -34.17 31.14
C PRO A 372 -22.00 -33.56 31.46
N LEU A 373 -21.06 -33.66 30.54
CA LEU A 373 -19.76 -33.04 30.62
C LEU A 373 -19.69 -31.94 29.56
N ASN A 374 -20.49 -30.90 29.76
CA ASN A 374 -20.58 -29.80 28.86
C ASN A 374 -19.22 -29.11 28.84
N PRO A 375 -18.82 -28.56 27.70
CA PRO A 375 -19.65 -28.42 26.47
C PRO A 375 -19.45 -29.49 25.38
N PHE A 376 -18.92 -30.64 25.76
CA PHE A 376 -18.58 -31.67 24.80
C PHE A 376 -19.85 -32.40 24.33
N LYS A 377 -19.90 -32.70 23.02
CA LYS A 377 -21.08 -33.29 22.37
C LYS A 377 -20.66 -34.45 21.45
N LYS A 378 -21.47 -35.53 21.45
CA LYS A 378 -21.42 -36.61 20.45
C LYS A 378 -21.95 -36.02 19.13
N ALA A 379 -21.77 -36.68 18.00
CA ALA A 379 -22.26 -36.12 16.72
C ALA A 379 -23.80 -36.04 16.74
N SER A 380 -24.48 -36.90 17.48
CA SER A 380 -25.93 -36.72 17.72
C SER A 380 -26.28 -35.28 18.13
N GLY A 381 -25.39 -34.60 18.87
CA GLY A 381 -25.74 -33.40 19.66
C GLY A 381 -25.94 -33.73 21.14
N GLU A 382 -26.04 -35.02 21.50
CA GLU A 382 -26.11 -35.42 22.92
C GLU A 382 -24.80 -35.00 23.62
N ALA A 383 -24.88 -34.53 24.85
CA ALA A 383 -23.66 -34.25 25.61
C ALA A 383 -22.97 -35.58 25.95
N TYR A 384 -21.66 -35.58 26.04
CA TYR A 384 -21.01 -36.72 26.64
C TYR A 384 -21.31 -36.74 28.13
N THR A 385 -21.26 -37.96 28.69
CA THR A 385 -21.37 -38.23 30.08
C THR A 385 -20.21 -39.11 30.53
N SER A 386 -20.04 -39.32 31.82
CA SER A 386 -18.92 -40.14 32.29
C SER A 386 -19.12 -41.61 31.87
N GLU A 387 -20.37 -42.08 31.78
CA GLU A 387 -20.71 -43.41 31.24
C GLU A 387 -20.00 -43.62 29.89
N ASP A 388 -19.95 -42.58 29.05
CA ASP A 388 -19.38 -42.61 27.69
C ASP A 388 -17.86 -42.68 27.54
N CYS A 389 -17.08 -42.78 28.62
CA CYS A 389 -15.62 -42.75 28.48
C CYS A 389 -14.93 -43.43 29.67
N ILE A 390 -15.50 -44.54 30.12
CA ILE A 390 -14.88 -45.30 31.18
C ILE A 390 -13.78 -46.18 30.59
N ASN A 391 -14.15 -46.89 29.54
CA ASN A 391 -13.24 -47.76 28.86
C ASN A 391 -12.76 -47.05 27.60
N ILE A 392 -11.49 -46.71 27.57
CA ILE A 392 -10.94 -45.87 26.51
C ILE A 392 -10.71 -46.73 25.26
N GLU A 393 -10.38 -48.03 25.44
CA GLU A 393 -10.22 -48.99 24.32
C GLU A 393 -11.57 -49.18 23.63
N ARG A 394 -12.59 -49.67 24.33
CA ARG A 394 -13.95 -49.92 23.75
C ARG A 394 -14.69 -48.66 23.31
N GLN A 395 -14.73 -47.59 24.12
CA GLN A 395 -15.69 -46.49 23.89
C GLN A 395 -15.07 -45.28 23.17
N LEU A 396 -13.73 -45.15 23.14
CA LEU A 396 -13.10 -43.95 22.52
C LEU A 396 -12.05 -44.34 21.47
N GLY A 397 -11.74 -45.62 21.35
CA GLY A 397 -10.90 -46.06 20.28
C GLY A 397 -9.43 -45.76 20.53
N PHE A 398 -8.94 -45.75 21.76
CA PHE A 398 -7.51 -45.56 21.91
C PHE A 398 -7.01 -46.19 23.21
N THR A 399 -5.68 -46.33 23.32
CA THR A 399 -5.05 -46.92 24.51
C THR A 399 -3.75 -46.18 24.77
N TYR A 400 -3.13 -46.40 25.93
CA TYR A 400 -1.86 -45.76 26.23
C TYR A 400 -0.68 -46.70 25.92
N GLY A 401 0.41 -46.11 25.46
CA GLY A 401 1.61 -46.88 25.34
C GLY A 401 2.24 -47.11 26.70
N PRO A 402 3.34 -47.88 26.73
CA PRO A 402 4.16 -48.05 27.94
C PRO A 402 4.58 -46.70 28.56
N GLY A 403 4.58 -46.67 29.89
CA GLY A 403 5.06 -45.55 30.64
C GLY A 403 5.28 -45.90 32.10
N SER A 404 5.84 -44.94 32.81
CA SER A 404 6.25 -45.14 34.14
C SER A 404 5.03 -45.49 34.98
N LEU A 405 5.25 -46.36 35.97
CA LEU A 405 4.30 -46.69 37.03
C LEU A 405 3.12 -47.51 36.51
N ASP A 406 3.19 -48.17 35.36
CA ASP A 406 2.01 -49.02 35.05
C ASP A 406 1.91 -50.36 35.82
N ASP A 407 3.02 -50.79 36.40
CA ASP A 407 3.04 -52.01 37.21
C ASP A 407 3.18 -51.70 38.69
N ALA A 408 2.47 -52.48 39.49
CA ALA A 408 2.52 -52.39 40.93
C ALA A 408 3.70 -53.20 41.47
N THR A 409 4.88 -52.57 41.55
CA THR A 409 6.09 -53.30 41.94
C THR A 409 6.28 -53.17 43.47
N PRO A 410 7.15 -54.02 44.07
CA PRO A 410 7.48 -53.90 45.51
C PRO A 410 8.46 -52.76 45.84
N GLU A 411 9.28 -52.34 44.88
CA GLU A 411 10.01 -51.06 45.01
C GLU A 411 9.04 -49.94 45.44
N LEU A 412 7.83 -49.91 44.87
CA LEU A 412 6.88 -48.81 45.10
C LEU A 412 5.94 -49.17 46.27
N LYS A 413 6.47 -49.89 47.24
CA LYS A 413 5.95 -49.88 48.58
C LYS A 413 7.06 -49.41 49.54
N SER A 414 8.33 -49.64 49.19
CA SER A 414 9.47 -49.32 50.08
C SER A 414 9.58 -47.81 50.28
N LEU A 415 9.21 -47.08 49.23
CA LEU A 415 9.23 -45.62 49.24
C LEU A 415 8.24 -45.10 50.30
N LEU A 416 6.97 -45.51 50.17
CA LEU A 416 5.87 -45.06 51.02
C LEU A 416 5.93 -45.70 52.41
N ALA A 417 6.94 -46.51 52.71
CA ALA A 417 7.00 -47.22 54.00
C ALA A 417 7.30 -46.21 55.12
N VAL A 418 6.67 -46.44 56.27
CA VAL A 418 7.09 -45.81 57.52
C VAL A 418 8.41 -46.44 57.95
N PRO A 419 9.54 -45.71 57.84
CA PRO A 419 10.84 -46.26 58.29
C PRO A 419 10.77 -46.74 59.74
N SER A 420 11.49 -47.80 60.08
CA SER A 420 11.45 -48.40 61.44
C SER A 420 11.94 -47.39 62.49
N GLY A 421 11.18 -47.29 63.58
CA GLY A 421 11.38 -46.19 64.52
C GLY A 421 10.25 -45.18 64.41
N ASN A 422 9.87 -44.87 63.17
CA ASN A 422 9.08 -43.66 62.87
C ASN A 422 7.57 -43.91 63.04
N SER A 423 6.84 -42.81 63.20
CA SER A 423 5.41 -42.77 63.54
C SER A 423 4.51 -43.19 62.36
N THR A 424 3.45 -43.92 62.70
CA THR A 424 2.44 -44.36 61.75
C THR A 424 1.27 -43.37 61.75
N LYS A 425 1.35 -42.36 62.59
CA LYS A 425 0.23 -41.47 62.81
C LYS A 425 0.24 -40.35 61.75
N LYS A 426 -0.69 -39.41 61.90
CA LYS A 426 -1.10 -38.50 60.84
C LYS A 426 -1.50 -37.14 61.43
N LEU A 427 -1.08 -36.00 60.82
CA LEU A 427 -1.42 -34.64 61.31
C LEU A 427 -2.49 -34.01 60.41
N THR A 428 -3.54 -33.52 61.05
CA THR A 428 -4.63 -32.92 60.33
C THR A 428 -4.55 -31.42 60.62
N VAL A 429 -4.83 -30.61 59.62
CA VAL A 429 -4.75 -29.16 59.75
C VAL A 429 -6.07 -28.52 59.30
N THR A 430 -6.58 -27.64 60.13
CA THR A 430 -7.91 -27.11 59.94
C THR A 430 -7.91 -25.63 60.34
N GLY A 431 -9.08 -24.99 60.20
CA GLY A 431 -9.22 -23.55 60.43
C GLY A 431 -8.45 -22.72 59.41
N ILE A 432 -8.45 -23.11 58.15
CA ILE A 432 -7.92 -22.25 57.10
C ILE A 432 -9.07 -21.82 56.18
N ASP A 433 -9.37 -20.51 56.12
CA ASP A 433 -10.35 -19.98 55.12
C ASP A 433 -9.61 -19.41 53.89
N ARG A 434 -9.66 -20.17 52.80
CA ARG A 434 -8.95 -19.82 51.60
C ARG A 434 -9.75 -18.80 50.78
N ALA A 435 -10.99 -18.52 51.19
CA ALA A 435 -11.87 -17.71 50.35
C ALA A 435 -11.24 -16.35 50.13
N GLN A 436 -10.36 -15.92 51.02
CA GLN A 436 -9.86 -14.57 50.95
C GLN A 436 -8.45 -14.56 50.32
N ILE A 437 -7.69 -15.67 50.33
CA ILE A 437 -6.46 -15.72 49.52
C ILE A 437 -6.77 -15.71 48.01
N GLN A 438 -5.91 -15.05 47.26
CA GLN A 438 -6.12 -14.90 45.83
C GLN A 438 -5.00 -15.67 45.11
N GLY A 439 -5.34 -16.45 44.09
CA GLY A 439 -4.37 -17.18 43.35
C GLY A 439 -4.04 -18.50 44.04
N SER A 440 -3.08 -19.21 43.47
CA SER A 440 -2.74 -20.53 43.91
C SER A 440 -1.77 -20.42 45.09
N PHE A 441 -1.67 -21.48 45.89
CA PHE A 441 -0.75 -21.44 47.04
C PHE A 441 -0.41 -22.86 47.52
N ILE A 442 0.71 -22.94 48.26
CA ILE A 442 1.30 -24.20 48.79
C ILE A 442 1.32 -24.10 50.32
N MET A 443 0.78 -25.12 50.97
CA MET A 443 0.89 -25.29 52.41
C MET A 443 2.06 -26.22 52.68
N LYS A 444 3.11 -25.77 53.38
CA LYS A 444 4.17 -26.69 53.78
C LYS A 444 4.11 -26.88 55.28
N ALA A 445 4.13 -28.14 55.73
CA ALA A 445 3.98 -28.46 57.16
C ALA A 445 5.33 -28.89 57.74
N TYR A 446 5.47 -28.63 59.04
CA TYR A 446 6.71 -28.90 59.76
C TYR A 446 6.45 -29.21 61.23
N ALA A 447 7.26 -30.09 61.80
CA ALA A 447 7.24 -30.31 63.26
C ALA A 447 8.63 -29.99 63.82
N SER A 448 8.64 -29.21 64.89
CA SER A 448 9.86 -28.94 65.65
C SER A 448 9.76 -29.52 67.07
N VAL A 449 10.77 -30.32 67.45
CA VAL A 449 10.85 -30.87 68.80
C VAL A 449 11.99 -30.16 69.56
N THR A 450 11.67 -29.60 70.73
CA THR A 450 12.65 -29.07 71.67
C THR A 450 13.06 -30.20 72.63
N ASP A 451 14.37 -30.42 72.73
CA ASP A 451 14.97 -31.64 73.32
C ASP A 451 14.84 -31.76 74.87
N ALA A 452 15.70 -32.56 75.48
CA ALA A 452 15.88 -32.60 76.94
C ALA A 452 16.64 -31.35 77.41
N ASN A 453 17.50 -30.78 76.55
CA ASN A 453 18.40 -29.69 76.95
C ASN A 453 18.56 -28.70 75.79
N GLY A 454 17.46 -28.16 75.32
CA GLY A 454 17.44 -26.94 74.51
C GLY A 454 17.87 -27.15 73.06
N LYS A 455 17.70 -28.35 72.51
CA LYS A 455 18.09 -28.68 71.11
C LYS A 455 16.84 -28.90 70.24
N THR A 456 16.69 -28.14 69.14
CA THR A 456 15.50 -28.22 68.24
C THR A 456 15.83 -29.01 66.96
N ARG A 457 15.19 -30.18 66.81
CA ARG A 457 15.15 -30.91 65.53
C ARG A 457 13.94 -30.41 64.73
N GLU A 458 14.15 -30.09 63.46
CA GLU A 458 13.07 -29.59 62.58
C GLU A 458 12.64 -30.73 61.65
N TYR A 459 11.34 -30.92 61.45
CA TYR A 459 10.86 -32.09 60.71
C TYR A 459 9.87 -31.65 59.62
N TYR A 460 10.33 -31.72 58.37
CA TYR A 460 9.52 -31.36 57.20
C TYR A 460 8.51 -32.49 56.92
N LEU A 461 7.22 -32.18 56.90
CA LEU A 461 6.19 -33.25 56.87
C LEU A 461 5.55 -33.39 55.48
N GLY A 462 5.77 -32.41 54.62
CA GLY A 462 5.25 -32.46 53.24
C GLY A 462 4.47 -31.20 52.86
N HIS A 463 3.83 -31.30 51.70
CA HIS A 463 3.24 -30.15 51.06
C HIS A 463 1.83 -30.46 50.53
N LYS A 464 1.07 -29.40 50.31
CA LYS A 464 -0.21 -29.54 49.67
C LYS A 464 -0.39 -28.36 48.70
N SER A 465 -0.57 -28.63 47.41
CA SER A 465 -0.77 -27.57 46.44
C SER A 465 -2.27 -27.32 46.21
N ILE A 466 -2.72 -26.10 46.46
CA ILE A 466 -4.06 -25.68 46.05
C ILE A 466 -3.93 -24.90 44.74
N LEU A 467 -4.36 -25.50 43.67
CA LEU A 467 -4.49 -24.86 42.35
C LEU A 467 -5.76 -24.02 42.36
N SER A 468 -5.64 -22.73 42.14
CA SER A 468 -6.82 -21.91 42.27
C SER A 468 -6.82 -20.86 41.15
N ARG A 469 -7.43 -19.70 41.37
CA ARG A 469 -7.61 -18.73 40.31
C ARG A 469 -7.52 -17.30 40.88
N TRP A 470 -7.42 -16.33 39.99
CA TRP A 470 -7.70 -14.92 40.26
C TRP A 470 -9.17 -14.62 39.92
N ASN A 471 -9.84 -13.85 40.78
CA ASN A 471 -11.25 -13.48 40.56
C ASN A 471 -11.38 -11.94 40.47
N LEU A 482 -15.65 -22.15 52.21
CA LEU A 482 -14.41 -22.53 51.51
C LEU A 482 -13.34 -22.95 52.53
N ASP A 483 -13.78 -23.63 53.60
CA ASP A 483 -12.89 -24.19 54.65
C ASP A 483 -12.02 -25.31 54.11
N ILE A 484 -10.71 -25.27 54.35
CA ILE A 484 -9.76 -26.20 53.73
C ILE A 484 -9.14 -27.05 54.82
N VAL A 485 -9.04 -28.34 54.53
CA VAL A 485 -8.58 -29.32 55.48
C VAL A 485 -7.37 -30.05 54.89
N ALA A 486 -6.19 -29.86 55.46
CA ALA A 486 -5.01 -30.58 54.95
C ALA A 486 -4.65 -31.72 55.91
N HIS A 487 -4.05 -32.77 55.36
CA HIS A 487 -3.56 -33.93 56.10
C HIS A 487 -2.11 -34.17 55.73
N PHE A 488 -1.27 -34.46 56.71
CA PHE A 488 0.10 -34.80 56.46
C PHE A 488 0.45 -36.05 57.26
N PRO A 489 1.20 -36.96 56.65
CA PRO A 489 1.74 -38.09 57.45
C PRO A 489 2.82 -37.57 58.39
N LEU A 490 3.06 -38.28 59.52
CA LEU A 490 4.18 -37.95 60.42
C LEU A 490 5.29 -39.00 60.27
N SER A 491 5.35 -39.66 59.13
CA SER A 491 6.29 -40.75 58.94
C SER A 491 7.74 -40.24 58.93
N ALA A 492 7.95 -38.93 58.85
CA ALA A 492 9.29 -38.37 58.84
C ALA A 492 9.88 -38.36 60.25
N MET A 493 9.05 -38.47 61.28
CA MET A 493 9.55 -38.31 62.66
C MET A 493 9.41 -39.64 63.43
N PRO A 494 10.33 -39.87 64.41
CA PRO A 494 10.34 -41.08 65.26
C PRO A 494 9.16 -41.03 66.23
N ALA A 495 8.46 -42.16 66.40
CA ALA A 495 7.17 -42.19 67.10
C ALA A 495 7.24 -41.48 68.47
N ASP A 496 8.32 -41.68 69.23
CA ASP A 496 8.51 -41.06 70.55
C ASP A 496 8.19 -39.55 70.57
N ASP A 497 8.83 -38.84 69.65
CA ASP A 497 8.90 -37.38 69.67
C ASP A 497 7.52 -36.71 69.40
N VAL A 498 6.57 -37.44 68.82
CA VAL A 498 5.29 -36.88 68.34
C VAL A 498 4.50 -36.19 69.47
N PRO A 499 4.25 -36.85 70.62
CA PRO A 499 3.63 -36.09 71.74
C PRO A 499 4.40 -34.84 72.21
N LYS A 500 5.69 -34.74 71.87
CA LYS A 500 6.56 -33.62 72.30
C LYS A 500 6.86 -32.66 71.14
N ALA A 501 5.88 -32.38 70.26
CA ALA A 501 6.12 -31.68 68.97
C ALA A 501 5.20 -30.47 68.81
N LYS A 502 5.80 -29.36 68.39
CA LYS A 502 5.07 -28.13 68.02
C LYS A 502 4.94 -28.06 66.49
N PHE A 503 3.70 -28.09 65.99
CA PHE A 503 3.45 -28.11 64.54
C PHE A 503 3.23 -26.71 63.99
N ARG A 504 3.48 -26.52 62.68
CA ARG A 504 3.17 -25.26 61.95
C ARG A 504 3.17 -25.46 60.43
N VAL A 505 2.64 -24.46 59.73
CA VAL A 505 2.54 -24.46 58.27
C VAL A 505 3.06 -23.15 57.66
N GLU A 506 4.04 -23.23 56.73
CA GLU A 506 4.41 -22.06 55.89
C GLU A 506 3.53 -22.03 54.63
N PHE A 507 3.06 -20.84 54.28
CA PHE A 507 2.29 -20.65 53.03
C PHE A 507 3.16 -19.96 51.98
N ILE A 508 3.27 -20.54 50.79
CA ILE A 508 3.85 -19.85 49.61
C ILE A 508 2.70 -19.46 48.66
N HIS A 509 2.70 -18.21 48.20
CA HIS A 509 1.49 -17.60 47.65
C HIS A 509 1.82 -16.39 46.77
N ARG A 510 0.82 -15.85 46.12
CA ARG A 510 1.09 -14.93 45.06
C ARG A 510 1.18 -13.51 45.63
N GLY A 511 0.80 -13.34 46.88
CA GLY A 511 1.02 -12.08 47.55
C GLY A 511 0.37 -10.95 46.77
N GLY A 512 -0.87 -11.15 46.36
CA GLY A 512 -1.61 -10.08 45.66
C GLY A 512 -1.23 -9.96 44.18
N GLY A 513 -0.04 -10.46 43.80
CA GLY A 513 0.40 -10.47 42.40
C GLY A 513 1.11 -9.19 41.99
N VAL A 514 0.59 -8.04 42.43
CA VAL A 514 1.19 -6.73 42.14
C VAL A 514 1.51 -6.00 43.47
N PRO A 515 2.56 -5.16 43.48
CA PRO A 515 3.02 -4.62 44.76
C PRO A 515 1.93 -3.83 45.50
N SER A 516 0.99 -3.27 44.76
CA SER A 516 -0.09 -2.53 45.36
C SER A 516 -1.06 -3.47 46.10
N ALA A 517 -1.06 -4.78 45.92
CA ALA A 517 -1.93 -5.65 46.81
C ALA A 517 -1.08 -6.53 47.75
N ALA A 518 0.25 -6.35 47.81
CA ALA A 518 1.10 -7.23 48.58
C ALA A 518 0.76 -7.14 50.07
N LYS A 519 0.61 -5.91 50.58
CA LYS A 519 0.40 -5.71 52.02
C LYS A 519 -0.90 -6.38 52.49
N ALA A 520 -2.00 -6.14 51.79
CA ALA A 520 -3.23 -6.80 52.17
C ALA A 520 -3.10 -8.32 52.10
N ALA A 521 -2.53 -8.86 51.05
CA ALA A 521 -2.48 -10.35 50.94
C ALA A 521 -1.54 -10.93 52.01
N ILE A 522 -0.35 -10.36 52.18
CA ILE A 522 0.59 -10.88 53.21
C ILE A 522 -0.07 -10.81 54.60
N ASP A 523 -0.78 -9.73 54.90
CA ASP A 523 -1.43 -9.59 56.24
C ASP A 523 -2.54 -10.60 56.46
N LYS A 524 -3.33 -10.96 55.42
CA LYS A 524 -4.40 -11.98 55.61
C LYS A 524 -3.72 -13.34 55.85
N VAL A 525 -2.59 -13.54 55.19
CA VAL A 525 -1.86 -14.76 55.39
C VAL A 525 -1.34 -14.77 56.82
N SER A 526 -0.72 -13.70 57.29
CA SER A 526 -0.19 -13.69 58.71
C SER A 526 -1.27 -13.87 59.78
N ALA A 527 -2.54 -13.57 59.52
CA ALA A 527 -3.59 -13.74 60.52
C ALA A 527 -4.21 -15.14 60.44
N LEU A 528 -3.76 -15.98 59.51
CA LEU A 528 -4.36 -17.31 59.45
C LEU A 528 -4.16 -18.03 60.78
N GLN A 529 -5.17 -18.77 61.19
CA GLN A 529 -5.21 -19.39 62.52
C GLN A 529 -5.34 -20.90 62.39
N PRO A 530 -4.25 -21.60 62.04
CA PRO A 530 -4.48 -23.00 61.78
C PRO A 530 -4.52 -23.83 63.07
N LYS A 531 -5.49 -24.77 63.13
CA LYS A 531 -5.64 -25.71 64.26
C LYS A 531 -5.09 -27.11 63.92
N PHE A 532 -4.44 -27.73 64.90
CA PHE A 532 -3.67 -28.98 64.72
C PHE A 532 -4.30 -30.12 65.52
N GLU A 533 -4.06 -31.35 65.08
CA GLU A 533 -4.74 -32.53 65.58
C GLU A 533 -3.99 -33.77 65.07
N VAL A 534 -3.41 -34.51 66.00
CA VAL A 534 -2.91 -35.85 65.77
C VAL A 534 -4.05 -36.85 65.97
N SER A 535 -4.00 -38.00 65.32
CA SER A 535 -5.13 -38.94 65.32
C SER A 535 -5.12 -39.78 66.61
N ALA B 7 -27.03 -6.22 8.91
CA ALA B 7 -25.94 -6.85 8.08
C ALA B 7 -25.08 -5.74 7.46
N PRO B 8 -24.52 -4.86 8.31
CA PRO B 8 -23.73 -3.75 7.77
C PRO B 8 -22.47 -4.27 7.06
N ARG B 9 -22.14 -3.71 5.92
CA ARG B 9 -20.86 -4.05 5.32
C ARG B 9 -19.71 -3.76 6.31
N VAL B 10 -18.72 -4.61 6.29
CA VAL B 10 -17.51 -4.37 7.02
C VAL B 10 -16.48 -3.82 6.04
N ARG B 11 -15.77 -2.78 6.47
CA ARG B 11 -14.50 -2.34 5.84
C ARG B 11 -13.35 -3.04 6.56
N ARG B 12 -12.41 -3.58 5.80
CA ARG B 12 -11.34 -4.40 6.38
C ARG B 12 -9.97 -3.84 6.01
N SER B 13 -8.97 -4.34 6.70
CA SER B 13 -7.56 -4.02 6.44
C SER B 13 -7.18 -4.44 5.03
N VAL B 14 -6.35 -3.65 4.38
CA VAL B 14 -5.91 -3.92 3.02
C VAL B 14 -5.01 -5.15 3.05
N ARG B 15 -4.20 -5.24 4.12
CA ARG B 15 -3.35 -6.38 4.43
C ARG B 15 -4.20 -7.66 4.51
N ASP B 16 -5.34 -7.59 5.19
CA ASP B 16 -6.22 -8.74 5.25
C ASP B 16 -6.56 -9.20 3.84
N LEU B 17 -6.94 -8.29 2.93
CA LEU B 17 -7.37 -8.75 1.59
C LEU B 17 -6.18 -9.37 0.82
N GLN B 18 -4.99 -8.89 1.13
CA GLN B 18 -3.80 -9.31 0.44
C GLN B 18 -3.52 -10.77 0.84
N LYS B 19 -3.55 -11.05 2.14
CA LYS B 19 -3.25 -12.40 2.67
C LYS B 19 -4.25 -13.38 2.06
N ARG B 20 -5.53 -13.03 2.08
CA ARG B 20 -6.53 -13.83 1.41
C ARG B 20 -6.13 -14.03 -0.07
N TYR B 21 -5.79 -12.95 -0.75
CA TYR B 21 -5.39 -13.00 -2.15
C TYR B 21 -4.19 -13.95 -2.34
N ASP B 22 -3.15 -13.80 -1.52
CA ASP B 22 -1.97 -14.70 -1.57
C ASP B 22 -2.23 -16.16 -1.18
N ASN B 23 -3.35 -16.43 -0.53
CA ASN B 23 -3.70 -17.78 -0.13
C ASN B 23 -4.90 -18.23 -0.97
N GLY B 24 -4.99 -17.73 -2.22
CA GLY B 24 -5.87 -18.31 -3.27
C GLY B 24 -7.23 -17.60 -3.46
N GLU B 25 -7.73 -16.88 -2.45
CA GLU B 25 -9.05 -16.19 -2.55
C GLU B 25 -8.86 -14.77 -3.06
N LYS B 26 -9.18 -14.58 -4.33
CA LYS B 26 -8.71 -13.43 -5.04
C LYS B 26 -9.85 -12.46 -5.35
N LYS B 27 -11.10 -12.84 -5.20
CA LYS B 27 -12.17 -11.98 -5.67
C LYS B 27 -12.19 -10.68 -4.85
N PRO B 28 -12.01 -10.79 -3.53
CA PRO B 28 -12.12 -9.57 -2.72
C PRO B 28 -11.23 -8.42 -3.22
N LEU B 29 -9.98 -8.73 -3.53
CA LEU B 29 -9.08 -7.70 -3.94
C LEU B 29 -9.22 -7.39 -5.44
N GLU B 30 -9.62 -8.36 -6.27
CA GLU B 30 -9.86 -8.09 -7.71
C GLU B 30 -11.07 -7.17 -7.88
N ASP B 31 -11.98 -7.28 -6.92
CA ASP B 31 -13.18 -6.47 -6.96
C ASP B 31 -12.87 -4.99 -6.66
N LEU B 32 -12.03 -4.77 -5.66
CA LEU B 32 -11.62 -3.44 -5.33
C LEU B 32 -10.88 -2.84 -6.52
N VAL B 33 -9.91 -3.61 -7.03
CA VAL B 33 -9.03 -3.13 -8.06
C VAL B 33 -9.85 -2.89 -9.32
N ARG B 34 -10.80 -3.79 -9.60
CA ARG B 34 -11.73 -3.57 -10.74
C ARG B 34 -12.45 -2.22 -10.59
N ALA B 35 -12.99 -2.01 -9.40
CA ALA B 35 -13.76 -0.82 -9.10
C ALA B 35 -12.89 0.43 -9.29
N TRP B 36 -11.70 0.37 -8.71
CA TRP B 36 -10.79 1.48 -8.90
C TRP B 36 -10.52 1.74 -10.37
N VAL B 37 -10.26 0.73 -11.18
CA VAL B 37 -9.97 0.92 -12.63
C VAL B 37 -11.18 1.54 -13.34
N GLY B 38 -12.41 1.14 -12.99
CA GLY B 38 -13.61 1.81 -13.54
C GLY B 38 -13.70 3.29 -13.20
N ILE B 39 -13.38 3.63 -11.96
CA ILE B 39 -13.61 5.00 -11.49
C ILE B 39 -12.55 5.93 -12.10
N GLN B 40 -11.35 5.41 -12.38
CA GLN B 40 -10.31 6.13 -13.10
C GLN B 40 -10.63 6.23 -14.60
N ALA B 41 -11.50 5.38 -15.13
CA ALA B 41 -11.75 5.37 -16.60
C ALA B 41 -12.88 6.35 -16.92
N LEU B 42 -13.79 6.50 -15.98
CA LEU B 42 -14.83 7.50 -16.13
C LEU B 42 -14.20 8.83 -16.59
N PRO B 43 -14.93 9.62 -17.39
CA PRO B 43 -14.49 10.95 -17.84
C PRO B 43 -14.51 12.03 -16.74
N PRO B 44 -13.71 13.08 -16.88
CA PRO B 44 -13.71 14.14 -15.90
C PRO B 44 -15.13 14.67 -15.61
N SER B 45 -15.93 14.83 -16.65
CA SER B 45 -17.30 15.36 -16.52
C SER B 45 -18.13 14.58 -15.49
N ASP B 46 -17.82 13.31 -15.30
CA ASP B 46 -18.64 12.47 -14.48
C ASP B 46 -18.36 12.73 -12.98
N PRO B 47 -19.40 13.12 -12.23
CA PRO B 47 -19.30 13.28 -10.76
C PRO B 47 -18.57 12.11 -10.08
N LYS B 48 -18.84 10.93 -10.58
CA LYS B 48 -18.36 9.69 -10.00
C LYS B 48 -16.94 9.39 -10.48
N SER B 49 -16.41 10.18 -11.42
CA SER B 49 -15.03 9.93 -11.87
C SER B 49 -14.03 10.14 -10.73
N PHE B 50 -12.90 9.43 -10.76
CA PHE B 50 -11.83 9.65 -9.78
C PHE B 50 -11.28 11.08 -9.92
N PHE B 51 -11.20 11.59 -11.15
CA PHE B 51 -10.67 12.91 -11.34
C PHE B 51 -11.47 13.92 -10.54
N ALA B 52 -12.77 13.81 -10.66
CA ALA B 52 -13.66 14.73 -10.03
C ALA B 52 -13.59 14.59 -8.51
N LEU B 53 -13.59 13.34 -8.04
CA LEU B 53 -13.61 13.09 -6.62
C LEU B 53 -12.35 13.64 -5.97
N GLY B 54 -11.18 13.19 -6.43
CA GLY B 54 -9.89 13.77 -6.02
C GLY B 54 -9.88 15.29 -6.14
N GLY B 55 -10.59 15.80 -7.15
CA GLY B 55 -10.61 17.20 -7.47
C GLY B 55 -11.34 18.03 -6.44
N TYR B 56 -12.28 17.43 -5.70
CA TYR B 56 -13.04 18.11 -4.60
C TYR B 56 -12.12 18.62 -3.47
N HIS B 57 -10.88 18.11 -3.38
CA HIS B 57 -9.99 18.32 -2.26
C HIS B 57 -8.93 19.42 -2.50
N GLY B 58 -8.84 20.04 -3.68
CA GLY B 58 -7.76 21.06 -3.95
C GLY B 58 -8.06 22.45 -3.39
N TYR B 82 -13.32 23.37 -1.08
CA TYR B 82 -14.45 22.69 -0.41
C TYR B 82 -14.03 22.16 0.97
N CYS B 83 -12.86 21.50 1.06
CA CYS B 83 -12.48 20.70 2.28
C CYS B 83 -12.34 21.56 3.55
N ASN B 84 -12.22 20.86 4.66
CA ASN B 84 -12.16 21.46 5.95
C ASN B 84 -10.96 20.87 6.68
N HIS B 85 -9.97 21.71 6.90
CA HIS B 85 -8.80 21.41 7.70
C HIS B 85 -8.67 22.48 8.79
N GLY B 86 -8.22 22.02 9.93
CA GLY B 86 -7.90 22.88 11.04
C GLY B 86 -9.13 23.43 11.71
N ASN B 87 -10.23 22.65 11.60
CA ASN B 87 -11.53 22.98 12.18
C ASN B 87 -12.28 21.69 12.51
N VAL B 88 -13.35 21.84 13.27
CA VAL B 88 -14.13 20.74 13.88
C VAL B 88 -14.85 19.89 12.83
N LEU B 89 -14.83 20.27 11.56
CA LEU B 89 -15.51 19.45 10.54
C LEU B 89 -14.50 18.56 9.81
N PHE B 90 -13.25 18.61 10.20
CA PHE B 90 -12.25 17.81 9.56
C PHE B 90 -12.71 16.35 9.53
N PRO B 91 -12.92 15.70 10.66
CA PRO B 91 -13.29 14.27 10.57
C PRO B 91 -14.62 13.91 9.88
N THR B 92 -15.68 14.66 10.07
CA THR B 92 -16.98 14.33 9.51
C THR B 92 -16.99 14.62 8.00
N TRP B 93 -16.32 15.68 7.61
CA TRP B 93 -16.26 16.00 6.22
C TRP B 93 -15.50 14.87 5.51
N HIS B 94 -14.39 14.42 6.10
CA HIS B 94 -13.58 13.41 5.41
C HIS B 94 -14.30 12.08 5.48
N ARG B 95 -15.06 11.86 6.53
CA ARG B 95 -15.84 10.63 6.57
C ARG B 95 -16.79 10.60 5.33
N MET B 96 -17.41 11.71 4.93
CA MET B 96 -18.35 11.70 3.82
C MET B 96 -17.61 11.60 2.47
N TYR B 97 -16.38 12.09 2.44
CA TYR B 97 -15.55 12.07 1.26
C TYR B 97 -15.25 10.61 0.93
N VAL B 98 -14.77 9.89 1.94
CA VAL B 98 -14.47 8.46 1.76
C VAL B 98 -15.74 7.74 1.31
N TYR B 99 -16.82 8.00 1.99
CA TYR B 99 -18.08 7.39 1.68
C TYR B 99 -18.45 7.70 0.21
N LYS B 100 -18.25 8.93 -0.25
CA LYS B 100 -18.74 9.30 -1.56
C LYS B 100 -17.90 8.59 -2.63
N LEU B 101 -16.58 8.48 -2.36
CA LEU B 101 -15.65 7.65 -3.14
C LEU B 101 -16.12 6.19 -3.18
N GLU B 102 -16.56 5.67 -2.04
CA GLU B 102 -16.95 4.29 -1.95
C GLU B 102 -18.24 4.08 -2.76
N GLU B 103 -19.08 5.11 -2.88
CA GLU B 103 -20.27 5.05 -3.73
C GLU B 103 -19.88 5.04 -5.20
N ALA B 104 -18.86 5.80 -5.58
CA ALA B 104 -18.39 5.80 -6.93
C ALA B 104 -17.86 4.40 -7.29
N LEU B 105 -17.06 3.80 -6.41
CA LEU B 105 -16.61 2.41 -6.60
C LEU B 105 -17.82 1.46 -6.75
N GLN B 106 -18.90 1.67 -6.01
CA GLN B 106 -19.99 0.70 -5.98
C GLN B 106 -20.81 0.78 -7.26
N SER B 107 -20.68 1.90 -7.97
CA SER B 107 -21.30 2.08 -9.25
C SER B 107 -20.54 1.30 -10.35
N ILE B 108 -19.40 0.65 -10.02
CA ILE B 108 -18.61 -0.23 -10.92
C ILE B 108 -18.87 -1.68 -10.52
N VAL B 109 -18.69 -1.95 -9.22
CA VAL B 109 -18.80 -3.27 -8.62
C VAL B 109 -19.77 -3.17 -7.44
N PRO B 110 -21.08 -3.40 -7.69
CA PRO B 110 -22.02 -3.38 -6.57
C PRO B 110 -21.51 -4.10 -5.30
N GLY B 111 -21.67 -3.46 -4.15
CA GLY B 111 -21.38 -4.12 -2.88
C GLY B 111 -19.93 -4.00 -2.44
N VAL B 112 -19.08 -3.35 -3.22
CA VAL B 112 -17.66 -3.31 -2.85
C VAL B 112 -17.46 -2.35 -1.66
N SER B 113 -16.64 -2.76 -0.70
CA SER B 113 -16.27 -1.91 0.43
C SER B 113 -14.91 -1.26 0.18
N MET B 114 -14.71 -0.05 0.69
CA MET B 114 -13.37 0.53 0.71
C MET B 114 -12.61 -0.02 1.94
N PRO B 115 -11.45 -0.65 1.73
CA PRO B 115 -10.62 -1.10 2.83
C PRO B 115 -9.72 0.01 3.37
N PHE B 116 -9.16 -0.21 4.56
CA PHE B 116 -8.29 0.75 5.22
C PHE B 116 -6.84 0.23 5.21
N TRP B 117 -5.89 1.09 4.87
CA TRP B 117 -4.50 0.85 5.22
C TRP B 117 -4.34 1.04 6.72
N ASP B 118 -4.23 -0.08 7.42
CA ASP B 118 -4.03 -0.08 8.85
C ASP B 118 -2.62 0.33 9.15
N GLU B 119 -2.38 1.59 9.56
CA GLU B 119 -0.99 2.10 9.51
C GLU B 119 -0.28 1.91 10.86
N THR B 120 -0.95 1.29 11.83
CA THR B 120 -0.31 0.99 13.12
C THR B 120 -0.34 -0.53 13.43
N ASP B 121 -0.60 -1.37 12.42
CA ASP B 121 -0.46 -2.84 12.57
C ASP B 121 1.00 -3.30 12.50
N GLU B 122 1.23 -4.52 13.00
CA GLU B 122 2.62 -5.05 13.10
C GLU B 122 3.27 -5.07 11.71
N TYR B 123 2.49 -5.35 10.68
CA TYR B 123 3.05 -5.40 9.37
C TYR B 123 3.62 -4.03 9.00
N THR B 124 2.85 -2.97 9.19
CA THR B 124 3.31 -1.67 8.70
C THR B 124 4.48 -1.20 9.58
N LEU B 125 4.42 -1.48 10.87
CA LEU B 125 5.55 -1.10 11.73
C LEU B 125 6.84 -1.73 11.22
N LYS B 126 6.76 -2.97 10.73
CA LYS B 126 7.97 -3.76 10.40
C LYS B 126 8.33 -3.67 8.91
N HIS B 127 7.37 -3.60 7.97
CA HIS B 127 7.69 -3.64 6.52
C HIS B 127 7.14 -2.44 5.74
N GLY B 128 6.35 -1.56 6.35
CA GLY B 128 5.89 -0.34 5.66
C GLY B 128 4.56 -0.54 4.92
N ILE B 129 4.47 0.08 3.73
CA ILE B 129 3.20 0.10 3.01
C ILE B 129 2.97 -1.28 2.42
N PRO B 130 1.77 -1.86 2.63
CA PRO B 130 1.43 -3.15 1.99
C PRO B 130 1.55 -3.06 0.46
N SER B 131 2.21 -4.06 -0.12
CA SER B 131 2.75 -3.94 -1.48
C SER B 131 1.61 -3.71 -2.48
N ILE B 132 0.35 -4.04 -2.18
CA ILE B 132 -0.74 -3.82 -3.15
C ILE B 132 -0.90 -2.32 -3.45
N LEU B 133 -0.47 -1.44 -2.53
CA LEU B 133 -0.53 0.01 -2.75
C LEU B 133 0.68 0.53 -3.55
N THR B 134 1.75 -0.24 -3.71
CA THR B 134 2.98 0.33 -4.28
C THR B 134 3.39 -0.36 -5.60
N GLN B 135 2.87 -1.57 -5.85
CA GLN B 135 3.25 -2.43 -7.01
C GLN B 135 2.91 -1.76 -8.33
N GLU B 136 3.65 -2.12 -9.37
CA GLU B 136 3.51 -1.50 -10.67
C GLU B 136 2.35 -2.14 -11.42
N LYS B 137 2.15 -3.43 -11.18
CA LYS B 137 1.30 -4.27 -12.00
C LYS B 137 0.26 -4.98 -11.16
N PHE B 138 -0.82 -5.32 -11.81
CA PHE B 138 -1.86 -6.18 -11.21
C PHE B 138 -2.54 -6.98 -12.33
N GLU B 139 -3.02 -8.16 -11.97
CA GLU B 139 -3.51 -9.13 -12.91
C GLU B 139 -5.04 -9.17 -12.74
N LEU B 140 -5.75 -8.58 -13.72
CA LEU B 140 -7.20 -8.52 -13.69
C LEU B 140 -7.74 -9.05 -15.03
N ASP B 141 -8.74 -9.93 -15.00
CA ASP B 141 -9.34 -10.54 -16.21
C ASP B 141 -8.34 -11.34 -17.09
N GLY B 142 -7.40 -12.00 -16.43
CA GLY B 142 -6.33 -12.67 -17.11
C GLY B 142 -5.39 -11.72 -17.85
N LYS B 143 -5.36 -10.45 -17.44
CA LYS B 143 -4.45 -9.45 -18.03
C LYS B 143 -3.59 -8.81 -16.93
N GLN B 144 -2.35 -8.52 -17.29
CA GLN B 144 -1.44 -7.75 -16.48
C GLN B 144 -1.66 -6.27 -16.82
N ILE B 145 -2.17 -5.49 -15.87
CA ILE B 145 -2.44 -4.03 -16.10
C ILE B 145 -1.67 -3.22 -15.07
N ASP B 146 -1.47 -1.95 -15.41
CA ASP B 146 -1.02 -0.97 -14.42
C ASP B 146 -1.93 -0.92 -13.18
N ASN B 147 -1.29 -0.90 -12.03
CA ASN B 147 -1.91 -0.86 -10.73
C ASN B 147 -2.56 0.52 -10.56
N PRO B 148 -3.88 0.54 -10.56
CA PRO B 148 -4.53 1.81 -10.39
C PRO B 148 -4.28 2.40 -9.00
N LEU B 149 -3.85 1.60 -8.05
CA LEU B 149 -3.63 2.09 -6.69
C LEU B 149 -2.27 2.79 -6.55
N ARG B 150 -1.34 2.49 -7.43
CA ARG B 150 0.03 2.98 -7.29
C ARG B 150 0.06 4.49 -7.61
N SER B 151 -0.75 4.91 -8.55
CA SER B 151 -0.72 6.27 -9.00
C SER B 151 -1.91 6.55 -9.95
N PHE B 152 -2.01 7.78 -10.41
CA PHE B 152 -3.07 8.19 -11.27
C PHE B 152 -2.52 9.14 -12.36
N VAL B 153 -2.90 8.91 -13.61
CA VAL B 153 -2.49 9.81 -14.73
C VAL B 153 -3.56 10.87 -14.91
N LEU B 154 -3.21 12.14 -14.80
CA LEU B 154 -4.18 13.23 -14.98
C LEU B 154 -4.72 13.21 -16.41
N PRO B 155 -6.05 13.18 -16.55
CA PRO B 155 -6.65 13.17 -17.88
C PRO B 155 -6.81 14.58 -18.47
N VAL B 156 -6.72 15.60 -17.64
CA VAL B 156 -6.73 17.00 -18.06
C VAL B 156 -5.81 17.75 -17.11
N ALA B 157 -5.42 18.97 -17.49
CA ALA B 157 -4.49 19.80 -16.70
C ALA B 157 -5.20 20.34 -15.48
N LEU B 158 -4.39 20.70 -14.47
CA LEU B 158 -4.81 21.58 -13.36
C LEU B 158 -3.99 22.88 -13.44
N SER B 159 -4.66 24.01 -13.72
CA SER B 159 -3.98 25.29 -14.00
C SER B 159 -4.98 26.47 -13.95
N ASP B 160 -4.55 27.67 -14.41
CA ASP B 160 -5.42 28.89 -14.57
C ASP B 160 -6.04 29.04 -15.95
N ASP B 165 6.12 31.73 -17.45
CA ASP B 165 5.31 31.92 -16.25
C ASP B 165 4.79 30.53 -15.79
N GLY B 166 3.52 30.47 -15.37
CA GLY B 166 2.99 29.29 -14.72
C GLY B 166 3.34 29.29 -13.25
N ASN B 167 2.59 28.52 -12.47
CA ASN B 167 2.86 28.32 -11.05
C ASN B 167 3.49 26.93 -10.86
N ILE B 168 4.33 26.79 -9.82
CA ILE B 168 5.09 25.54 -9.59
C ILE B 168 4.19 24.33 -9.29
N TYR B 169 2.97 24.55 -8.81
CA TYR B 169 2.10 23.48 -8.35
C TYR B 169 1.06 23.11 -9.41
N GLU B 170 1.14 23.73 -10.59
CA GLU B 170 0.23 23.37 -11.69
C GLU B 170 0.70 22.05 -12.31
N LYS B 171 -0.23 21.35 -12.93
CA LYS B 171 0.11 20.04 -13.38
C LYS B 171 -0.50 19.84 -14.77
N PRO B 172 0.31 19.30 -15.68
CA PRO B 172 -0.12 19.10 -17.07
C PRO B 172 -0.97 17.83 -17.24
N LYS B 173 -1.80 17.82 -18.28
CA LYS B 173 -2.40 16.62 -18.80
C LYS B 173 -1.34 15.55 -18.95
N GLY B 174 -1.59 14.37 -18.42
CA GLY B 174 -0.63 13.25 -18.50
C GLY B 174 0.33 13.19 -17.32
N TYR B 175 0.28 14.18 -16.42
CA TYR B 175 1.05 14.08 -15.19
C TYR B 175 0.62 12.83 -14.36
N VAL B 176 1.64 12.08 -13.93
CA VAL B 176 1.45 10.91 -13.07
C VAL B 176 1.91 11.29 -11.66
N THR B 177 1.03 10.97 -10.70
CA THR B 177 1.28 11.26 -9.26
C THR B 177 2.50 10.48 -8.77
N VAL B 178 3.18 11.05 -7.81
CA VAL B 178 4.40 10.49 -7.33
C VAL B 178 4.44 10.61 -5.80
N ARG B 179 5.09 9.64 -5.21
CA ARG B 179 5.32 9.52 -3.80
C ARG B 179 6.82 9.53 -3.50
N TYR B 180 7.16 9.72 -2.23
CA TYR B 180 8.57 9.81 -1.81
C TYR B 180 9.34 8.58 -2.32
N PRO B 181 10.57 8.68 -2.84
CA PRO B 181 11.48 9.83 -2.77
C PRO B 181 11.48 10.71 -4.03
N LEU B 182 10.46 10.56 -4.85
CA LEU B 182 10.41 11.30 -6.09
C LEU B 182 9.80 12.69 -5.84
N SER B 183 9.99 13.57 -6.80
CA SER B 183 9.35 14.89 -6.74
C SER B 183 8.46 15.06 -7.96
N GLY B 184 7.35 15.77 -7.79
CA GLY B 184 6.38 15.92 -8.81
C GLY B 184 6.13 17.38 -9.13
N LEU B 185 7.10 18.25 -8.86
CA LEU B 185 6.90 19.71 -9.07
C LEU B 185 7.32 20.12 -10.49
N VAL B 186 6.36 20.48 -11.34
CA VAL B 186 6.61 20.63 -12.78
C VAL B 186 5.87 21.83 -13.36
N GLY B 187 5.46 22.77 -12.55
CA GLY B 187 4.51 23.77 -13.04
C GLY B 187 5.19 24.90 -13.82
N THR B 188 6.52 25.00 -13.71
CA THR B 188 7.38 25.96 -14.40
C THR B 188 8.58 25.19 -14.99
N PRO B 189 9.18 25.75 -16.05
CA PRO B 189 10.47 25.29 -16.55
C PRO B 189 11.51 25.04 -15.45
N GLU B 190 11.69 26.02 -14.56
CA GLU B 190 12.75 25.95 -13.55
C GLU B 190 12.49 24.75 -12.62
N ALA B 191 11.22 24.57 -12.24
CA ALA B 191 10.84 23.50 -11.34
C ALA B 191 10.91 22.14 -12.05
N LEU B 192 10.60 22.12 -13.34
CA LEU B 192 10.66 20.86 -14.07
C LEU B 192 12.11 20.40 -14.14
N GLU B 193 13.06 21.30 -14.42
CA GLU B 193 14.44 20.86 -14.57
C GLU B 193 14.96 20.27 -13.24
N GLN B 194 14.63 20.93 -12.11
CA GLN B 194 15.05 20.48 -10.78
C GLN B 194 14.47 19.10 -10.45
N THR B 195 13.20 18.94 -10.83
CA THR B 195 12.50 17.69 -10.62
C THR B 195 13.21 16.57 -11.40
N LYS B 196 13.62 16.87 -12.61
CA LYS B 196 14.24 15.87 -13.49
C LYS B 196 15.60 15.49 -12.89
N ILE B 197 16.33 16.48 -12.40
CA ILE B 197 17.65 16.23 -11.78
C ILE B 197 17.48 15.37 -10.52
N HIS B 198 16.61 15.81 -9.63
CA HIS B 198 16.28 15.08 -8.41
C HIS B 198 15.85 13.65 -8.75
N ASN B 199 14.99 13.47 -9.77
CA ASN B 199 14.41 12.14 -10.00
C ASN B 199 15.50 11.21 -10.58
N ALA B 200 16.37 11.79 -11.39
CA ALA B 200 17.58 11.12 -11.90
C ALA B 200 18.31 10.35 -10.79
N LYS B 201 18.38 10.87 -9.57
CA LYS B 201 19.13 10.20 -8.48
C LYS B 201 18.42 8.92 -8.06
N PHE B 202 17.17 8.74 -8.50
CA PHE B 202 16.30 7.68 -8.01
C PHE B 202 15.66 6.94 -9.19
N PRO B 203 16.50 6.37 -10.06
CA PRO B 203 16.08 5.71 -11.31
C PRO B 203 15.19 4.46 -11.18
N LEU B 204 15.25 3.73 -10.06
CA LEU B 204 14.79 2.32 -9.97
C LEU B 204 13.55 2.17 -9.08
N PRO B 205 12.39 1.86 -9.66
CA PRO B 205 11.15 1.80 -8.84
C PRO B 205 11.24 0.87 -7.63
N GLU B 206 11.98 -0.24 -7.71
CA GLU B 206 12.00 -1.24 -6.63
C GLU B 206 12.76 -0.66 -5.44
N LYS B 207 13.89 0.01 -5.68
CA LYS B 207 14.61 0.66 -4.59
C LYS B 207 13.72 1.75 -3.99
N ASN B 208 13.05 2.53 -4.86
CA ASN B 208 12.24 3.66 -4.49
C ASN B 208 11.19 3.24 -3.47
N THR B 209 10.65 2.04 -3.64
CA THR B 209 9.66 1.47 -2.70
C THR B 209 10.34 1.14 -1.37
N GLU B 210 11.56 0.57 -1.40
CA GLU B 210 12.36 0.25 -0.16
C GLU B 210 12.58 1.54 0.66
N LEU B 211 12.90 2.65 -0.02
CA LEU B 211 13.12 3.91 0.62
C LEU B 211 11.83 4.40 1.26
N LEU B 212 10.74 4.35 0.49
CA LEU B 212 9.46 4.81 0.99
C LEU B 212 9.08 4.01 2.24
N ASN B 213 9.22 2.71 2.18
CA ASN B 213 8.75 1.84 3.29
C ASN B 213 9.60 2.11 4.54
N SER B 214 10.87 2.33 4.31
CA SER B 214 11.84 2.67 5.32
C SER B 214 11.48 4.01 5.99
N ASN B 215 11.10 4.99 5.18
CA ASN B 215 10.68 6.31 5.72
C ASN B 215 9.40 6.20 6.57
N VAL B 216 8.37 5.47 6.08
CA VAL B 216 7.12 5.30 6.81
C VAL B 216 7.36 4.61 8.17
N ARG B 217 8.29 3.68 8.23
CA ARG B 217 8.61 3.00 9.51
C ARG B 217 9.32 3.98 10.48
N ALA B 218 10.23 4.77 9.99
CA ALA B 218 10.92 5.79 10.82
C ALA B 218 9.88 6.75 11.41
N TRP B 219 8.93 7.24 10.62
CA TRP B 219 7.83 8.08 11.15
C TRP B 219 7.05 7.31 12.21
N LEU B 220 6.74 6.08 11.92
CA LEU B 220 5.86 5.37 12.85
C LEU B 220 6.57 5.17 14.18
N LYS B 221 7.85 4.91 14.11
CA LYS B 221 8.64 4.54 15.29
C LYS B 221 8.96 5.81 16.11
N GLY B 222 9.29 6.90 15.43
CA GLY B 222 9.83 8.13 16.05
C GLY B 222 11.35 8.11 16.22
N ASP B 223 12.07 7.45 15.31
CA ASP B 223 13.53 7.21 15.34
C ASP B 223 13.94 6.23 14.22
N SER B 224 15.26 6.11 13.99
CA SER B 224 15.85 5.13 13.04
C SER B 224 15.28 3.74 13.31
N PRO B 225 14.68 3.06 12.30
CA PRO B 225 14.04 1.72 12.48
C PRO B 225 15.01 0.57 12.81
N THR B 226 14.74 -0.13 13.93
CA THR B 226 15.46 -1.38 14.31
C THR B 226 14.92 -2.54 13.47
N PRO B 227 15.80 -3.44 12.99
CA PRO B 227 15.27 -4.75 12.59
C PRO B 227 15.00 -5.60 13.83
N GLY B 228 14.11 -6.58 13.71
CA GLY B 228 13.57 -7.33 14.84
C GLY B 228 12.18 -6.84 15.19
N ASP B 229 11.85 -6.81 16.50
CA ASP B 229 10.55 -6.29 16.99
C ASP B 229 10.47 -4.75 16.87
N PRO B 230 9.27 -4.22 16.53
CA PRO B 230 9.14 -2.81 16.11
C PRO B 230 9.53 -1.78 17.19
N ASP B 231 8.97 -1.90 18.41
CA ASP B 231 9.34 -1.05 19.56
C ASP B 231 9.15 0.47 19.34
N PRO B 232 7.90 0.94 19.13
CA PRO B 232 7.77 2.37 18.83
C PRO B 232 8.16 3.23 20.04
N THR B 233 8.66 4.43 19.78
CA THR B 233 9.00 5.37 20.83
C THR B 233 7.76 6.21 21.19
N ARG B 234 7.92 7.11 22.14
CA ARG B 234 6.87 8.04 22.57
C ARG B 234 6.70 9.19 21.57
N ASN B 235 7.61 9.35 20.61
CA ASN B 235 7.72 10.52 19.75
C ASN B 235 7.07 10.32 18.37
N GLY B 236 6.85 9.07 17.96
CA GLY B 236 6.45 8.77 16.61
C GLY B 236 4.95 8.80 16.40
N VAL B 237 4.55 8.49 15.17
CA VAL B 237 3.15 8.59 14.72
C VAL B 237 2.29 7.57 15.45
N TYR B 238 2.88 6.41 15.67
CA TYR B 238 2.19 5.35 16.38
C TYR B 238 1.66 5.93 17.69
N ALA B 239 2.55 6.57 18.42
CA ALA B 239 2.25 7.10 19.75
C ALA B 239 1.23 8.24 19.59
N LYS B 240 1.31 8.96 18.48
CA LYS B 240 0.42 10.08 18.26
C LYS B 240 -0.98 9.51 18.01
N TYR B 241 -1.07 8.40 17.22
CA TYR B 241 -2.37 7.72 17.03
C TYR B 241 -2.93 7.23 18.38
N VAL B 242 -2.10 6.67 19.24
CA VAL B 242 -2.57 6.14 20.51
C VAL B 242 -3.11 7.29 21.35
N ARG B 243 -2.43 8.43 21.38
CA ARG B 243 -2.85 9.58 22.26
C ARG B 243 -4.18 10.21 21.77
N CYS B 244 -4.38 10.32 20.47
CA CYS B 244 -5.60 10.91 19.97
C CYS B 244 -6.79 10.07 20.44
N LEU B 245 -6.65 8.75 20.56
CA LEU B 245 -7.79 7.95 21.12
C LEU B 245 -8.10 8.35 22.56
N SER B 246 -7.30 9.19 23.22
CA SER B 246 -7.60 9.64 24.58
C SER B 246 -8.13 11.09 24.64
N ALA B 247 -8.31 11.70 23.47
CA ALA B 247 -8.90 13.04 23.39
C ALA B 247 -10.15 13.10 24.26
N PRO B 248 -10.27 14.14 25.12
CA PRO B 248 -11.37 14.21 26.06
C PRO B 248 -12.67 14.70 25.42
N ASN B 249 -12.69 15.28 24.23
CA ASN B 249 -14.03 15.59 23.60
C ASN B 249 -13.87 15.69 22.09
N TYR B 250 -15.00 15.72 21.40
CA TYR B 250 -14.98 15.77 19.96
C TYR B 250 -14.20 16.98 19.45
N THR B 251 -14.24 18.07 20.18
CA THR B 251 -13.76 19.35 19.72
C THR B 251 -12.23 19.27 19.57
N VAL B 252 -11.59 18.79 20.63
CA VAL B 252 -10.15 18.73 20.64
C VAL B 252 -9.67 17.50 19.85
N PHE B 253 -10.50 16.47 19.77
CA PHE B 253 -10.18 15.33 18.95
C PHE B 253 -10.15 15.76 17.48
N SER B 254 -11.05 16.65 17.11
CA SER B 254 -11.32 16.83 15.67
C SER B 254 -10.15 17.50 14.95
N ASN B 255 -9.39 18.41 15.57
CA ASN B 255 -8.46 19.21 14.73
C ASN B 255 -7.39 19.92 15.57
N THR B 256 -6.33 20.30 14.86
CA THR B 256 -5.06 20.84 15.44
C THR B 256 -5.28 22.25 15.99
N THR B 257 -6.25 22.99 15.45
CA THR B 257 -6.44 24.37 15.91
C THR B 257 -7.05 24.31 17.32
N SER B 258 -8.16 23.59 17.48
CA SER B 258 -8.84 23.45 18.80
C SER B 258 -7.90 22.85 19.87
N ALA B 259 -7.19 21.80 19.52
CA ALA B 259 -6.36 21.00 20.43
C ALA B 259 -5.16 21.80 20.89
N SER B 260 -4.60 22.59 20.00
CA SER B 260 -3.51 23.48 20.38
C SER B 260 -3.99 24.53 21.41
N VAL B 261 -5.21 25.06 21.26
CA VAL B 261 -5.70 26.06 22.24
C VAL B 261 -6.01 25.37 23.58
N TRP B 262 -6.43 24.12 23.53
CA TRP B 262 -6.79 23.36 24.70
C TRP B 262 -5.54 23.11 25.53
N ASN B 263 -4.52 22.59 24.88
CA ASN B 263 -3.23 22.42 25.50
C ASN B 263 -2.68 23.75 26.06
N SER B 264 -3.14 24.90 25.60
CA SER B 264 -2.59 26.18 26.10
C SER B 264 -3.23 26.56 27.44
N SER B 265 -4.38 25.98 27.72
CA SER B 265 -5.19 26.40 28.84
C SER B 265 -5.60 25.22 29.75
N ASN B 266 -5.26 23.99 29.43
CA ASN B 266 -5.60 22.86 30.26
C ASN B 266 -4.31 22.08 30.60
N PRO B 267 -4.27 21.45 31.78
CA PRO B 267 -3.11 20.60 32.15
C PRO B 267 -3.02 19.32 31.28
N GLY B 268 -1.80 18.92 30.99
CA GLY B 268 -1.61 17.65 30.29
C GLY B 268 -1.44 17.89 28.82
N LEU B 269 -1.58 16.85 28.01
CA LEU B 269 -1.36 17.01 26.61
C LEU B 269 -2.47 16.28 25.85
N VAL B 270 -3.05 16.95 24.88
CA VAL B 270 -4.09 16.37 24.07
C VAL B 270 -3.63 16.34 22.62
N THR B 271 -3.98 15.31 21.86
CA THR B 271 -3.59 15.13 20.47
C THR B 271 -4.85 14.85 19.62
N PRO B 272 -5.03 15.62 18.57
CA PRO B 272 -6.12 15.44 17.65
C PRO B 272 -5.72 14.43 16.59
N VAL B 273 -6.69 13.71 16.08
CA VAL B 273 -6.50 12.74 15.06
C VAL B 273 -5.91 13.41 13.80
N GLU B 274 -6.27 14.67 13.51
CA GLU B 274 -5.61 15.43 12.40
C GLU B 274 -4.06 15.43 12.48
N SER B 275 -3.48 15.20 13.63
CA SER B 275 -2.02 15.43 13.80
C SER B 275 -1.17 14.20 13.34
N PRO B 276 -1.49 12.96 13.75
CA PRO B 276 -0.76 11.95 13.04
C PRO B 276 -1.19 11.81 11.57
N HIS B 277 -2.41 12.18 11.23
CA HIS B 277 -2.85 12.14 9.83
C HIS B 277 -1.99 13.11 8.98
N ASN B 278 -1.72 14.29 9.45
CA ASN B 278 -0.74 15.18 8.81
C ASN B 278 0.62 14.48 8.67
N ASP B 279 1.09 13.80 9.72
CA ASP B 279 2.41 13.13 9.66
C ASP B 279 2.51 12.08 8.48
N ILE B 280 1.46 11.29 8.31
CA ILE B 280 1.48 10.29 7.25
C ILE B 280 1.57 11.04 5.91
N HIS B 281 0.75 12.06 5.72
CA HIS B 281 0.82 12.91 4.53
C HIS B 281 2.25 13.37 4.25
N LEU B 282 2.94 13.89 5.29
CA LEU B 282 4.31 14.40 5.00
C LEU B 282 5.28 13.23 4.73
N ALA B 283 5.12 12.10 5.42
CA ALA B 283 5.99 10.97 5.21
C ALA B 283 5.87 10.45 3.78
N VAL B 284 4.65 10.15 3.32
CA VAL B 284 4.45 9.67 1.94
C VAL B 284 4.73 10.79 0.93
N GLY B 285 4.37 12.03 1.24
CA GLY B 285 4.53 13.12 0.26
C GLY B 285 5.91 13.80 0.30
N GLY B 286 6.94 13.20 0.94
CA GLY B 286 8.28 13.65 0.65
C GLY B 286 9.11 14.16 1.83
N PHE B 287 8.71 13.96 3.09
CA PHE B 287 9.54 14.43 4.20
C PHE B 287 10.19 13.26 4.90
N ASP B 288 11.51 13.32 4.95
CA ASP B 288 12.34 12.43 5.72
C ASP B 288 12.18 12.75 7.18
N TYR B 289 12.11 11.75 8.08
CA TYR B 289 11.89 12.03 9.52
C TYR B 289 13.11 12.77 10.09
N GLY B 290 14.29 12.15 10.02
CA GLY B 290 15.56 12.79 10.41
C GLY B 290 16.76 11.95 10.00
N GLN B 296 18.01 20.42 5.85
CA GLN B 296 16.87 21.25 6.26
C GLN B 296 15.77 21.28 5.17
N ILE B 297 16.11 21.07 3.89
CA ILE B 297 15.14 21.20 2.82
C ILE B 297 14.65 19.81 2.40
N ALA B 298 13.32 19.62 2.43
CA ALA B 298 12.65 18.47 1.80
C ALA B 298 12.48 18.72 0.28
N GLY B 299 13.24 17.95 -0.52
CA GLY B 299 13.39 18.14 -1.98
C GLY B 299 12.43 17.30 -2.81
N ALA B 300 11.78 16.31 -2.16
CA ALA B 300 10.77 15.41 -2.75
C ALA B 300 9.38 16.02 -2.58
N ASN B 301 8.86 16.68 -3.58
CA ASN B 301 7.56 17.22 -3.53
C ASN B 301 6.53 16.22 -4.06
N GLY B 302 6.22 15.23 -3.26
CA GLY B 302 5.16 14.32 -3.58
C GLY B 302 3.77 14.94 -3.45
N ASP B 303 2.85 14.38 -4.19
CA ASP B 303 1.48 14.90 -4.23
C ASP B 303 0.84 14.84 -2.87
N MET B 304 1.16 13.81 -2.10
CA MET B 304 0.51 13.70 -0.81
C MET B 304 1.00 14.80 0.14
N GLY B 305 2.19 15.38 -0.05
CA GLY B 305 2.80 16.31 0.95
C GLY B 305 2.11 17.69 1.09
N GLU B 306 1.20 18.01 0.17
CA GLU B 306 0.50 19.27 0.16
C GLU B 306 -0.99 19.04 -0.13
N ASN B 307 -1.80 19.98 0.29
CA ASN B 307 -3.24 19.88 0.06
C ASN B 307 -3.62 20.24 -1.39
N ASN B 308 -2.67 20.62 -2.24
CA ASN B 308 -2.99 21.07 -3.60
C ASN B 308 -3.45 19.91 -4.48
N THR B 309 -2.86 18.75 -4.36
CA THR B 309 -3.14 17.64 -5.25
C THR B 309 -3.18 16.31 -4.49
N ALA B 310 -3.29 16.31 -3.17
CA ALA B 310 -3.17 15.09 -2.40
C ALA B 310 -4.24 14.06 -2.81
N GLY B 311 -5.46 14.53 -3.01
CA GLY B 311 -6.58 13.61 -3.33
C GLY B 311 -6.41 12.95 -4.70
N MET B 312 -5.46 13.38 -5.56
CA MET B 312 -5.24 12.64 -6.82
C MET B 312 -4.36 11.41 -6.60
N ASP B 313 -3.81 11.20 -5.41
CA ASP B 313 -3.10 9.96 -5.17
C ASP B 313 -4.10 9.06 -4.50
N PRO B 314 -4.33 7.89 -5.05
CA PRO B 314 -5.19 6.90 -4.44
C PRO B 314 -4.88 6.56 -2.97
N ILE B 315 -3.62 6.56 -2.54
CA ILE B 315 -3.34 6.18 -1.16
C ILE B 315 -3.98 7.20 -0.22
N PHE B 316 -4.22 8.42 -0.72
CA PHE B 316 -4.99 9.39 0.06
C PHE B 316 -6.15 8.68 0.78
N PHE B 317 -6.92 7.89 0.01
CA PHE B 317 -8.19 7.31 0.44
C PHE B 317 -8.02 6.05 1.30
N PHE B 318 -6.90 5.34 1.23
CA PHE B 318 -6.60 4.21 2.11
C PHE B 318 -6.19 4.75 3.47
N HIS B 319 -5.46 5.84 3.44
CA HIS B 319 -5.16 6.67 4.61
C HIS B 319 -6.42 7.20 5.31
N HIS B 320 -7.23 7.95 4.56
CA HIS B 320 -8.45 8.55 5.14
C HIS B 320 -9.44 7.47 5.59
N CYS B 321 -9.42 6.34 4.92
CA CYS B 321 -10.25 5.28 5.42
C CYS B 321 -9.75 4.84 6.80
N ASN B 322 -8.45 4.79 7.00
CA ASN B 322 -7.92 4.50 8.33
C ASN B 322 -8.12 5.66 9.31
N VAL B 323 -8.07 6.92 8.87
CA VAL B 323 -8.40 8.06 9.73
C VAL B 323 -9.87 7.99 10.15
N ASP B 324 -10.75 7.70 9.18
CA ASP B 324 -12.16 7.51 9.55
C ASP B 324 -12.39 6.34 10.59
N ARG B 325 -11.60 5.26 10.49
CA ARG B 325 -11.65 4.12 11.46
C ARG B 325 -11.19 4.56 12.86
N MET B 326 -10.08 5.34 13.02
CA MET B 326 -9.65 5.94 14.33
C MET B 326 -10.74 6.86 14.91
N PHE B 327 -11.38 7.66 14.07
CA PHE B 327 -12.54 8.45 14.48
C PHE B 327 -13.60 7.54 15.09
N TRP B 328 -13.97 6.48 14.39
CA TRP B 328 -15.00 5.49 14.90
C TRP B 328 -14.54 4.79 16.20
N VAL B 329 -13.26 4.44 16.32
CA VAL B 329 -12.73 3.82 17.56
C VAL B 329 -12.78 4.81 18.74
N TRP B 330 -12.42 6.06 18.50
CA TRP B 330 -12.61 7.09 19.53
C TRP B 330 -14.07 7.05 19.96
N GLN B 331 -14.99 7.12 18.99
CA GLN B 331 -16.42 7.18 19.34
C GLN B 331 -16.78 5.95 20.21
N LYS B 332 -16.40 4.74 19.82
CA LYS B 332 -16.82 3.52 20.57
C LYS B 332 -16.19 3.54 21.97
N GLN B 333 -14.88 3.80 22.08
CA GLN B 333 -14.18 3.82 23.39
C GLN B 333 -14.69 4.95 24.32
N THR B 334 -15.28 6.03 23.79
CA THR B 334 -15.67 7.17 24.62
C THR B 334 -17.20 7.27 24.78
N GLY B 335 -17.99 6.40 24.17
CA GLY B 335 -19.46 6.52 24.31
C GLY B 335 -20.07 7.56 23.40
N HIS B 336 -19.32 8.02 22.40
CA HIS B 336 -19.85 9.07 21.54
C HIS B 336 -20.26 8.50 20.17
N THR B 337 -20.75 7.26 20.08
CA THR B 337 -21.19 6.69 18.78
C THR B 337 -22.57 7.23 18.35
N ASP B 338 -23.29 7.97 19.19
CA ASP B 338 -24.56 8.58 18.73
C ASP B 338 -24.73 10.07 19.00
N ARG B 339 -24.11 10.54 20.08
CA ARG B 339 -23.97 11.96 20.42
C ARG B 339 -22.54 12.41 20.14
N LEU B 340 -22.42 13.47 19.35
CA LEU B 340 -21.23 14.37 19.34
C LEU B 340 -21.60 15.77 19.85
N ASP B 341 -20.69 16.41 20.57
CA ASP B 341 -20.87 17.79 21.06
C ASP B 341 -19.73 18.61 20.53
N ILE B 342 -20.05 19.78 19.98
CA ILE B 342 -19.09 20.80 19.56
C ILE B 342 -19.18 21.99 20.53
N ILE B 343 -18.01 22.43 21.00
CA ILE B 343 -17.94 23.47 22.04
C ILE B 343 -18.04 24.85 21.38
N ARG B 344 -19.08 25.62 21.70
CA ARG B 344 -19.40 26.84 20.99
C ARG B 344 -18.31 27.88 21.27
N ASN B 345 -17.98 28.64 20.21
CA ASN B 345 -16.96 29.70 20.18
C ASN B 345 -15.55 29.14 20.39
N TYR B 346 -15.36 27.82 20.47
CA TYR B 346 -14.01 27.32 20.72
C TYR B 346 -13.23 27.51 19.43
N PRO B 347 -12.01 28.00 19.54
CA PRO B 347 -11.22 28.07 18.35
C PRO B 347 -11.26 26.71 17.64
N GLY B 348 -11.29 26.79 16.31
CA GLY B 348 -11.59 25.69 15.42
C GLY B 348 -13.08 25.59 15.09
N THR B 349 -13.96 26.40 15.70
CA THR B 349 -15.40 26.34 15.37
C THR B 349 -15.81 27.48 14.44
N ASN B 350 -14.90 27.98 13.60
CA ASN B 350 -15.17 29.09 12.69
C ASN B 350 -14.24 28.99 11.46
N ALA B 351 -14.73 29.21 10.24
CA ALA B 351 -13.79 29.49 9.07
C ALA B 351 -13.40 30.98 9.06
N GLU B 365 -18.57 32.44 8.98
CA GLU B 365 -19.64 31.49 9.28
C GLU B 365 -19.20 30.56 10.43
N SER B 366 -20.20 30.10 11.17
CA SER B 366 -20.02 29.41 12.45
C SER B 366 -20.33 27.91 12.28
N LEU B 367 -19.41 27.03 12.66
CA LEU B 367 -19.46 25.61 12.29
C LEU B 367 -20.13 24.77 13.38
N ASN B 368 -21.00 23.87 13.01
CA ASN B 368 -21.60 22.97 14.00
C ASN B 368 -22.09 21.71 13.25
N LEU B 369 -22.75 20.79 13.99
CA LEU B 369 -23.25 19.52 13.44
C LEU B 369 -24.28 19.72 12.31
N THR B 370 -24.96 20.87 12.22
CA THR B 370 -25.94 21.13 11.15
C THR B 370 -25.24 21.74 9.93
N THR B 371 -24.00 22.16 10.05
CA THR B 371 -23.32 22.76 8.91
C THR B 371 -23.28 21.78 7.74
N PRO B 372 -23.46 22.31 6.53
CA PRO B 372 -23.45 21.54 5.31
C PRO B 372 -22.05 21.04 4.96
N LEU B 373 -21.92 19.78 4.60
CA LEU B 373 -20.65 19.23 4.19
C LEU B 373 -20.56 19.24 2.68
N ASN B 374 -20.45 20.41 2.09
CA ASN B 374 -20.39 20.57 0.65
C ASN B 374 -19.12 19.95 0.06
N PRO B 375 -19.22 19.38 -1.13
CA PRO B 375 -20.41 19.38 -1.99
C PRO B 375 -21.15 18.03 -1.97
N PHE B 376 -21.19 17.39 -0.83
CA PHE B 376 -21.80 16.08 -0.77
C PHE B 376 -23.30 16.25 -0.55
N LYS B 377 -24.08 15.39 -1.21
CA LYS B 377 -25.55 15.51 -1.32
C LYS B 377 -26.21 14.13 -1.34
N LYS B 378 -27.44 14.06 -0.85
CA LYS B 378 -28.16 12.79 -0.81
C LYS B 378 -28.86 12.59 -2.16
N ALA B 379 -29.55 11.45 -2.29
CA ALA B 379 -30.39 11.17 -3.46
C ALA B 379 -31.39 12.32 -3.65
N SER B 380 -31.93 12.76 -2.51
CA SER B 380 -32.97 13.75 -2.45
C SER B 380 -32.46 15.13 -2.90
N GLY B 381 -31.15 15.34 -2.81
CA GLY B 381 -30.55 16.61 -3.18
C GLY B 381 -30.25 17.51 -1.98
N GLU B 382 -30.68 17.12 -0.77
CA GLU B 382 -30.31 17.84 0.48
C GLU B 382 -28.80 17.67 0.70
N ALA B 383 -28.16 18.70 1.23
CA ALA B 383 -26.77 18.62 1.60
C ALA B 383 -26.65 17.67 2.79
N TYR B 384 -25.64 16.79 2.78
CA TYR B 384 -25.32 15.99 3.97
C TYR B 384 -24.81 16.95 5.08
N THR B 385 -24.92 16.51 6.33
CA THR B 385 -24.40 17.25 7.47
C THR B 385 -23.75 16.28 8.43
N SER B 386 -23.03 16.82 9.41
CA SER B 386 -22.27 16.01 10.33
C SER B 386 -23.22 15.15 11.16
N GLU B 387 -24.43 15.68 11.38
CA GLU B 387 -25.51 14.96 12.10
C GLU B 387 -25.91 13.70 11.33
N ASP B 388 -25.81 13.72 10.01
CA ASP B 388 -26.17 12.54 9.19
C ASP B 388 -25.12 11.41 9.16
N CYS B 389 -23.92 11.60 9.72
CA CYS B 389 -22.91 10.53 9.63
C CYS B 389 -22.20 10.31 10.97
N ILE B 390 -22.91 10.48 12.07
CA ILE B 390 -22.30 10.22 13.34
C ILE B 390 -22.21 8.72 13.59
N ASN B 391 -23.30 7.99 13.42
CA ASN B 391 -23.26 6.56 13.70
C ASN B 391 -23.15 5.78 12.39
N ILE B 392 -21.98 5.20 12.12
CA ILE B 392 -21.70 4.63 10.76
C ILE B 392 -22.61 3.44 10.45
N GLU B 393 -22.93 2.67 11.49
CA GLU B 393 -23.75 1.47 11.38
C GLU B 393 -25.20 1.87 11.10
N ARG B 394 -25.84 2.64 11.99
CA ARG B 394 -27.25 3.01 11.80
C ARG B 394 -27.43 3.85 10.53
N GLN B 395 -26.55 4.80 10.30
CA GLN B 395 -26.90 5.87 9.38
C GLN B 395 -26.24 5.68 8.03
N LEU B 396 -25.15 4.93 7.94
CA LEU B 396 -24.45 4.81 6.66
C LEU B 396 -24.33 3.35 6.20
N GLY B 397 -24.77 2.42 7.01
CA GLY B 397 -24.86 1.06 6.58
C GLY B 397 -23.52 0.35 6.54
N PHE B 398 -22.56 0.72 7.38
CA PHE B 398 -21.28 -0.02 7.35
C PHE B 398 -20.56 0.10 8.69
N THR B 399 -19.55 -0.75 8.87
CA THR B 399 -18.79 -0.87 10.12
C THR B 399 -17.32 -1.08 9.74
N TYR B 400 -16.42 -1.06 10.70
CA TYR B 400 -14.98 -1.27 10.52
C TYR B 400 -14.63 -2.63 11.13
N GLY B 401 -14.04 -3.54 10.34
CA GLY B 401 -13.54 -4.82 10.89
C GLY B 401 -12.47 -4.56 11.93
N PRO B 402 -12.00 -5.60 12.62
CA PRO B 402 -10.96 -5.35 13.63
C PRO B 402 -9.66 -4.91 12.96
N GLY B 403 -8.89 -4.11 13.68
CA GLY B 403 -7.58 -3.66 13.26
C GLY B 403 -6.87 -3.03 14.44
N SER B 404 -5.64 -2.59 14.22
CA SER B 404 -4.82 -2.11 15.29
C SER B 404 -5.53 -1.00 16.07
N LEU B 405 -5.23 -0.97 17.37
CA LEU B 405 -5.60 0.08 18.36
C LEU B 405 -7.08 0.10 18.66
N ASP B 406 -7.93 -0.83 18.25
CA ASP B 406 -9.36 -0.61 18.66
C ASP B 406 -9.68 -0.79 20.12
N ASP B 407 -8.71 -1.34 20.89
CA ASP B 407 -8.78 -1.49 22.36
C ASP B 407 -7.71 -0.72 23.13
N ALA B 408 -8.14 -0.13 24.26
CA ALA B 408 -7.26 0.67 25.11
C ALA B 408 -6.64 -0.22 26.19
N THR B 409 -5.38 -0.58 26.00
CA THR B 409 -4.76 -1.73 26.65
C THR B 409 -3.55 -1.24 27.47
N PRO B 410 -3.14 -2.03 28.48
CA PRO B 410 -2.08 -1.49 29.31
C PRO B 410 -0.78 -1.13 28.58
N GLU B 411 -0.46 -1.83 27.48
CA GLU B 411 0.76 -1.56 26.74
C GLU B 411 0.66 -0.18 26.09
N LEU B 412 -0.50 0.18 25.60
CA LEU B 412 -0.71 1.50 25.02
C LEU B 412 -0.55 2.59 26.09
N LYS B 413 -1.05 2.37 27.29
CA LYS B 413 -0.94 3.35 28.36
C LYS B 413 0.53 3.62 28.68
N SER B 414 1.33 2.60 28.89
CA SER B 414 2.72 2.83 29.34
C SER B 414 3.55 3.48 28.23
N LEU B 415 3.11 3.37 26.99
CA LEU B 415 3.84 4.03 25.93
C LEU B 415 3.86 5.55 26.22
N LEU B 416 2.75 6.05 26.76
CA LEU B 416 2.57 7.45 27.06
C LEU B 416 2.86 7.77 28.53
N ALA B 417 3.25 6.80 29.37
CA ALA B 417 3.51 7.10 30.79
C ALA B 417 4.88 7.78 30.92
N VAL B 418 5.05 8.51 32.01
CA VAL B 418 6.30 9.19 32.26
C VAL B 418 7.20 8.27 33.08
N PRO B 419 8.45 8.00 32.63
CA PRO B 419 9.43 7.33 33.51
C PRO B 419 9.47 7.97 34.90
N SER B 420 9.47 7.14 35.92
CA SER B 420 9.56 7.61 37.28
C SER B 420 10.81 8.49 37.40
N GLY B 421 10.63 9.70 37.91
CA GLY B 421 11.72 10.63 38.07
C GLY B 421 11.95 11.49 36.84
N ASN B 422 11.15 11.34 35.78
CA ASN B 422 11.24 12.27 34.62
C ASN B 422 10.10 13.30 34.72
N SER B 423 10.24 14.42 34.00
CA SER B 423 9.34 15.58 34.21
C SER B 423 7.92 15.28 33.70
N THR B 424 6.91 15.80 34.41
CA THR B 424 5.52 15.71 33.96
C THR B 424 5.09 17.00 33.23
N LYS B 425 6.04 17.86 32.93
CA LYS B 425 5.73 19.19 32.48
C LYS B 425 5.68 19.22 30.94
N LYS B 426 5.35 20.41 30.48
CA LYS B 426 4.97 20.61 29.13
C LYS B 426 5.78 21.80 28.60
N LEU B 427 6.29 21.72 27.38
CA LEU B 427 6.92 22.87 26.74
C LEU B 427 5.90 23.46 25.78
N THR B 428 5.89 24.78 25.70
CA THR B 428 5.02 25.50 24.78
C THR B 428 5.91 26.37 23.87
N VAL B 429 5.73 26.30 22.55
CA VAL B 429 6.51 27.11 21.61
C VAL B 429 5.56 28.09 20.92
N THR B 430 5.83 29.40 21.02
CA THR B 430 4.98 30.44 20.40
C THR B 430 5.84 31.27 19.42
N GLY B 431 5.25 32.33 18.90
CA GLY B 431 5.95 33.23 17.99
C GLY B 431 6.25 32.62 16.63
N ILE B 432 5.48 31.63 16.19
CA ILE B 432 5.68 31.06 14.87
C ILE B 432 4.55 31.54 13.96
N ASP B 433 4.89 32.27 12.90
CA ASP B 433 3.89 32.68 11.93
C ASP B 433 3.96 31.75 10.76
N ARG B 434 2.81 31.26 10.29
CA ARG B 434 2.76 30.31 9.16
C ARG B 434 2.72 31.06 7.83
N ALA B 435 2.15 32.26 7.86
CA ALA B 435 1.96 33.08 6.67
C ALA B 435 3.26 33.19 5.88
N GLN B 436 4.36 33.21 6.59
CA GLN B 436 5.66 33.27 5.94
C GLN B 436 5.85 32.08 4.98
N ILE B 437 5.65 30.86 5.49
CA ILE B 437 6.14 29.64 4.89
C ILE B 437 5.20 29.19 3.74
N GLN B 438 5.76 28.81 2.62
CA GLN B 438 4.98 28.13 1.56
C GLN B 438 5.20 26.62 1.69
N GLY B 439 4.13 25.83 1.59
CA GLY B 439 4.29 24.39 1.67
C GLY B 439 4.26 23.86 3.10
N SER B 440 4.21 22.55 3.21
CA SER B 440 4.14 21.93 4.51
C SER B 440 5.53 22.00 5.14
N PHE B 441 5.54 21.86 6.45
CA PHE B 441 6.77 21.89 7.19
C PHE B 441 6.61 21.11 8.49
N ILE B 442 7.75 20.92 9.16
CA ILE B 442 7.84 20.08 10.36
C ILE B 442 8.65 20.85 11.41
N MET B 443 8.14 20.81 12.62
CA MET B 443 8.74 21.45 13.75
C MET B 443 9.31 20.31 14.64
N LYS B 444 10.59 20.37 15.00
CA LYS B 444 11.21 19.37 15.90
C LYS B 444 11.83 20.10 17.08
N ALA B 445 11.44 19.73 18.29
CA ALA B 445 11.92 20.40 19.49
C ALA B 445 13.03 19.57 20.11
N TYR B 446 14.02 20.26 20.69
CA TYR B 446 15.11 19.60 21.45
C TYR B 446 15.42 20.39 22.73
N ALA B 447 15.72 19.68 23.81
CA ALA B 447 16.30 20.28 25.03
C ALA B 447 17.76 19.85 25.21
N SER B 448 18.65 20.80 25.45
CA SER B 448 20.04 20.51 25.81
C SER B 448 20.35 21.05 27.21
N VAL B 449 21.09 20.28 28.01
CA VAL B 449 21.45 20.67 29.38
C VAL B 449 22.94 20.39 29.62
N THR B 450 23.58 21.31 30.32
CA THR B 450 25.04 21.32 30.49
C THR B 450 25.42 20.88 31.93
N ASP B 451 26.33 19.91 32.06
CA ASP B 451 26.77 19.41 33.40
C ASP B 451 27.76 20.42 34.04
N ALA B 452 28.26 20.10 35.23
CA ALA B 452 29.37 20.84 35.84
C ALA B 452 30.65 20.60 35.03
N ASN B 453 30.96 19.33 34.73
CA ASN B 453 32.17 18.94 33.96
C ASN B 453 31.95 19.14 32.44
N GLY B 454 31.55 20.36 32.06
CA GLY B 454 31.46 20.84 30.67
C GLY B 454 30.85 19.83 29.69
N LYS B 455 29.88 19.03 30.12
CA LYS B 455 29.37 17.94 29.26
C LYS B 455 27.90 18.21 28.87
N THR B 456 27.59 18.11 27.59
CA THR B 456 26.21 18.27 27.14
C THR B 456 25.49 16.92 27.25
N ARG B 457 24.19 17.01 27.50
CA ARG B 457 23.21 16.00 27.14
C ARG B 457 22.14 16.66 26.24
N GLU B 458 21.71 16.00 25.17
CA GLU B 458 20.60 16.51 24.34
C GLU B 458 19.39 15.58 24.50
N TYR B 459 18.17 16.13 24.42
CA TYR B 459 16.93 15.33 24.40
C TYR B 459 16.05 15.80 23.24
N TYR B 460 15.39 14.83 22.64
CA TYR B 460 14.38 15.07 21.58
C TYR B 460 13.00 15.07 22.21
N LEU B 461 12.27 16.18 22.07
CA LEU B 461 10.96 16.31 22.72
C LEU B 461 9.78 15.93 21.80
N GLY B 462 9.99 15.79 20.50
CA GLY B 462 8.86 15.49 19.58
C GLY B 462 8.89 16.34 18.32
N HIS B 463 7.97 15.99 17.43
CA HIS B 463 7.76 16.77 16.19
C HIS B 463 6.32 17.26 16.13
N LYS B 464 6.07 18.27 15.32
CA LYS B 464 4.73 18.61 14.93
C LYS B 464 4.70 18.92 13.42
N SER B 465 3.72 18.35 12.73
CA SER B 465 3.62 18.47 11.26
C SER B 465 2.41 19.33 10.86
N ILE B 466 2.70 20.41 10.17
CA ILE B 466 1.71 21.30 9.60
C ILE B 466 1.59 20.91 8.12
N LEU B 467 0.47 20.26 7.81
CA LEU B 467 0.15 19.95 6.41
C LEU B 467 -0.46 21.24 5.87
N SER B 468 0.09 21.75 4.77
CA SER B 468 -0.37 23.04 4.26
C SER B 468 -0.47 23.01 2.73
N ARG B 469 -0.16 24.12 2.04
CA ARG B 469 -0.39 24.20 0.61
C ARG B 469 0.57 25.19 -0.04
N TRP B 470 0.70 25.11 -1.36
CA TRP B 470 1.34 26.21 -2.08
C TRP B 470 0.30 27.27 -2.52
N ASN B 471 0.79 28.49 -2.70
CA ASN B 471 0.03 29.65 -3.25
C ASN B 471 0.95 30.46 -4.20
N LEU B 482 -1.03 34.98 11.28
CA LEU B 482 -1.51 33.59 11.41
C LEU B 482 -0.56 32.73 12.28
N ASP B 483 -0.56 32.95 13.60
CA ASP B 483 0.45 32.39 14.52
C ASP B 483 0.05 31.03 15.10
N ILE B 484 0.92 30.03 14.98
CA ILE B 484 0.66 28.71 15.56
C ILE B 484 1.48 28.50 16.83
N VAL B 485 0.92 27.75 17.75
CA VAL B 485 1.62 27.40 18.96
C VAL B 485 1.65 25.87 19.04
N ALA B 486 2.79 25.34 19.40
CA ALA B 486 2.97 23.91 19.42
C ALA B 486 3.31 23.47 20.85
N HIS B 487 3.05 22.21 21.20
CA HIS B 487 3.18 21.73 22.57
C HIS B 487 3.95 20.41 22.59
N PHE B 488 4.91 20.28 23.49
CA PHE B 488 5.72 19.06 23.55
C PHE B 488 5.77 18.56 24.99
N PRO B 489 5.69 17.24 25.18
CA PRO B 489 5.92 16.74 26.55
C PRO B 489 7.41 16.82 26.90
N LEU B 490 7.76 17.17 28.14
CA LEU B 490 9.14 17.00 28.61
C LEU B 490 9.27 15.65 29.33
N SER B 491 8.42 14.67 28.98
CA SER B 491 8.48 13.33 29.60
C SER B 491 9.82 12.60 29.29
N ALA B 492 10.58 13.03 28.29
CA ALA B 492 11.82 12.31 27.97
C ALA B 492 12.94 12.65 28.97
N MET B 493 12.83 13.72 29.75
CA MET B 493 14.01 14.19 30.53
C MET B 493 13.73 14.18 32.04
N PRO B 494 14.81 14.04 32.84
CA PRO B 494 14.64 13.90 34.32
C PRO B 494 14.18 15.24 34.92
N ALA B 495 13.26 15.17 35.88
CA ALA B 495 12.59 16.36 36.40
C ALA B 495 13.61 17.42 36.77
N ASP B 496 14.66 17.04 37.48
CA ASP B 496 15.58 18.01 38.06
C ASP B 496 16.37 18.82 37.00
N ASP B 497 16.52 18.29 35.78
CA ASP B 497 17.23 19.00 34.66
C ASP B 497 16.41 20.13 33.92
N VAL B 498 15.08 20.03 33.92
CA VAL B 498 14.22 20.96 33.14
C VAL B 498 14.51 22.42 33.53
N PRO B 499 14.50 22.77 34.82
CA PRO B 499 14.78 24.18 35.14
C PRO B 499 16.09 24.71 34.53
N LYS B 500 17.06 23.83 34.24
CA LYS B 500 18.42 24.21 33.78
C LYS B 500 18.60 24.00 32.26
N ALA B 501 17.52 24.00 31.50
CA ALA B 501 17.59 23.51 30.11
C ALA B 501 17.42 24.67 29.14
N LYS B 502 18.16 24.61 28.03
CA LYS B 502 17.90 25.51 26.90
C LYS B 502 17.16 24.70 25.85
N PHE B 503 16.19 25.33 25.20
CA PHE B 503 15.37 24.61 24.24
C PHE B 503 15.54 25.23 22.84
N ARG B 504 15.22 24.45 21.83
CA ARG B 504 15.24 24.99 20.49
C ARG B 504 14.31 24.20 19.56
N VAL B 505 14.08 24.77 18.39
CA VAL B 505 13.31 24.09 17.39
C VAL B 505 14.06 24.15 16.07
N GLU B 506 13.93 23.06 15.31
CA GLU B 506 14.43 22.95 13.94
C GLU B 506 13.22 22.79 12.99
N PHE B 507 13.30 23.46 11.85
CA PHE B 507 12.27 23.41 10.84
C PHE B 507 12.79 22.65 9.62
N ILE B 508 12.09 21.58 9.27
CA ILE B 508 12.22 20.99 7.95
C ILE B 508 11.12 21.54 7.05
N HIS B 509 11.48 22.08 5.89
CA HIS B 509 10.48 22.75 5.02
C HIS B 509 10.87 22.58 3.54
N ARG B 510 10.08 23.20 2.69
CA ARG B 510 10.13 23.03 1.25
C ARG B 510 11.14 23.98 0.58
N GLY B 511 11.60 24.98 1.31
CA GLY B 511 12.65 25.86 0.84
C GLY B 511 12.20 26.56 -0.41
N GLY B 512 10.91 26.89 -0.48
CA GLY B 512 10.40 27.69 -1.57
C GLY B 512 10.23 26.93 -2.88
N GLY B 513 10.68 25.67 -2.98
CA GLY B 513 10.29 24.77 -4.10
C GLY B 513 11.26 24.78 -5.26
N VAL B 514 11.84 25.94 -5.56
CA VAL B 514 12.82 26.05 -6.66
C VAL B 514 14.03 26.85 -6.15
N PRO B 515 15.19 26.68 -6.79
CA PRO B 515 16.41 27.36 -6.30
C PRO B 515 16.26 28.89 -6.24
N SER B 516 15.56 29.50 -7.19
CA SER B 516 15.55 30.97 -7.29
C SER B 516 14.66 31.60 -6.22
N ALA B 517 14.14 30.77 -5.32
CA ALA B 517 13.26 31.22 -4.27
C ALA B 517 13.61 30.55 -2.94
N ALA B 518 14.70 29.80 -2.92
CA ALA B 518 15.22 29.11 -1.73
C ALA B 518 15.66 30.11 -0.67
N LYS B 519 16.51 31.08 -1.03
CA LYS B 519 17.14 31.97 -0.04
C LYS B 519 16.08 32.80 0.71
N ALA B 520 15.13 33.43 -0.02
CA ALA B 520 14.05 34.19 0.66
C ALA B 520 13.24 33.30 1.61
N ALA B 521 13.07 32.02 1.24
CA ALA B 521 12.27 31.06 2.03
C ALA B 521 13.07 30.56 3.24
N ILE B 522 14.33 30.18 3.04
CA ILE B 522 15.25 29.76 4.15
C ILE B 522 15.41 30.89 5.18
N ASP B 523 15.48 32.14 4.72
CA ASP B 523 15.72 33.30 5.61
C ASP B 523 14.47 33.73 6.35
N LYS B 524 13.29 33.61 5.73
CA LYS B 524 12.03 33.88 6.41
C LYS B 524 11.90 32.92 7.58
N VAL B 525 12.32 31.66 7.40
CA VAL B 525 12.28 30.64 8.47
C VAL B 525 13.32 30.88 9.55
N SER B 526 14.55 31.24 9.19
CA SER B 526 15.61 31.50 10.18
C SER B 526 15.29 32.75 11.03
N ALA B 527 14.55 33.71 10.51
CA ALA B 527 14.26 34.98 11.22
C ALA B 527 13.11 34.83 12.22
N LEU B 528 12.58 33.63 12.39
CA LEU B 528 11.51 33.42 13.33
C LEU B 528 12.10 33.46 14.74
N GLN B 529 11.36 34.06 15.67
CA GLN B 529 11.79 34.16 17.08
C GLN B 529 10.85 33.29 17.93
N PRO B 530 11.14 31.99 17.96
CA PRO B 530 10.39 31.08 18.82
C PRO B 530 10.57 31.43 20.31
N LYS B 531 9.48 31.47 21.08
CA LYS B 531 9.54 31.70 22.52
C LYS B 531 9.24 30.38 23.27
N PHE B 532 9.85 30.19 24.44
CA PHE B 532 9.69 28.91 25.17
C PHE B 532 9.12 29.13 26.58
N GLU B 533 8.04 28.41 26.93
CA GLU B 533 7.45 28.42 28.30
C GLU B 533 7.30 26.98 28.80
N VAL B 534 7.70 26.73 30.04
CA VAL B 534 7.48 25.46 30.74
C VAL B 534 6.28 25.59 31.70
N SER B 535 5.55 24.49 31.91
CA SER B 535 4.27 24.52 32.66
C SER B 535 4.51 24.50 34.16
N ALA C 7 -23.54 27.28 -30.32
CA ALA C 7 -23.63 25.85 -30.73
C ALA C 7 -22.61 25.61 -31.85
N PRO C 8 -21.50 24.92 -31.54
CA PRO C 8 -20.45 24.67 -32.52
C PRO C 8 -20.16 23.19 -32.78
N ARG C 9 -20.26 22.79 -34.05
CA ARG C 9 -19.84 21.45 -34.51
C ARG C 9 -18.40 21.17 -34.07
N VAL C 10 -18.11 19.91 -33.75
CA VAL C 10 -16.77 19.54 -33.28
C VAL C 10 -16.10 18.54 -34.24
N ARG C 11 -14.99 18.97 -34.86
CA ARG C 11 -14.08 18.04 -35.57
C ARG C 11 -13.29 17.22 -34.54
N ARG C 12 -13.30 15.90 -34.69
CA ARG C 12 -12.69 15.07 -33.67
C ARG C 12 -11.57 14.22 -34.29
N SER C 13 -10.69 13.67 -33.43
CA SER C 13 -9.63 12.72 -33.85
C SER C 13 -10.27 11.51 -34.58
N VAL C 14 -9.66 11.06 -35.67
CA VAL C 14 -10.10 9.86 -36.40
C VAL C 14 -9.89 8.63 -35.50
N ARG C 15 -8.89 8.69 -34.63
CA ARG C 15 -8.65 7.65 -33.64
C ARG C 15 -9.76 7.68 -32.57
N ASP C 16 -10.37 8.84 -32.30
CA ASP C 16 -11.57 8.92 -31.45
C ASP C 16 -12.64 8.03 -32.04
N LEU C 17 -13.03 8.24 -33.32
CA LEU C 17 -14.16 7.49 -33.98
C LEU C 17 -13.85 5.99 -34.14
N GLN C 18 -12.61 5.68 -34.54
CA GLN C 18 -12.11 4.30 -34.65
C GLN C 18 -12.35 3.57 -33.32
N LYS C 19 -11.98 4.20 -32.20
CA LYS C 19 -12.18 3.64 -30.85
C LYS C 19 -13.68 3.46 -30.57
N ARG C 20 -14.45 4.51 -30.85
CA ARG C 20 -15.89 4.47 -30.65
C ARG C 20 -16.43 3.28 -31.44
N TYR C 21 -16.12 3.20 -32.74
CA TYR C 21 -16.53 2.05 -33.55
C TYR C 21 -16.22 0.75 -32.78
N ASP C 22 -14.96 0.55 -32.38
CA ASP C 22 -14.50 -0.68 -31.67
C ASP C 22 -14.96 -0.86 -30.19
N ASN C 23 -15.76 0.08 -29.69
CA ASN C 23 -16.38 -0.03 -28.37
C ASN C 23 -17.90 -0.17 -28.56
N GLY C 24 -18.34 -0.46 -29.79
CA GLY C 24 -19.77 -0.53 -30.16
C GLY C 24 -20.42 0.84 -30.30
N GLU C 25 -20.09 1.55 -31.39
CA GLU C 25 -20.66 2.88 -31.69
C GLU C 25 -20.23 3.29 -33.10
N LYS C 26 -21.06 2.92 -34.06
CA LYS C 26 -20.72 2.92 -35.46
C LYS C 26 -21.23 4.18 -36.13
N LYS C 27 -22.46 4.62 -35.84
CA LYS C 27 -23.04 5.79 -36.52
C LYS C 27 -21.91 6.71 -36.99
N PRO C 28 -21.09 7.32 -36.05
CA PRO C 28 -20.08 8.36 -36.36
C PRO C 28 -19.13 8.01 -37.54
N LEU C 29 -18.37 6.92 -37.40
CA LEU C 29 -17.38 6.53 -38.41
C LEU C 29 -18.05 6.04 -39.70
N GLU C 30 -19.25 5.47 -39.61
CA GLU C 30 -20.00 4.98 -40.79
C GLU C 30 -20.47 6.19 -41.63
N ASP C 31 -21.03 7.21 -40.98
CA ASP C 31 -21.46 8.40 -41.71
C ASP C 31 -20.29 8.93 -42.55
N LEU C 32 -19.12 9.01 -41.92
CA LEU C 32 -17.93 9.59 -42.53
C LEU C 32 -17.53 8.78 -43.77
N VAL C 33 -17.54 7.46 -43.62
CA VAL C 33 -17.18 6.58 -44.69
C VAL C 33 -18.20 6.74 -45.82
N ARG C 34 -19.48 6.91 -45.45
CA ARG C 34 -20.53 6.97 -46.48
C ARG C 34 -20.35 8.26 -47.27
N ALA C 35 -20.02 9.34 -46.57
CA ALA C 35 -19.90 10.65 -47.22
C ALA C 35 -18.69 10.66 -48.16
N TRP C 36 -17.68 9.86 -47.81
CA TRP C 36 -16.46 9.70 -48.65
C TRP C 36 -16.76 8.81 -49.88
N VAL C 37 -17.58 7.77 -49.71
CA VAL C 37 -18.06 7.02 -50.85
C VAL C 37 -18.90 7.95 -51.73
N GLY C 38 -19.78 8.73 -51.12
CA GLY C 38 -20.68 9.56 -51.91
C GLY C 38 -19.96 10.54 -52.80
N ILE C 39 -18.98 11.20 -52.20
CA ILE C 39 -18.25 12.27 -52.86
C ILE C 39 -17.33 11.67 -53.95
N GLN C 40 -16.81 10.46 -53.72
CA GLN C 40 -15.97 9.75 -54.73
C GLN C 40 -16.86 9.10 -55.80
N ALA C 41 -18.16 8.89 -55.52
CA ALA C 41 -19.13 8.35 -56.51
C ALA C 41 -19.62 9.44 -57.47
N LEU C 42 -19.81 10.67 -56.97
CA LEU C 42 -20.23 11.79 -57.82
C LEU C 42 -19.31 11.92 -59.04
N PRO C 43 -19.78 12.61 -60.08
CA PRO C 43 -19.04 12.76 -61.32
C PRO C 43 -18.22 14.07 -61.35
N PRO C 44 -17.19 14.17 -62.23
CA PRO C 44 -16.12 15.19 -62.40
C PRO C 44 -16.53 16.66 -62.41
N SER C 45 -17.58 17.01 -63.15
CA SER C 45 -17.92 18.42 -63.36
C SER C 45 -18.91 18.91 -62.29
N ASP C 46 -19.22 18.08 -61.29
CA ASP C 46 -19.91 18.57 -60.10
C ASP C 46 -18.87 19.33 -59.23
N PRO C 47 -19.11 20.62 -58.95
CA PRO C 47 -18.11 21.30 -58.11
C PRO C 47 -17.69 20.50 -56.86
N LYS C 48 -18.55 19.61 -56.38
CA LYS C 48 -18.37 18.97 -55.09
C LYS C 48 -17.98 17.49 -55.25
N SER C 49 -17.54 17.01 -56.42
CA SER C 49 -16.97 15.63 -56.41
C SER C 49 -15.59 15.66 -55.74
N PHE C 50 -15.06 14.49 -55.37
CA PHE C 50 -13.71 14.41 -54.81
C PHE C 50 -12.65 14.67 -55.88
N PHE C 51 -12.94 14.32 -57.14
CA PHE C 51 -12.05 14.60 -58.26
C PHE C 51 -11.94 16.10 -58.53
N ALA C 52 -13.05 16.83 -58.46
CA ALA C 52 -13.01 18.30 -58.68
C ALA C 52 -12.18 18.97 -57.58
N LEU C 53 -12.46 18.59 -56.34
CA LEU C 53 -11.84 19.22 -55.18
C LEU C 53 -10.32 18.99 -55.20
N GLY C 54 -9.88 17.73 -55.16
CA GLY C 54 -8.45 17.39 -55.25
C GLY C 54 -7.73 18.08 -56.41
N GLY C 55 -8.49 18.34 -57.48
CA GLY C 55 -8.01 19.03 -58.68
C GLY C 55 -8.01 20.56 -58.57
N TYR C 56 -8.36 21.16 -57.42
CA TYR C 56 -8.11 22.64 -57.18
C TYR C 56 -6.66 22.90 -56.72
N HIS C 57 -5.78 21.91 -56.80
CA HIS C 57 -4.50 21.93 -56.06
C HIS C 57 -3.28 21.73 -56.99
N GLY C 58 -3.48 21.50 -58.29
CA GLY C 58 -2.37 21.23 -59.22
C GLY C 58 -1.53 22.46 -59.49
N TYR C 82 -3.64 28.20 -58.19
CA TYR C 82 -4.66 28.35 -57.16
C TYR C 82 -4.03 28.24 -55.76
N CYS C 83 -3.43 27.09 -55.45
CA CYS C 83 -3.00 26.74 -54.07
C CYS C 83 -1.79 27.58 -53.67
N ASN C 84 -1.76 28.02 -52.42
CA ASN C 84 -0.74 28.91 -52.01
C ASN C 84 0.24 28.16 -51.12
N HIS C 85 1.49 28.17 -51.52
CA HIS C 85 2.56 27.57 -50.75
C HIS C 85 3.64 28.61 -50.55
N GLY C 86 4.25 28.63 -49.39
CA GLY C 86 5.39 29.54 -49.18
C GLY C 86 4.98 31.00 -49.22
N ASN C 87 3.77 31.35 -48.77
CA ASN C 87 3.41 32.74 -48.53
C ASN C 87 2.45 32.76 -47.35
N VAL C 88 1.94 33.95 -47.00
CA VAL C 88 1.14 34.11 -45.78
C VAL C 88 -0.31 33.68 -45.95
N LEU C 89 -0.71 33.16 -47.12
CA LEU C 89 -2.09 32.62 -47.29
C LEU C 89 -2.08 31.09 -47.20
N PHE C 90 -0.93 30.46 -46.98
CA PHE C 90 -0.89 29.01 -46.94
C PHE C 90 -1.95 28.52 -45.95
N PRO C 91 -1.91 29.06 -44.72
CA PRO C 91 -2.82 28.53 -43.69
C PRO C 91 -4.32 28.90 -43.85
N THR C 92 -4.67 30.11 -44.29
CA THR C 92 -6.12 30.52 -44.47
C THR C 92 -6.72 29.87 -45.72
N TRP C 93 -5.93 29.76 -46.78
CA TRP C 93 -6.39 29.11 -47.99
C TRP C 93 -6.66 27.62 -47.72
N HIS C 94 -5.66 26.92 -47.17
CA HIS C 94 -5.82 25.49 -46.84
C HIS C 94 -6.95 25.32 -45.80
N ARG C 95 -7.23 26.32 -44.96
CA ARG C 95 -8.41 26.27 -44.06
C ARG C 95 -9.70 26.27 -44.88
N MET C 96 -9.84 27.19 -45.82
CA MET C 96 -11.05 27.23 -46.61
C MET C 96 -11.16 25.96 -47.46
N TYR C 97 -10.02 25.45 -47.93
CA TYR C 97 -10.02 24.23 -48.74
C TYR C 97 -10.66 23.08 -47.96
N VAL C 98 -10.22 22.89 -46.72
CA VAL C 98 -10.70 21.78 -45.88
C VAL C 98 -12.21 21.97 -45.65
N TYR C 99 -12.64 23.21 -45.38
CA TYR C 99 -14.03 23.49 -45.10
C TYR C 99 -14.90 23.15 -46.33
N LYS C 100 -14.43 23.43 -47.53
CA LYS C 100 -15.23 23.11 -48.73
C LYS C 100 -15.30 21.59 -48.94
N LEU C 101 -14.25 20.85 -48.55
CA LEU C 101 -14.31 19.37 -48.54
C LEU C 101 -15.41 18.92 -47.58
N GLU C 102 -15.56 19.63 -46.47
CA GLU C 102 -16.56 19.30 -45.48
C GLU C 102 -17.97 19.69 -45.99
N GLU C 103 -18.16 20.91 -46.46
CA GLU C 103 -19.43 21.30 -47.13
C GLU C 103 -19.86 20.14 -48.03
N ALA C 104 -18.91 19.68 -48.82
CA ALA C 104 -19.18 18.62 -49.80
C ALA C 104 -19.44 17.27 -49.09
N LEU C 105 -18.73 16.95 -48.02
CA LEU C 105 -19.04 15.69 -47.35
C LEU C 105 -20.48 15.75 -46.83
N GLN C 106 -20.87 16.91 -46.32
CA GLN C 106 -22.16 17.09 -45.64
C GLN C 106 -23.32 16.95 -46.63
N SER C 107 -23.11 17.38 -47.87
CA SER C 107 -24.10 17.30 -48.93
C SER C 107 -24.53 15.85 -49.11
N ILE C 108 -23.60 14.93 -48.91
CA ILE C 108 -23.89 13.51 -48.94
C ILE C 108 -24.59 13.13 -47.64
N VAL C 109 -23.99 13.48 -46.49
CA VAL C 109 -24.48 13.02 -45.18
C VAL C 109 -24.53 14.22 -44.21
N PRO C 110 -25.62 15.03 -44.25
CA PRO C 110 -25.74 16.27 -43.44
C PRO C 110 -25.24 16.12 -42.00
N GLY C 111 -24.58 17.16 -41.47
CA GLY C 111 -24.14 17.19 -40.06
C GLY C 111 -22.76 16.57 -39.82
N VAL C 112 -22.12 16.01 -40.86
CA VAL C 112 -20.87 15.27 -40.64
C VAL C 112 -19.71 16.26 -40.49
N SER C 113 -18.81 15.90 -39.57
CA SER C 113 -17.61 16.66 -39.32
C SER C 113 -16.42 15.95 -39.99
N MET C 114 -15.63 16.71 -40.75
CA MET C 114 -14.32 16.24 -41.25
C MET C 114 -13.39 16.05 -40.03
N PRO C 115 -13.04 14.80 -39.68
CA PRO C 115 -12.12 14.55 -38.55
C PRO C 115 -10.63 14.77 -38.91
N PHE C 116 -9.75 14.87 -37.91
CA PHE C 116 -8.35 15.20 -38.18
C PHE C 116 -7.49 14.01 -37.79
N TRP C 117 -6.38 13.84 -38.52
CA TRP C 117 -5.38 12.85 -38.12
C TRP C 117 -4.39 13.51 -37.15
N ASP C 118 -4.47 13.13 -35.89
CA ASP C 118 -3.64 13.75 -34.85
C ASP C 118 -2.27 13.12 -34.97
N GLU C 119 -1.35 13.80 -35.67
CA GLU C 119 -0.12 13.12 -36.09
C GLU C 119 0.89 13.16 -34.94
N THR C 120 0.62 13.92 -33.86
CA THR C 120 1.53 14.02 -32.70
C THR C 120 0.92 13.41 -31.42
N ASP C 121 -0.16 12.64 -31.53
CA ASP C 121 -0.73 11.93 -30.36
C ASP C 121 0.07 10.66 -30.08
N GLU C 122 -0.18 10.06 -28.93
CA GLU C 122 0.56 8.84 -28.47
C GLU C 122 0.38 7.67 -29.46
N TYR C 123 -0.81 7.46 -30.00
CA TYR C 123 -1.02 6.34 -30.91
C TYR C 123 -0.12 6.47 -32.14
N THR C 124 -0.21 7.60 -32.84
CA THR C 124 0.56 7.76 -34.06
C THR C 124 2.05 7.62 -33.77
N LEU C 125 2.51 8.10 -32.62
CA LEU C 125 3.95 7.99 -32.33
C LEU C 125 4.38 6.53 -32.17
N LYS C 126 3.51 5.65 -31.67
CA LYS C 126 3.96 4.30 -31.31
C LYS C 126 3.46 3.27 -32.33
N HIS C 127 2.45 3.59 -33.14
CA HIS C 127 1.81 2.62 -34.07
C HIS C 127 1.68 3.17 -35.51
N GLY C 128 1.71 4.51 -35.65
CA GLY C 128 1.68 5.19 -36.97
C GLY C 128 0.28 5.56 -37.41
N ILE C 129 -0.04 5.33 -38.66
CA ILE C 129 -1.27 5.88 -39.21
C ILE C 129 -2.47 5.04 -38.75
N PRO C 130 -3.54 5.70 -38.29
CA PRO C 130 -4.78 5.02 -37.88
C PRO C 130 -5.22 4.02 -38.97
N SER C 131 -5.49 2.76 -38.61
CA SER C 131 -5.79 1.72 -39.63
C SER C 131 -7.06 2.06 -40.44
N ILE C 132 -7.95 2.95 -40.00
CA ILE C 132 -9.12 3.20 -40.88
C ILE C 132 -8.66 3.86 -42.19
N LEU C 133 -7.52 4.56 -42.14
CA LEU C 133 -7.00 5.28 -43.30
C LEU C 133 -6.23 4.34 -44.23
N THR C 134 -5.85 3.12 -43.78
CA THR C 134 -4.93 2.23 -44.51
C THR C 134 -5.59 0.89 -44.90
N GLN C 135 -6.59 0.41 -44.15
CA GLN C 135 -7.34 -0.86 -44.42
C GLN C 135 -7.88 -0.92 -45.85
N GLU C 136 -7.83 -2.12 -46.43
CA GLU C 136 -8.31 -2.38 -47.80
C GLU C 136 -9.84 -2.23 -47.87
N LYS C 137 -10.54 -2.86 -46.92
CA LYS C 137 -11.99 -3.02 -47.00
C LYS C 137 -12.66 -2.36 -45.79
N PHE C 138 -13.90 -1.87 -45.98
CA PHE C 138 -14.78 -1.42 -44.88
C PHE C 138 -16.19 -2.03 -44.99
N GLU C 139 -16.82 -2.29 -43.83
CA GLU C 139 -18.17 -2.86 -43.76
C GLU C 139 -19.20 -1.71 -43.67
N LEU C 140 -19.93 -1.50 -44.75
CA LEU C 140 -21.06 -0.54 -44.76
C LEU C 140 -22.35 -1.27 -45.20
N ASP C 141 -23.49 -0.94 -44.57
CA ASP C 141 -24.84 -1.49 -44.93
C ASP C 141 -24.95 -3.04 -44.94
N GLY C 142 -24.12 -3.69 -44.11
CA GLY C 142 -23.99 -5.14 -44.09
C GLY C 142 -22.75 -5.61 -44.84
N LYS C 143 -22.64 -5.23 -46.11
CA LYS C 143 -21.63 -5.81 -47.03
C LYS C 143 -20.26 -5.15 -46.83
N GLN C 144 -19.18 -5.88 -47.18
CA GLN C 144 -17.81 -5.31 -47.23
C GLN C 144 -17.63 -4.57 -48.56
N ILE C 145 -17.01 -3.38 -48.51
CA ILE C 145 -16.73 -2.56 -49.70
C ILE C 145 -15.28 -2.04 -49.63
N ASP C 146 -14.83 -1.46 -50.76
CA ASP C 146 -13.53 -0.77 -50.88
C ASP C 146 -13.44 0.44 -49.95
N ASN C 147 -12.44 0.45 -49.06
CA ASN C 147 -12.16 1.62 -48.19
C ASN C 147 -11.89 2.84 -49.07
N PRO C 148 -12.77 3.85 -49.06
CA PRO C 148 -12.54 5.03 -49.87
C PRO C 148 -11.43 5.95 -49.31
N LEU C 149 -11.04 5.81 -48.04
CA LEU C 149 -9.91 6.59 -47.46
C LEU C 149 -8.54 6.00 -47.84
N ARG C 150 -8.48 4.76 -48.35
CA ARG C 150 -7.21 4.14 -48.65
C ARG C 150 -6.56 4.80 -49.88
N SER C 151 -7.37 5.31 -50.82
CA SER C 151 -6.86 5.73 -52.11
C SER C 151 -8.03 6.14 -53.00
N PHE C 152 -7.76 6.41 -54.26
CA PHE C 152 -8.78 6.96 -55.12
C PHE C 152 -8.43 6.61 -56.59
N VAL C 153 -9.43 6.05 -57.28
CA VAL C 153 -9.33 5.73 -58.69
C VAL C 153 -9.84 6.94 -59.48
N LEU C 154 -8.99 7.47 -60.36
CA LEU C 154 -9.33 8.69 -61.09
C LEU C 154 -10.42 8.40 -62.11
N PRO C 155 -11.48 9.21 -62.08
CA PRO C 155 -12.59 9.03 -63.00
C PRO C 155 -12.20 9.44 -64.44
N VAL C 156 -11.32 10.43 -64.57
CA VAL C 156 -10.79 10.84 -65.89
C VAL C 156 -9.28 11.06 -65.76
N ALA C 157 -8.63 11.37 -66.89
CA ALA C 157 -7.19 11.51 -67.01
C ALA C 157 -6.72 12.93 -66.71
N LEU C 158 -5.45 13.06 -66.35
CA LEU C 158 -4.81 14.36 -66.14
C LEU C 158 -3.81 14.61 -67.26
N SER C 159 -4.00 15.69 -68.02
CA SER C 159 -3.41 15.81 -69.36
C SER C 159 -2.96 17.25 -69.67
N ASP C 160 -2.32 17.35 -70.85
CA ASP C 160 -1.95 18.60 -71.50
C ASP C 160 -3.13 19.15 -72.31
N ASN C 167 4.05 13.98 -70.27
CA ASN C 167 5.23 14.13 -69.40
C ASN C 167 5.14 13.18 -68.20
N ILE C 168 6.07 13.32 -67.26
CA ILE C 168 6.41 12.21 -66.38
C ILE C 168 5.34 12.05 -65.27
N TYR C 169 4.56 13.11 -65.05
CA TYR C 169 3.72 13.28 -63.87
C TYR C 169 2.22 13.25 -64.23
N GLU C 170 1.88 12.97 -65.48
CA GLU C 170 0.48 12.86 -65.91
C GLU C 170 -0.08 11.48 -65.50
N LYS C 171 -1.42 11.40 -65.40
CA LYS C 171 -2.13 10.19 -64.92
C LYS C 171 -3.27 9.81 -65.90
N PRO C 172 -3.31 8.53 -66.34
CA PRO C 172 -4.36 8.09 -67.26
C PRO C 172 -5.67 7.83 -66.50
N LYS C 173 -6.73 7.53 -67.24
CA LYS C 173 -8.03 7.20 -66.68
C LYS C 173 -7.87 5.99 -65.77
N GLY C 174 -8.52 6.03 -64.62
CA GLY C 174 -8.58 4.89 -63.73
C GLY C 174 -7.24 4.56 -63.10
N TYR C 175 -6.37 5.55 -62.95
CA TYR C 175 -5.17 5.41 -62.12
C TYR C 175 -5.61 5.41 -60.64
N VAL C 176 -4.96 4.54 -59.87
CA VAL C 176 -5.16 4.50 -58.41
C VAL C 176 -3.99 5.23 -57.70
N THR C 177 -4.33 6.11 -56.77
CA THR C 177 -3.32 6.78 -55.96
C THR C 177 -2.60 5.75 -55.09
N VAL C 178 -1.32 6.02 -54.81
CA VAL C 178 -0.55 5.19 -53.90
C VAL C 178 0.25 6.04 -52.94
N ARG C 179 0.80 5.34 -51.95
CA ARG C 179 1.61 5.89 -50.92
C ARG C 179 2.91 5.09 -50.80
N TYR C 180 3.86 5.59 -50.01
CA TYR C 180 5.10 4.84 -49.72
C TYR C 180 4.73 3.45 -49.16
N PRO C 181 5.51 2.41 -49.45
CA PRO C 181 6.70 2.46 -50.29
C PRO C 181 6.47 2.22 -51.78
N LEU C 182 5.25 2.39 -52.29
CA LEU C 182 5.02 2.19 -53.73
C LEU C 182 5.43 3.46 -54.49
N SER C 183 5.62 3.28 -55.79
CA SER C 183 5.82 4.36 -56.75
C SER C 183 4.62 4.43 -57.71
N GLY C 184 4.27 5.63 -58.15
CA GLY C 184 3.20 5.83 -59.10
C GLY C 184 3.52 6.92 -60.12
N LEU C 185 4.78 7.02 -60.56
CA LEU C 185 5.15 7.87 -61.77
C LEU C 185 4.80 7.09 -63.06
N VAL C 186 3.83 7.58 -63.83
CA VAL C 186 3.34 6.77 -64.96
C VAL C 186 3.00 7.65 -66.18
N GLY C 187 3.75 8.70 -66.48
CA GLY C 187 3.37 9.56 -67.62
C GLY C 187 3.95 9.10 -68.97
N THR C 188 5.20 8.65 -68.96
CA THR C 188 5.81 8.10 -70.15
C THR C 188 5.77 6.58 -70.02
N PRO C 189 5.99 5.85 -71.13
CA PRO C 189 6.37 4.41 -71.12
C PRO C 189 7.57 4.10 -70.19
N GLU C 190 8.56 4.99 -70.15
CA GLU C 190 9.80 4.76 -69.37
C GLU C 190 9.47 4.78 -67.87
N ALA C 191 8.63 5.73 -67.47
CA ALA C 191 8.22 5.82 -66.07
C ALA C 191 7.48 4.53 -65.66
N LEU C 192 6.48 4.19 -66.49
CA LEU C 192 5.62 3.02 -66.31
C LEU C 192 6.46 1.76 -66.04
N GLU C 193 7.42 1.48 -66.90
CA GLU C 193 8.22 0.27 -66.71
C GLU C 193 8.99 0.37 -65.39
N GLN C 194 9.57 1.55 -65.11
CA GLN C 194 10.44 1.69 -63.92
C GLN C 194 9.58 1.65 -62.66
N THR C 195 8.35 2.12 -62.75
CA THR C 195 7.38 1.98 -61.66
C THR C 195 6.97 0.51 -61.44
N LYS C 196 6.74 -0.29 -62.51
CA LYS C 196 6.44 -1.73 -62.32
C LYS C 196 7.61 -2.46 -61.64
N ILE C 197 8.86 -2.18 -62.02
CA ILE C 197 9.99 -2.91 -61.39
C ILE C 197 10.03 -2.57 -59.90
N HIS C 198 9.80 -1.29 -59.60
CA HIS C 198 9.81 -0.85 -58.22
C HIS C 198 8.67 -1.53 -57.43
N ASN C 199 7.43 -1.39 -57.93
CA ASN C 199 6.20 -1.87 -57.29
C ASN C 199 6.22 -3.39 -57.16
N ALA C 200 7.01 -4.07 -57.99
CA ALA C 200 7.21 -5.53 -57.88
C ALA C 200 8.03 -5.92 -56.65
N LYS C 201 8.76 -5.01 -56.01
CA LYS C 201 9.49 -5.35 -54.76
C LYS C 201 8.55 -5.27 -53.54
N PHE C 202 7.29 -4.87 -53.75
CA PHE C 202 6.41 -4.58 -52.61
C PHE C 202 4.98 -5.06 -52.93
N PRO C 203 4.81 -6.40 -53.10
CA PRO C 203 3.48 -7.02 -53.37
C PRO C 203 2.54 -7.18 -52.15
N LEU C 204 3.09 -7.36 -50.94
CA LEU C 204 2.31 -7.59 -49.72
C LEU C 204 1.80 -6.28 -49.12
N PRO C 205 0.46 -6.01 -49.17
CA PRO C 205 -0.05 -4.80 -48.53
C PRO C 205 0.00 -4.81 -46.98
N GLU C 206 -0.12 -5.95 -46.29
CA GLU C 206 0.13 -6.00 -44.81
C GLU C 206 1.51 -5.37 -44.60
N LYS C 207 2.47 -5.78 -45.43
CA LYS C 207 3.86 -5.40 -45.24
C LYS C 207 4.06 -3.93 -45.64
N ASN C 208 3.39 -3.50 -46.72
CA ASN C 208 3.44 -2.11 -47.18
C ASN C 208 3.06 -1.17 -46.04
N THR C 209 1.94 -1.48 -45.39
CA THR C 209 1.41 -0.71 -44.30
C THR C 209 2.37 -0.70 -43.12
N GLU C 210 2.91 -1.84 -42.73
CA GLU C 210 3.96 -1.87 -41.70
C GLU C 210 5.03 -0.81 -42.03
N LEU C 211 5.43 -0.83 -43.32
CA LEU C 211 6.57 -0.06 -43.82
C LEU C 211 6.25 1.43 -43.73
N LEU C 212 5.10 1.79 -44.29
CA LEU C 212 4.57 3.13 -44.19
C LEU C 212 4.60 3.60 -42.74
N ASN C 213 4.02 2.79 -41.85
CA ASN C 213 3.85 3.17 -40.45
C ASN C 213 5.22 3.27 -39.77
N SER C 214 6.17 2.48 -40.19
CA SER C 214 7.51 2.60 -39.61
C SER C 214 8.22 3.91 -40.03
N ASN C 215 8.00 4.36 -41.27
CA ASN C 215 8.57 5.60 -41.79
C ASN C 215 7.95 6.78 -41.02
N VAL C 216 6.65 6.82 -40.99
CA VAL C 216 5.95 7.87 -40.27
C VAL C 216 6.49 8.00 -38.85
N ARG C 217 6.65 6.87 -38.14
CA ARG C 217 7.16 6.85 -36.77
C ARG C 217 8.58 7.47 -36.70
N ALA C 218 9.38 7.20 -37.71
CA ALA C 218 10.75 7.65 -37.71
C ALA C 218 10.78 9.15 -38.03
N TRP C 219 9.87 9.58 -38.88
CA TRP C 219 9.77 10.99 -39.11
C TRP C 219 9.35 11.68 -37.81
N LEU C 220 8.36 11.13 -37.11
CA LEU C 220 7.91 11.82 -35.91
C LEU C 220 9.03 11.84 -34.86
N LYS C 221 9.75 10.74 -34.67
CA LYS C 221 10.79 10.70 -33.65
C LYS C 221 12.02 11.54 -34.04
N GLY C 222 12.37 11.55 -35.32
CA GLY C 222 13.65 12.16 -35.76
C GLY C 222 14.83 11.26 -35.44
N ASP C 223 14.57 9.96 -35.60
CA ASP C 223 15.50 8.87 -35.29
C ASP C 223 14.77 7.52 -35.52
N SER C 224 15.47 6.40 -35.25
CA SER C 224 14.92 5.00 -35.38
C SER C 224 13.74 4.77 -34.42
N PRO C 225 12.59 4.31 -34.93
CA PRO C 225 11.45 4.03 -34.03
C PRO C 225 11.83 2.96 -32.99
N THR C 226 12.01 3.38 -31.73
CA THR C 226 12.35 2.43 -30.65
C THR C 226 11.06 1.76 -30.13
N PRO C 227 11.16 0.49 -29.74
CA PRO C 227 10.19 0.02 -28.77
C PRO C 227 10.34 0.79 -27.43
N GLY C 228 9.26 0.88 -26.64
CA GLY C 228 9.28 1.48 -25.28
C GLY C 228 8.37 2.70 -25.17
N ASP C 229 8.96 3.83 -24.75
CA ASP C 229 8.33 5.16 -24.86
C ASP C 229 8.53 5.76 -26.27
N PRO C 230 7.71 6.77 -26.65
CA PRO C 230 7.87 7.45 -27.95
C PRO C 230 9.21 8.21 -28.05
N ASP C 231 9.61 8.86 -26.95
CA ASP C 231 10.88 9.58 -26.84
C ASP C 231 11.21 10.49 -28.02
N PRO C 232 10.32 11.42 -28.34
CA PRO C 232 10.61 12.22 -29.53
C PRO C 232 11.90 13.02 -29.31
N THR C 233 12.80 13.01 -30.27
CA THR C 233 13.97 13.87 -30.24
C THR C 233 13.57 15.31 -30.61
N ARG C 234 14.52 16.21 -30.44
CA ARG C 234 14.35 17.60 -30.85
C ARG C 234 14.60 17.75 -32.37
N ASN C 235 14.82 16.67 -33.12
CA ASN C 235 15.11 16.74 -34.58
C ASN C 235 13.87 16.42 -35.42
N GLY C 236 12.86 15.72 -34.92
CA GLY C 236 11.82 15.16 -35.81
C GLY C 236 10.56 16.03 -35.98
N VAL C 237 9.50 15.43 -36.50
CA VAL C 237 8.31 16.16 -36.91
C VAL C 237 7.49 16.62 -35.71
N TYR C 238 7.55 15.86 -34.62
CA TYR C 238 6.85 16.22 -33.41
C TYR C 238 7.43 17.53 -32.88
N ALA C 239 8.76 17.60 -32.82
CA ALA C 239 9.53 18.80 -32.37
C ALA C 239 9.24 20.01 -33.26
N LYS C 240 9.19 19.81 -34.57
CA LYS C 240 8.80 20.93 -35.43
C LYS C 240 7.37 21.38 -35.07
N TYR C 241 6.44 20.46 -34.82
CA TYR C 241 5.04 20.88 -34.52
C TYR C 241 5.00 21.64 -33.18
N VAL C 242 5.73 21.16 -32.18
CA VAL C 242 5.81 21.88 -30.92
C VAL C 242 6.42 23.26 -31.15
N ARG C 243 7.47 23.36 -31.94
CA ARG C 243 8.08 24.67 -32.14
C ARG C 243 7.11 25.60 -32.87
N CYS C 244 6.34 25.12 -33.83
CA CYS C 244 5.53 26.06 -34.60
C CYS C 244 4.47 26.69 -33.70
N LEU C 245 4.10 26.04 -32.58
CA LEU C 245 3.14 26.66 -31.67
C LEU C 245 3.78 27.79 -30.86
N SER C 246 5.05 28.08 -31.02
CA SER C 246 5.72 29.20 -30.35
C SER C 246 6.05 30.31 -31.37
N ALA C 247 5.64 30.18 -32.62
CA ALA C 247 5.79 31.28 -33.60
C ALA C 247 5.30 32.58 -32.98
N PRO C 248 6.10 33.63 -33.06
CA PRO C 248 5.74 34.86 -32.38
C PRO C 248 4.74 35.76 -33.12
N ASN C 249 4.44 35.53 -34.40
CA ASN C 249 3.31 36.26 -35.09
C ASN C 249 2.82 35.39 -36.25
N TYR C 250 1.75 35.77 -36.92
CA TYR C 250 1.12 34.92 -37.92
C TYR C 250 2.04 34.80 -39.15
N THR C 251 2.86 35.82 -39.38
CA THR C 251 3.66 35.91 -40.60
C THR C 251 4.73 34.81 -40.62
N VAL C 252 5.47 34.66 -39.53
CA VAL C 252 6.47 33.59 -39.44
C VAL C 252 5.78 32.23 -39.25
N PHE C 253 4.62 32.24 -38.58
CA PHE C 253 3.84 30.99 -38.43
C PHE C 253 3.39 30.47 -39.81
N SER C 254 3.02 31.35 -40.70
CA SER C 254 2.24 30.93 -41.88
C SER C 254 3.10 30.17 -42.89
N ASN C 255 4.36 30.54 -43.10
CA ASN C 255 5.06 29.96 -44.26
C ASN C 255 6.59 30.04 -44.13
N THR C 256 7.25 29.21 -44.93
CA THR C 256 8.72 28.94 -44.89
C THR C 256 9.53 30.07 -45.51
N THR C 257 8.92 30.92 -46.34
CA THR C 257 9.66 32.06 -46.89
C THR C 257 9.84 33.10 -45.77
N SER C 258 8.76 33.44 -45.06
CA SER C 258 8.81 34.40 -43.98
C SER C 258 9.70 33.88 -42.84
N ALA C 259 9.57 32.60 -42.50
CA ALA C 259 10.28 32.02 -41.33
C ALA C 259 11.79 32.03 -41.57
N SER C 260 12.20 31.69 -42.79
CA SER C 260 13.61 31.69 -43.15
C SER C 260 14.27 33.08 -43.00
N VAL C 261 13.57 34.13 -43.44
CA VAL C 261 14.09 35.50 -43.28
C VAL C 261 14.00 35.89 -41.80
N TRP C 262 12.89 35.61 -41.15
CA TRP C 262 12.88 35.79 -39.69
C TRP C 262 14.11 35.11 -39.07
N ASN C 263 14.41 33.85 -39.42
CA ASN C 263 15.55 33.11 -38.79
C ASN C 263 16.90 33.72 -39.21
N SER C 264 16.99 34.41 -40.36
CA SER C 264 18.26 35.02 -40.81
C SER C 264 18.56 36.32 -40.06
N SER C 265 17.61 36.81 -39.27
CA SER C 265 17.67 38.18 -38.79
C SER C 265 17.31 38.28 -37.29
N ASN C 266 16.73 37.24 -36.71
CA ASN C 266 16.40 37.26 -35.27
C ASN C 266 17.13 36.08 -34.62
N PRO C 267 17.48 36.25 -33.35
CA PRO C 267 18.16 35.18 -32.63
C PRO C 267 17.16 34.07 -32.28
N GLY C 268 17.66 32.86 -32.14
CA GLY C 268 16.79 31.72 -31.90
C GLY C 268 16.34 31.10 -33.21
N LEU C 269 15.43 30.16 -33.12
CA LEU C 269 14.88 29.46 -34.27
C LEU C 269 13.37 29.53 -34.19
N VAL C 270 12.78 29.60 -35.33
CA VAL C 270 11.37 29.69 -35.44
C VAL C 270 10.99 28.63 -36.47
N THR C 271 9.78 28.05 -36.38
CA THR C 271 9.31 27.07 -37.37
C THR C 271 7.88 27.41 -37.84
N PRO C 272 7.68 27.50 -39.15
CA PRO C 272 6.30 27.68 -39.55
C PRO C 272 5.54 26.35 -39.48
N VAL C 273 4.21 26.40 -39.37
CA VAL C 273 3.39 25.22 -39.51
C VAL C 273 3.60 24.57 -40.89
N GLU C 274 3.87 25.32 -41.95
CA GLU C 274 4.18 24.74 -43.27
C GLU C 274 5.28 23.67 -43.20
N SER C 275 6.26 23.80 -42.30
CA SER C 275 7.47 22.97 -42.39
C SER C 275 7.22 21.51 -41.94
N PRO C 276 6.67 21.31 -40.74
CA PRO C 276 6.29 19.93 -40.48
C PRO C 276 5.14 19.45 -41.37
N HIS C 277 4.29 20.35 -41.82
CA HIS C 277 3.29 19.95 -42.81
C HIS C 277 3.97 19.28 -44.01
N ASN C 278 5.13 19.86 -44.42
CA ASN C 278 5.91 19.37 -45.54
C ASN C 278 6.49 17.99 -45.22
N ASP C 279 6.94 17.79 -44.01
CA ASP C 279 7.56 16.51 -43.64
C ASP C 279 6.61 15.36 -43.78
N ILE C 280 5.34 15.55 -43.41
CA ILE C 280 4.33 14.45 -43.49
C ILE C 280 4.09 14.14 -44.97
N HIS C 281 3.93 15.17 -45.78
CA HIS C 281 3.81 15.03 -47.21
C HIS C 281 4.94 14.14 -47.73
N LEU C 282 6.15 14.46 -47.31
CA LEU C 282 7.29 13.74 -47.80
C LEU C 282 7.28 12.31 -47.25
N ALA C 283 6.86 12.11 -46.00
CA ALA C 283 6.96 10.78 -45.43
C ALA C 283 5.99 9.83 -46.12
N VAL C 284 4.77 10.29 -46.33
CA VAL C 284 3.75 9.46 -46.96
C VAL C 284 4.07 9.37 -48.45
N GLY C 285 4.65 10.45 -48.94
CA GLY C 285 4.82 10.67 -50.36
C GLY C 285 6.04 9.97 -50.94
N GLY C 286 6.89 9.34 -50.12
CA GLY C 286 7.92 8.46 -50.66
C GLY C 286 9.32 8.61 -50.06
N PHE C 287 9.58 9.49 -49.09
CA PHE C 287 10.96 9.65 -48.60
C PHE C 287 11.19 8.88 -47.29
N ASP C 288 12.17 7.97 -47.31
CA ASP C 288 12.67 7.33 -46.09
C ASP C 288 13.39 8.36 -45.25
N TYR C 289 13.32 8.28 -43.93
CA TYR C 289 13.88 9.35 -43.08
C TYR C 289 15.37 9.06 -42.84
N GLY C 290 15.67 7.84 -42.39
CA GLY C 290 17.03 7.36 -42.15
C GLY C 290 17.15 5.88 -42.45
N GLN C 296 20.34 8.32 -51.23
CA GLN C 296 20.08 9.71 -51.63
C GLN C 296 18.90 9.80 -52.63
N ILE C 297 18.55 8.68 -53.30
CA ILE C 297 17.47 8.69 -54.31
C ILE C 297 16.18 8.07 -53.75
N ALA C 298 15.20 8.92 -53.43
CA ALA C 298 13.87 8.46 -53.09
C ALA C 298 13.21 7.90 -54.35
N GLY C 299 13.20 6.57 -54.48
CA GLY C 299 12.60 5.88 -55.63
C GLY C 299 11.09 5.78 -55.56
N ALA C 300 10.52 5.73 -54.36
CA ALA C 300 9.06 5.67 -54.17
C ALA C 300 8.45 7.05 -54.38
N ASN C 301 7.67 7.24 -55.44
CA ASN C 301 7.05 8.52 -55.77
C ASN C 301 5.55 8.47 -55.45
N GLY C 302 5.21 8.58 -54.18
CA GLY C 302 3.81 8.72 -53.77
C GLY C 302 3.17 10.01 -54.28
N ASP C 303 1.84 10.02 -54.35
CA ASP C 303 1.13 11.22 -54.80
C ASP C 303 1.20 12.39 -53.80
N MET C 304 1.19 12.08 -52.48
CA MET C 304 1.43 13.07 -51.39
C MET C 304 2.82 13.72 -51.48
N GLY C 305 3.76 13.21 -52.29
CA GLY C 305 5.18 13.66 -52.32
C GLY C 305 5.41 14.99 -53.02
N GLU C 306 4.41 15.46 -53.75
CA GLU C 306 4.61 16.53 -54.68
C GLU C 306 3.29 17.29 -54.83
N ASN C 307 3.37 18.57 -55.11
CA ASN C 307 2.19 19.40 -55.17
C ASN C 307 1.35 19.10 -56.41
N ASN C 308 1.66 18.02 -57.13
CA ASN C 308 1.11 17.81 -58.48
C ASN C 308 -0.28 17.19 -58.36
N THR C 309 -0.34 15.99 -57.79
CA THR C 309 -1.60 15.28 -57.63
C THR C 309 -1.83 14.95 -56.14
N ALA C 310 -1.36 15.79 -55.22
CA ALA C 310 -1.41 15.45 -53.77
C ALA C 310 -2.86 15.48 -53.26
N GLY C 311 -3.65 16.45 -53.74
CA GLY C 311 -5.08 16.52 -53.46
C GLY C 311 -5.84 15.23 -53.78
N MET C 312 -5.44 14.47 -54.79
CA MET C 312 -6.20 13.26 -55.17
C MET C 312 -6.04 12.13 -54.14
N ASP C 313 -5.17 12.22 -53.15
CA ASP C 313 -5.16 11.21 -52.09
C ASP C 313 -6.06 11.77 -51.02
N PRO C 314 -7.01 10.96 -50.53
CA PRO C 314 -7.89 11.43 -49.46
C PRO C 314 -7.16 11.76 -48.14
N ILE C 315 -5.98 11.18 -47.88
CA ILE C 315 -5.28 11.49 -46.61
C ILE C 315 -4.74 12.92 -46.62
N PHE C 316 -4.63 13.55 -47.81
CA PHE C 316 -4.33 14.96 -47.90
C PHE C 316 -5.12 15.73 -46.85
N PHE C 317 -6.41 15.39 -46.79
CA PHE C 317 -7.42 16.18 -46.07
C PHE C 317 -7.44 15.87 -44.57
N PHE C 318 -7.16 14.65 -44.17
CA PHE C 318 -6.98 14.26 -42.74
C PHE C 318 -5.67 14.89 -42.23
N HIS C 319 -4.65 14.91 -43.08
CA HIS C 319 -3.48 15.72 -42.82
C HIS C 319 -3.81 17.23 -42.69
N HIS C 320 -4.51 17.83 -43.65
CA HIS C 320 -4.68 19.27 -43.58
C HIS C 320 -5.69 19.67 -42.51
N CYS C 321 -6.62 18.79 -42.19
CA CYS C 321 -7.46 19.04 -41.05
C CYS C 321 -6.61 19.14 -39.76
N ASN C 322 -5.55 18.34 -39.60
CA ASN C 322 -4.64 18.51 -38.43
C ASN C 322 -3.84 19.81 -38.52
N VAL C 323 -3.44 20.20 -39.72
CA VAL C 323 -2.66 21.45 -39.91
C VAL C 323 -3.55 22.63 -39.51
N ASP C 324 -4.83 22.57 -39.89
CA ASP C 324 -5.75 23.64 -39.58
C ASP C 324 -5.96 23.68 -38.07
N ARG C 325 -5.91 22.52 -37.42
CA ARG C 325 -6.04 22.46 -35.97
C ARG C 325 -4.81 23.11 -35.31
N MET C 326 -3.61 22.88 -35.83
CA MET C 326 -2.45 23.47 -35.20
C MET C 326 -2.58 24.99 -35.31
N PHE C 327 -3.06 25.45 -36.45
CA PHE C 327 -3.30 26.87 -36.67
C PHE C 327 -4.28 27.39 -35.62
N TRP C 328 -5.40 26.69 -35.45
CA TRP C 328 -6.36 27.13 -34.41
C TRP C 328 -5.68 27.06 -33.02
N VAL C 329 -5.02 25.95 -32.70
CA VAL C 329 -4.34 25.90 -31.39
C VAL C 329 -3.36 27.07 -31.25
N TRP C 330 -2.64 27.44 -32.32
CA TRP C 330 -1.75 28.62 -32.29
C TRP C 330 -2.57 29.89 -32.00
N GLN C 331 -3.65 30.10 -32.75
CA GLN C 331 -4.49 31.23 -32.49
C GLN C 331 -4.88 31.24 -31.00
N LYS C 332 -5.31 30.10 -30.43
CA LYS C 332 -5.74 30.04 -28.99
C LYS C 332 -4.60 30.44 -28.05
N GLN C 333 -3.46 29.76 -28.11
CA GLN C 333 -2.37 29.94 -27.10
C GLN C 333 -1.80 31.37 -27.11
N THR C 334 -1.94 32.13 -28.18
CA THR C 334 -1.22 33.39 -28.31
C THR C 334 -2.17 34.60 -28.44
N GLY C 335 -3.48 34.36 -28.46
CA GLY C 335 -4.49 35.39 -28.28
C GLY C 335 -5.03 35.90 -29.60
N HIS C 336 -4.86 35.14 -30.68
CA HIS C 336 -5.12 35.62 -32.03
C HIS C 336 -6.29 34.85 -32.65
N THR C 337 -7.36 34.61 -31.91
CA THR C 337 -8.55 33.87 -32.49
C THR C 337 -9.53 34.81 -33.23
N ASP C 338 -9.47 36.12 -32.95
CA ASP C 338 -10.23 37.13 -33.75
C ASP C 338 -9.37 38.16 -34.51
N ARG C 339 -8.14 38.43 -34.07
CA ARG C 339 -7.27 39.44 -34.72
C ARG C 339 -5.98 38.78 -35.23
N LEU C 340 -5.75 38.85 -36.55
CA LEU C 340 -4.47 38.45 -37.21
C LEU C 340 -3.74 39.65 -37.83
N ASP C 341 -2.43 39.56 -37.88
CA ASP C 341 -1.60 40.55 -38.50
C ASP C 341 -0.63 39.96 -39.53
N ILE C 342 -0.55 40.65 -40.67
CA ILE C 342 0.45 40.42 -41.68
C ILE C 342 1.45 41.57 -41.63
N ILE C 343 2.76 41.27 -41.58
CA ILE C 343 3.77 42.33 -41.48
C ILE C 343 4.04 42.86 -42.89
N ARG C 344 3.65 44.11 -43.15
CA ARG C 344 3.76 44.66 -44.51
C ARG C 344 5.22 44.58 -45.00
N ASN C 345 5.37 44.20 -46.26
CA ASN C 345 6.66 44.14 -47.03
C ASN C 345 7.54 42.98 -46.57
N TYR C 346 7.09 42.12 -45.66
CA TYR C 346 7.90 40.96 -45.28
C TYR C 346 7.92 39.95 -46.43
N PRO C 347 9.10 39.40 -46.70
CA PRO C 347 9.22 38.33 -47.69
C PRO C 347 8.14 37.26 -47.44
N GLY C 348 7.51 36.82 -48.51
CA GLY C 348 6.35 35.97 -48.39
C GLY C 348 5.05 36.76 -48.32
N THR C 349 5.08 38.09 -48.36
CA THR C 349 3.80 38.84 -48.53
C THR C 349 3.64 39.28 -49.99
N ASN C 350 4.21 38.57 -50.96
CA ASN C 350 3.97 38.84 -52.40
C ASN C 350 4.07 37.54 -53.20
N ALA C 351 3.33 37.45 -54.30
CA ALA C 351 3.48 36.35 -55.30
C ALA C 351 4.29 36.86 -56.51
N GLU C 365 2.26 41.56 -57.00
CA GLU C 365 0.92 41.29 -56.46
C GLU C 365 1.03 41.07 -54.95
N SER C 366 0.53 42.03 -54.16
CA SER C 366 0.77 42.11 -52.71
C SER C 366 -0.33 41.39 -51.90
N LEU C 367 0.06 40.71 -50.81
CA LEU C 367 -0.77 39.69 -50.12
C LEU C 367 -1.18 40.17 -48.73
N ASN C 368 -2.49 40.16 -48.43
CA ASN C 368 -2.97 40.57 -47.08
C ASN C 368 -4.29 39.87 -46.75
N LEU C 369 -4.96 40.34 -45.71
CA LEU C 369 -6.14 39.64 -45.18
C LEU C 369 -7.34 39.74 -46.11
N THR C 370 -7.43 40.76 -46.96
CA THR C 370 -8.57 40.89 -47.87
C THR C 370 -8.19 40.42 -49.27
N THR C 371 -7.06 39.75 -49.40
CA THR C 371 -6.79 39.07 -50.65
C THR C 371 -7.78 37.91 -50.76
N PRO C 372 -8.35 37.71 -51.97
CA PRO C 372 -9.25 36.59 -52.31
C PRO C 372 -8.59 35.21 -52.38
N LEU C 373 -9.17 34.24 -51.67
CA LEU C 373 -8.69 32.86 -51.65
C LEU C 373 -9.51 32.06 -52.66
N ASN C 374 -9.16 32.21 -53.92
CA ASN C 374 -9.90 31.56 -55.01
C ASN C 374 -9.49 30.09 -55.10
N PRO C 375 -10.40 29.20 -55.51
CA PRO C 375 -11.72 29.54 -56.10
C PRO C 375 -12.89 29.50 -55.09
N PHE C 376 -12.59 29.66 -53.81
CA PHE C 376 -13.58 29.44 -52.77
C PHE C 376 -14.51 30.66 -52.72
N LYS C 377 -15.77 30.38 -52.99
CA LYS C 377 -16.73 31.46 -53.18
C LYS C 377 -17.87 31.30 -52.17
N LYS C 378 -18.39 32.44 -51.70
CA LYS C 378 -19.45 32.47 -50.70
C LYS C 378 -20.83 32.25 -51.37
N ALA C 379 -21.91 32.74 -50.74
CA ALA C 379 -23.28 32.72 -51.28
C ALA C 379 -23.45 33.75 -52.40
N SER C 380 -23.34 35.04 -52.05
CA SER C 380 -23.54 36.14 -53.00
C SER C 380 -22.88 35.84 -54.36
N GLY C 381 -21.56 35.66 -54.31
CA GLY C 381 -20.71 35.63 -55.51
C GLY C 381 -19.26 35.93 -55.16
N GLU C 382 -19.07 36.85 -54.21
CA GLU C 382 -17.75 37.18 -53.60
C GLU C 382 -16.91 35.92 -53.31
N ALA C 383 -15.60 36.14 -53.39
CA ALA C 383 -14.61 35.15 -52.96
C ALA C 383 -14.40 35.24 -51.45
N TYR C 384 -14.11 34.12 -50.82
CA TYR C 384 -13.66 34.16 -49.43
C TYR C 384 -12.33 34.93 -49.33
N THR C 385 -12.17 35.65 -48.23
CA THR C 385 -10.91 36.23 -47.88
C THR C 385 -10.43 35.67 -46.54
N SER C 386 -9.21 36.02 -46.16
CA SER C 386 -8.64 35.51 -44.93
C SER C 386 -9.38 36.10 -43.73
N GLU C 387 -9.90 37.33 -43.88
CA GLU C 387 -10.65 37.96 -42.76
C GLU C 387 -11.90 37.13 -42.44
N ASP C 388 -12.42 36.45 -43.48
CA ASP C 388 -13.59 35.60 -43.33
C ASP C 388 -13.38 34.32 -42.51
N CYS C 389 -12.16 33.94 -42.12
CA CYS C 389 -12.05 32.62 -41.44
C CYS C 389 -10.92 32.57 -40.42
N ILE C 390 -10.80 33.63 -39.64
CA ILE C 390 -9.87 33.73 -38.52
C ILE C 390 -10.41 32.95 -37.32
N ASN C 391 -11.66 33.22 -36.95
CA ASN C 391 -12.35 32.58 -35.82
C ASN C 391 -13.24 31.45 -36.38
N ILE C 392 -12.94 30.19 -36.06
CA ILE C 392 -13.65 29.08 -36.72
C ILE C 392 -15.03 28.90 -36.09
N GLU C 393 -15.19 29.39 -34.86
CA GLU C 393 -16.43 29.33 -34.11
C GLU C 393 -17.37 30.45 -34.57
N ARG C 394 -17.02 31.71 -34.31
CA ARG C 394 -17.86 32.86 -34.72
C ARG C 394 -18.16 32.76 -36.22
N GLN C 395 -17.17 32.51 -37.07
CA GLN C 395 -17.36 32.75 -38.53
C GLN C 395 -17.68 31.47 -39.32
N LEU C 396 -17.43 30.29 -38.78
CA LEU C 396 -17.62 29.07 -39.61
C LEU C 396 -18.39 28.00 -38.84
N GLY C 397 -18.51 28.20 -37.53
CA GLY C 397 -19.42 27.41 -36.73
C GLY C 397 -18.91 26.02 -36.48
N PHE C 398 -17.61 25.90 -36.27
CA PHE C 398 -17.07 24.62 -35.84
C PHE C 398 -15.82 24.87 -35.01
N THR C 399 -15.36 23.83 -34.33
CA THR C 399 -14.24 23.93 -33.40
C THR C 399 -13.52 22.58 -33.36
N TYR C 400 -12.32 22.56 -32.81
CA TYR C 400 -11.53 21.35 -32.82
C TYR C 400 -11.72 20.68 -31.47
N GLY C 401 -12.11 19.43 -31.52
CA GLY C 401 -12.18 18.61 -30.35
C GLY C 401 -10.82 18.54 -29.72
N PRO C 402 -10.73 17.87 -28.57
CA PRO C 402 -9.43 17.84 -27.88
C PRO C 402 -8.45 16.94 -28.64
N GLY C 403 -7.19 17.35 -28.64
CA GLY C 403 -6.15 16.60 -29.32
C GLY C 403 -4.78 16.99 -28.80
N SER C 404 -3.75 16.36 -29.30
CA SER C 404 -2.40 16.59 -28.77
C SER C 404 -1.97 18.04 -28.99
N LEU C 405 -1.20 18.52 -28.01
CA LEU C 405 -0.39 19.75 -28.08
C LEU C 405 -1.24 21.02 -27.90
N ASP C 406 -2.46 20.95 -27.37
CA ASP C 406 -3.20 22.23 -27.38
C ASP C 406 -2.93 23.11 -26.16
N ASP C 407 -2.22 22.56 -25.19
CA ASP C 407 -1.78 23.31 -24.00
C ASP C 407 -0.30 23.50 -24.12
N ALA C 408 0.15 24.74 -23.94
CA ALA C 408 1.58 25.03 -23.77
C ALA C 408 2.02 24.47 -22.40
N THR C 409 3.15 23.79 -22.30
CA THR C 409 3.57 23.20 -20.98
C THR C 409 5.09 23.28 -20.84
N PRO C 410 5.58 23.19 -19.60
CA PRO C 410 7.04 23.15 -19.43
C PRO C 410 7.71 21.94 -20.12
N GLU C 411 7.00 20.85 -20.35
CA GLU C 411 7.65 19.68 -21.01
C GLU C 411 7.89 19.95 -22.51
N LEU C 412 6.90 20.48 -23.19
CA LEU C 412 7.06 20.87 -24.58
C LEU C 412 8.14 21.96 -24.70
N LYS C 413 8.26 22.81 -23.70
CA LYS C 413 9.22 23.92 -23.74
C LYS C 413 10.67 23.39 -23.67
N SER C 414 10.93 22.33 -22.92
CA SER C 414 12.29 21.85 -22.61
C SER C 414 12.83 20.92 -23.71
N LEU C 415 11.93 20.32 -24.48
CA LEU C 415 12.28 19.64 -25.72
C LEU C 415 12.93 20.62 -26.73
N LEU C 416 12.42 21.85 -26.82
CA LEU C 416 13.01 22.89 -27.67
C LEU C 416 14.30 23.47 -27.02
N ALA C 417 14.55 23.25 -25.74
CA ALA C 417 15.57 24.03 -25.04
C ALA C 417 16.97 23.47 -25.30
N VAL C 418 17.95 24.35 -25.19
CA VAL C 418 19.33 23.94 -25.38
C VAL C 418 19.82 23.30 -24.08
N PRO C 419 20.29 22.06 -24.14
CA PRO C 419 20.88 21.41 -22.96
C PRO C 419 21.94 22.30 -22.29
N SER C 420 22.13 22.08 -20.99
CA SER C 420 23.16 22.79 -20.19
C SER C 420 24.57 22.49 -20.72
N GLY C 421 25.28 23.51 -21.23
CA GLY C 421 26.66 23.33 -21.73
C GLY C 421 26.72 22.85 -23.18
N ASN C 422 25.83 23.35 -24.03
CA ASN C 422 25.80 23.01 -25.46
C ASN C 422 25.56 24.30 -26.25
N SER C 423 25.96 24.35 -27.51
CA SER C 423 25.91 25.63 -28.24
C SER C 423 24.48 26.17 -28.33
N THR C 424 24.35 27.48 -28.12
CA THR C 424 23.14 28.29 -28.37
C THR C 424 23.15 28.84 -29.81
N LYS C 425 24.14 28.43 -30.60
CA LYS C 425 24.35 29.07 -31.89
C LYS C 425 23.45 28.44 -32.95
N LYS C 426 23.74 28.76 -34.20
CA LYS C 426 22.81 28.54 -35.28
C LYS C 426 23.62 28.45 -36.56
N LEU C 427 23.23 27.52 -37.44
CA LEU C 427 23.91 27.30 -38.71
C LEU C 427 22.99 27.73 -39.86
N THR C 428 23.52 28.65 -40.63
CA THR C 428 22.88 29.12 -41.84
C THR C 428 23.60 28.50 -43.02
N VAL C 429 22.81 27.78 -43.82
CA VAL C 429 23.25 27.21 -45.07
C VAL C 429 22.69 28.03 -46.22
N THR C 430 23.57 28.47 -47.13
CA THR C 430 23.13 29.22 -48.32
C THR C 430 23.84 28.64 -49.55
N GLY C 431 23.51 29.22 -50.71
CA GLY C 431 24.19 28.93 -52.00
C GLY C 431 23.63 27.70 -52.71
N ILE C 432 22.32 27.64 -52.89
CA ILE C 432 21.66 26.49 -53.46
C ILE C 432 20.43 26.98 -54.24
N ASP C 433 20.50 27.02 -55.56
CA ASP C 433 19.31 27.33 -56.36
C ASP C 433 18.53 26.04 -56.41
N ARG C 434 17.32 26.06 -55.87
CA ARG C 434 16.50 24.87 -55.96
C ARG C 434 15.88 24.78 -57.36
N ALA C 435 16.06 25.80 -58.20
CA ALA C 435 15.73 25.66 -59.64
C ALA C 435 16.49 24.45 -60.24
N GLN C 436 17.69 24.21 -59.74
CA GLN C 436 18.51 23.10 -60.23
C GLN C 436 17.85 21.74 -59.95
N ILE C 437 16.73 21.66 -59.19
CA ILE C 437 16.20 20.36 -58.74
C ILE C 437 14.73 20.19 -59.14
N GLN C 438 14.42 19.02 -59.66
CA GLN C 438 13.07 18.65 -60.01
C GLN C 438 12.51 17.78 -58.87
N GLY C 439 11.28 18.02 -58.50
CA GLY C 439 10.65 17.24 -57.42
C GLY C 439 11.00 17.71 -56.02
N SER C 440 10.36 17.08 -55.04
CA SER C 440 10.59 17.40 -53.63
C SER C 440 11.98 16.90 -53.22
N PHE C 441 12.53 17.53 -52.19
CA PHE C 441 13.76 17.01 -51.61
C PHE C 441 13.85 17.35 -50.10
N ILE C 442 14.83 16.71 -49.45
CA ILE C 442 15.18 16.91 -48.09
C ILE C 442 16.65 17.30 -48.00
N MET C 443 16.99 18.35 -47.25
CA MET C 443 18.40 18.63 -46.86
C MET C 443 18.64 18.03 -45.47
N LYS C 444 19.79 17.44 -45.20
CA LYS C 444 20.11 17.01 -43.85
C LYS C 444 21.46 17.60 -43.52
N ALA C 445 21.63 18.14 -42.34
CA ALA C 445 22.87 18.86 -42.00
C ALA C 445 23.63 18.10 -40.92
N TYR C 446 24.95 17.97 -41.09
CA TYR C 446 25.82 17.35 -40.08
C TYR C 446 27.03 18.22 -39.74
N ALA C 447 27.53 18.02 -38.55
CA ALA C 447 28.85 18.57 -38.16
C ALA C 447 29.78 17.41 -37.81
N SER C 448 31.08 17.66 -37.84
CA SER C 448 32.06 16.67 -37.35
C SER C 448 33.30 17.39 -36.81
N VAL C 449 33.83 16.81 -35.74
CA VAL C 449 34.99 17.32 -35.03
C VAL C 449 36.09 16.24 -35.01
N THR C 450 37.32 16.58 -35.40
CA THR C 450 38.47 15.71 -35.09
C THR C 450 39.20 16.23 -33.85
N ASP C 451 39.19 15.48 -32.74
CA ASP C 451 39.90 15.92 -31.50
C ASP C 451 41.45 15.90 -31.69
N ALA C 452 42.20 16.13 -30.60
CA ALA C 452 43.67 16.32 -30.65
C ALA C 452 44.36 15.30 -31.56
N ASN C 453 43.85 14.05 -31.62
CA ASN C 453 44.47 12.96 -32.43
C ASN C 453 43.85 12.93 -33.85
N GLY C 454 42.61 12.47 -34.05
CA GLY C 454 41.73 11.97 -32.99
C GLY C 454 40.49 11.27 -33.53
N LYS C 455 39.62 10.89 -32.60
CA LYS C 455 38.35 10.21 -32.86
C LYS C 455 37.36 11.20 -33.49
N THR C 456 36.63 10.73 -34.50
CA THR C 456 35.80 11.58 -35.35
C THR C 456 34.33 11.47 -34.88
N ARG C 457 33.93 12.38 -33.97
CA ARG C 457 32.52 12.52 -33.55
C ARG C 457 31.72 13.19 -34.67
N GLU C 458 30.52 12.67 -34.96
CA GLU C 458 29.55 13.33 -35.83
C GLU C 458 28.37 13.81 -34.99
N TYR C 459 27.76 14.92 -35.35
CA TYR C 459 26.49 15.35 -34.76
C TYR C 459 25.47 15.64 -35.88
N TYR C 460 24.26 15.13 -35.72
CA TYR C 460 23.19 15.34 -36.67
C TYR C 460 22.40 16.57 -36.22
N LEU C 461 22.28 17.55 -37.10
CA LEU C 461 21.77 18.86 -36.71
C LEU C 461 20.30 19.01 -37.07
N GLY C 462 19.72 18.13 -37.89
CA GLY C 462 18.31 18.37 -38.35
C GLY C 462 18.06 18.22 -39.86
N HIS C 463 16.77 18.23 -40.23
CA HIS C 463 16.34 18.12 -41.62
C HIS C 463 15.53 19.36 -42.04
N LYS C 464 15.49 19.63 -43.32
CA LYS C 464 14.58 20.62 -43.86
C LYS C 464 13.96 20.01 -45.12
N SER C 465 12.66 20.02 -45.17
CA SER C 465 11.90 19.38 -46.24
C SER C 465 11.40 20.45 -47.21
N ILE C 466 11.76 20.35 -48.48
CA ILE C 466 11.20 21.25 -49.50
C ILE C 466 10.21 20.43 -50.33
N LEU C 467 8.94 20.74 -50.12
CA LEU C 467 7.84 20.20 -50.89
C LEU C 467 7.71 21.00 -52.19
N SER C 468 7.90 20.36 -53.33
CA SER C 468 7.90 21.04 -54.61
C SER C 468 6.98 20.30 -55.61
N ARG C 469 7.35 20.29 -56.89
CA ARG C 469 6.52 19.72 -57.94
C ARG C 469 7.41 19.26 -59.10
N TRP C 470 6.83 18.46 -60.01
CA TRP C 470 7.44 18.18 -61.32
C TRP C 470 6.96 19.24 -62.33
N ASN C 471 7.82 19.49 -63.33
CA ASN C 471 7.55 20.38 -64.48
C ASN C 471 8.13 19.79 -65.78
N LEU C 482 15.60 31.12 -57.61
CA LEU C 482 15.05 30.99 -56.25
C LEU C 482 16.05 30.26 -55.33
N ASP C 483 16.68 31.02 -54.41
CA ASP C 483 17.61 30.47 -53.42
C ASP C 483 16.83 29.99 -52.17
N ILE C 484 17.37 28.99 -51.48
CA ILE C 484 16.83 28.63 -50.15
C ILE C 484 17.95 28.82 -49.14
N VAL C 485 17.59 29.18 -47.92
CA VAL C 485 18.56 29.42 -46.86
C VAL C 485 18.07 28.69 -45.62
N ALA C 486 18.56 27.47 -45.42
CA ALA C 486 18.12 26.62 -44.27
C ALA C 486 18.79 27.08 -42.98
N HIS C 487 18.20 26.75 -41.81
CA HIS C 487 18.75 27.15 -40.52
C HIS C 487 18.77 25.96 -39.58
N PHE C 488 19.91 25.61 -38.96
CA PHE C 488 19.95 24.41 -38.09
C PHE C 488 20.48 24.81 -36.71
N PRO C 489 19.79 24.40 -35.65
CA PRO C 489 20.30 24.59 -34.31
C PRO C 489 21.55 23.73 -34.11
N LEU C 490 22.49 24.25 -33.35
CA LEU C 490 23.70 23.53 -33.00
C LEU C 490 23.57 23.06 -31.56
N SER C 491 22.36 22.69 -31.17
CA SER C 491 22.07 22.40 -29.77
C SER C 491 22.52 20.98 -29.42
N ALA C 492 22.77 20.17 -30.45
CA ALA C 492 23.23 18.81 -30.30
C ALA C 492 24.73 18.76 -29.96
N MET C 493 25.46 19.87 -29.99
CA MET C 493 26.92 19.78 -29.81
C MET C 493 27.36 20.70 -28.67
N PRO C 494 28.45 20.31 -27.95
CA PRO C 494 28.95 21.05 -26.78
C PRO C 494 29.54 22.38 -27.29
N ALA C 495 29.28 23.47 -26.59
CA ALA C 495 29.46 24.79 -27.18
C ALA C 495 30.93 24.97 -27.59
N ASP C 496 31.86 24.55 -26.75
CA ASP C 496 33.29 24.77 -27.01
C ASP C 496 33.76 24.06 -28.29
N ASP C 497 32.98 23.05 -28.72
CA ASP C 497 33.30 22.21 -29.85
C ASP C 497 32.86 22.79 -31.22
N VAL C 498 32.12 23.90 -31.22
CA VAL C 498 31.55 24.49 -32.44
C VAL C 498 32.65 25.10 -33.34
N PRO C 499 33.43 26.11 -32.84
CA PRO C 499 34.37 26.77 -33.78
C PRO C 499 35.47 25.85 -34.38
N LYS C 500 35.55 24.59 -33.99
CA LYS C 500 36.50 23.65 -34.57
C LYS C 500 35.81 22.76 -35.62
N ALA C 501 34.49 22.75 -35.65
CA ALA C 501 33.74 21.73 -36.42
C ALA C 501 33.67 22.12 -37.89
N LYS C 502 33.43 21.10 -38.73
CA LYS C 502 33.25 21.23 -40.17
C LYS C 502 31.84 20.72 -40.57
N PHE C 503 31.14 21.48 -41.41
CA PHE C 503 29.71 21.22 -41.69
C PHE C 503 29.54 20.68 -43.10
N ARG C 504 28.49 19.91 -43.28
CA ARG C 504 28.07 19.51 -44.60
C ARG C 504 26.56 19.27 -44.62
N VAL C 505 25.99 19.21 -45.82
CA VAL C 505 24.60 18.89 -45.99
C VAL C 505 24.51 17.74 -46.99
N GLU C 506 23.61 16.78 -46.75
CA GLU C 506 23.25 15.74 -47.74
C GLU C 506 21.88 16.09 -48.31
N PHE C 507 21.63 15.69 -49.52
CA PHE C 507 20.35 15.89 -50.14
C PHE C 507 19.75 14.52 -50.47
N ILE C 508 18.44 14.41 -50.26
CA ILE C 508 17.66 13.25 -50.68
C ILE C 508 16.65 13.75 -51.70
N HIS C 509 16.62 13.20 -52.89
CA HIS C 509 15.86 13.86 -53.91
C HIS C 509 15.38 12.83 -54.94
N ARG C 510 14.64 13.27 -55.93
CA ARG C 510 13.94 12.34 -56.80
C ARG C 510 14.84 11.84 -57.90
N GLY C 511 16.03 12.41 -58.06
CA GLY C 511 16.97 11.88 -59.05
C GLY C 511 16.41 11.95 -60.46
N GLY C 512 15.65 13.01 -60.75
CA GLY C 512 15.14 13.24 -62.11
C GLY C 512 13.87 12.46 -62.42
N GLY C 513 13.45 11.54 -61.56
CA GLY C 513 12.24 10.75 -61.83
C GLY C 513 12.52 9.46 -62.58
N VAL C 514 13.04 9.56 -63.80
CA VAL C 514 13.33 8.41 -64.69
C VAL C 514 14.83 8.36 -64.99
N PRO C 515 15.38 7.15 -65.27
CA PRO C 515 16.85 6.93 -65.45
C PRO C 515 17.54 7.81 -66.53
N SER C 516 16.80 8.19 -67.56
CA SER C 516 17.33 8.97 -68.65
C SER C 516 17.56 10.42 -68.21
N ALA C 517 16.95 10.87 -67.09
CA ALA C 517 17.25 12.21 -66.51
C ALA C 517 18.08 12.06 -65.22
N ALA C 518 18.42 10.84 -64.84
CA ALA C 518 19.09 10.58 -63.56
C ALA C 518 20.49 11.20 -63.54
N LYS C 519 21.23 11.07 -64.63
CA LYS C 519 22.63 11.48 -64.63
C LYS C 519 22.69 12.99 -64.50
N ALA C 520 21.81 13.70 -65.17
CA ALA C 520 21.83 15.15 -65.08
C ALA C 520 21.47 15.60 -63.67
N ALA C 521 20.54 14.90 -63.01
CA ALA C 521 19.98 15.37 -61.71
C ALA C 521 20.94 15.01 -60.56
N ILE C 522 21.60 13.87 -60.64
CA ILE C 522 22.55 13.43 -59.61
C ILE C 522 23.80 14.32 -59.66
N ASP C 523 24.20 14.71 -60.87
CA ASP C 523 25.43 15.53 -61.05
C ASP C 523 25.19 17.00 -60.66
N LYS C 524 24.01 17.56 -60.96
CA LYS C 524 23.72 18.92 -60.48
C LYS C 524 23.76 18.93 -58.95
N VAL C 525 23.31 17.84 -58.35
CA VAL C 525 23.28 17.79 -56.89
C VAL C 525 24.69 17.55 -56.33
N SER C 526 25.49 16.69 -56.92
CA SER C 526 26.83 16.54 -56.37
C SER C 526 27.66 17.82 -56.63
N ALA C 527 27.29 18.59 -57.65
CA ALA C 527 28.08 19.78 -58.02
C ALA C 527 27.66 21.04 -57.22
N LEU C 528 26.61 20.95 -56.38
CA LEU C 528 26.17 22.11 -55.59
C LEU C 528 27.25 22.52 -54.59
N GLN C 529 27.15 23.78 -54.24
CA GLN C 529 28.20 24.51 -53.58
C GLN C 529 27.57 25.28 -52.41
N PRO C 530 27.31 24.58 -51.29
CA PRO C 530 26.64 25.13 -50.13
C PRO C 530 27.63 25.94 -49.29
N LYS C 531 27.15 27.01 -48.66
CA LYS C 531 27.99 27.87 -47.86
C LYS C 531 27.47 27.84 -46.43
N PHE C 532 28.37 28.06 -45.48
CA PHE C 532 28.03 27.83 -44.09
C PHE C 532 28.42 29.05 -43.26
N GLU C 533 27.49 29.52 -42.44
CA GLU C 533 27.74 30.58 -41.48
C GLU C 533 27.22 30.17 -40.10
N VAL C 534 28.06 30.28 -39.09
CA VAL C 534 27.68 30.10 -37.69
C VAL C 534 27.18 31.45 -37.15
N SER C 535 25.99 31.52 -36.55
CA SER C 535 25.50 32.83 -36.02
C SER C 535 26.52 33.42 -35.05
CU CU D . -5.05 -29.29 35.18
CU CU E . -8.49 -28.31 34.94
O O F . -6.95 -28.08 35.84
CU CU G . -5.68 14.06 4.69
CU CU H . -7.90 16.65 3.76
C1 GOL I . -1.24 23.29 32.11
O1 GOL I . -1.56 24.70 32.02
C2 GOL I . 0.09 22.91 32.78
O2 GOL I . 0.16 23.66 34.01
C3 GOL I . 0.27 21.44 33.25
O3 GOL I . 0.74 20.45 32.33
O O J . -6.11 16.30 3.81
CU CU K . -0.22 20.21 -48.01
CU CU L . -0.79 22.46 -50.34
O O M . 0.25 21.41 -50.17
#